data_7PHF
#
_entry.id   7PHF
#
_cell.length_a   60.007
_cell.length_b   102.415
_cell.length_c   122.193
_cell.angle_alpha   90.000
_cell.angle_beta   99.303
_cell.angle_gamma   90.000
#
_symmetry.space_group_name_H-M   'P 1 21 1'
#
loop_
_entity.id
_entity.type
_entity.pdbx_description
1 polymer 'Carminomycin 4-O-methyltransferase DnrK,Methyltransferase domain-containing protein,Aclacinomycin 10-hydroxylase RdmB'
2 non-polymer S-ADENOSYL-L-HOMOCYSTEINE
3 non-polymer 'methyl (1R,2R,4S)-2-ethyl-2,4,5,7-tetrahydroxy-6,11-dioxo-1,2,3,4,6,11-hexahydrotetracene-1-carboxylate'
4 water water
#
_entity_poly.entity_id   1
_entity_poly.type   'polypeptide(L)'
_entity_poly.pdbx_seq_one_letter_code
;MAHHHHHHHRSTAEPTVAARPQQIDALRTLIRLGSLHTPMVVRTAATLRLVDHILAGARTVKALAARTDTRPEALLRLIR
HLVAIGLLEEDAPGEFVPTEVGELLADDHPAAQRAWHDLTQAVARADISFTRLPDAIRTGRPTYESIYGKPFYEDLAGRP
DLRASFDSLMTTREDTAFAAPAAAYDWTNVRHVLDVGGGNGGFAAAIARRAPHVSATVLEMAGTVDTARSYLKDEGLSDR
VDVVEGDFFEPLPRKADAIILSFVLLNWPDHDAVRILTRCAEALEPGGRILIHERADVEGDGADRFFSTLLDLRMLVFLG
GALRTREKWDGLAASAGLVVEEVRGPLVSPNVPLDSCLLVLAPAATGA
;
_entity_poly.pdbx_strand_id   A,B,C,D
#
loop_
_chem_comp.id
_chem_comp.type
_chem_comp.name
_chem_comp.formula
SAH non-polymer S-ADENOSYL-L-HOMOCYSTEINE 'C14 H20 N6 O5 S'
VAK non-polymer 'methyl (1R,2R,4S)-2-ethyl-2,4,5,7-tetrahydroxy-6,11-dioxo-1,2,3,4,6,11-hexahydrotetracene-1-carboxylate' 'C22 H20 O8'
#
# COMPACT_ATOMS: atom_id res chain seq x y z
N ASP A 25 -12.29 -24.94 -25.26
CA ASP A 25 -11.24 -24.31 -24.47
C ASP A 25 -11.53 -24.39 -22.99
N ALA A 26 -12.80 -24.61 -22.62
CA ALA A 26 -13.16 -24.76 -21.21
C ALA A 26 -12.79 -26.14 -20.70
N LEU A 27 -13.12 -27.20 -21.46
CA LEU A 27 -12.73 -28.55 -21.06
C LEU A 27 -11.22 -28.68 -20.96
N ARG A 28 -10.50 -28.06 -21.90
CA ARG A 28 -9.04 -28.08 -21.85
C ARG A 28 -8.51 -27.29 -20.67
N THR A 29 -9.02 -26.06 -20.46
CA THR A 29 -8.53 -25.22 -19.36
C THR A 29 -8.78 -25.86 -17.99
N LEU A 30 -9.88 -26.58 -17.82
CA LEU A 30 -10.14 -27.18 -16.52
C LEU A 30 -9.26 -28.40 -16.28
N ILE A 31 -8.95 -29.16 -17.33
CA ILE A 31 -8.10 -30.34 -17.17
C ILE A 31 -6.66 -29.93 -16.85
N ARG A 32 -6.20 -28.78 -17.37
CA ARG A 32 -4.88 -28.29 -16.99
C ARG A 32 -4.87 -27.82 -15.55
N LEU A 33 -5.91 -27.08 -15.15
CA LEU A 33 -6.00 -26.65 -13.76
C LEU A 33 -6.06 -27.84 -12.81
N GLY A 34 -6.74 -28.91 -13.19
CA GLY A 34 -6.95 -30.04 -12.30
C GLY A 34 -5.83 -31.03 -12.29
N SER A 35 -4.79 -30.76 -13.09
CA SER A 35 -3.75 -31.75 -13.34
C SER A 35 -2.78 -31.83 -12.17
N LEU A 36 -2.64 -33.03 -11.64
CA LEU A 36 -1.67 -33.37 -10.64
C LEU A 36 -0.35 -33.85 -11.24
N HIS A 37 -0.33 -34.28 -12.50
CA HIS A 37 0.92 -34.83 -13.02
C HIS A 37 1.92 -33.73 -13.38
N THR A 38 1.47 -32.59 -13.89
CA THR A 38 2.41 -31.52 -14.21
C THR A 38 3.17 -31.01 -13.00
N PRO A 39 2.53 -30.70 -11.87
CA PRO A 39 3.34 -30.30 -10.70
C PRO A 39 4.32 -31.37 -10.25
N MET A 40 3.92 -32.65 -10.25
CA MET A 40 4.86 -33.67 -9.81
C MET A 40 5.90 -33.99 -10.85
N VAL A 41 5.65 -33.65 -12.11
CA VAL A 41 6.71 -33.73 -13.11
C VAL A 41 7.77 -32.68 -12.84
N VAL A 42 7.36 -31.45 -12.51
CA VAL A 42 8.29 -30.39 -12.12
C VAL A 42 9.04 -30.79 -10.85
N ARG A 43 8.33 -31.35 -9.87
CA ARG A 43 8.96 -31.70 -8.60
C ARG A 43 9.87 -32.92 -8.74
N THR A 44 9.47 -33.90 -9.54
CA THR A 44 10.36 -35.02 -9.83
C THR A 44 11.65 -34.54 -10.51
N ALA A 45 11.52 -33.62 -11.48
CA ALA A 45 12.69 -33.06 -12.14
C ALA A 45 13.62 -32.33 -11.17
N ALA A 46 13.06 -31.54 -10.23
CA ALA A 46 13.90 -30.84 -9.27
C ALA A 46 14.62 -31.79 -8.34
N THR A 47 13.90 -32.79 -7.82
CA THR A 47 14.49 -33.77 -6.91
C THR A 47 15.60 -34.58 -7.59
N LEU A 48 15.48 -34.84 -8.90
CA LEU A 48 16.51 -35.57 -9.64
C LEU A 48 17.66 -34.67 -10.08
N ARG A 49 17.60 -33.37 -9.81
CA ARG A 49 18.62 -32.43 -10.25
C ARG A 49 18.82 -32.55 -11.76
N LEU A 50 17.72 -32.79 -12.48
CA LEU A 50 17.80 -32.98 -13.92
C LEU A 50 18.50 -31.81 -14.62
N VAL A 51 18.11 -30.58 -14.30
CA VAL A 51 18.65 -29.44 -15.04
C VAL A 51 20.13 -29.22 -14.70
N ASP A 52 20.53 -29.51 -13.46
CA ASP A 52 21.93 -29.53 -13.10
C ASP A 52 22.72 -30.49 -13.98
N HIS A 53 22.22 -31.72 -14.13
CA HIS A 53 22.95 -32.75 -14.85
C HIS A 53 23.03 -32.46 -16.34
N ILE A 54 21.99 -31.84 -16.90
CA ILE A 54 22.06 -31.41 -18.29
C ILE A 54 23.14 -30.36 -18.46
N LEU A 55 23.10 -29.32 -17.61
CA LEU A 55 24.06 -28.22 -17.68
C LEU A 55 25.49 -28.68 -17.40
N ALA A 56 25.68 -29.85 -16.81
CA ALA A 56 27.01 -30.42 -16.62
C ALA A 56 27.38 -31.41 -17.72
N GLY A 57 26.62 -31.47 -18.82
CA GLY A 57 27.02 -32.19 -20.01
C GLY A 57 26.05 -33.28 -20.44
N ALA A 58 25.34 -33.88 -19.49
CA ALA A 58 24.46 -35.01 -19.82
C ALA A 58 23.22 -34.53 -20.59
N ARG A 59 23.34 -34.41 -21.90
CA ARG A 59 22.24 -33.84 -22.68
C ARG A 59 21.27 -34.90 -23.23
N THR A 60 21.70 -36.16 -23.31
CA THR A 60 20.89 -37.25 -23.86
C THR A 60 20.28 -38.08 -22.74
N VAL A 61 19.20 -38.80 -23.09
CA VAL A 61 18.47 -39.60 -22.09
C VAL A 61 19.39 -40.62 -21.44
N LYS A 62 20.20 -41.32 -22.25
CA LYS A 62 21.04 -42.38 -21.73
C LYS A 62 22.03 -41.85 -20.70
N ALA A 63 22.61 -40.67 -20.96
CA ALA A 63 23.52 -40.09 -19.99
C ALA A 63 22.77 -39.57 -18.78
N LEU A 64 21.66 -38.86 -19.01
CA LEU A 64 20.86 -38.34 -17.90
C LEU A 64 20.30 -39.44 -17.02
N ALA A 65 19.86 -40.56 -17.61
CA ALA A 65 19.34 -41.66 -16.81
C ALA A 65 20.40 -42.18 -15.83
N ALA A 66 21.65 -42.29 -16.30
CA ALA A 66 22.72 -42.79 -15.44
C ALA A 66 23.10 -41.79 -14.35
N ARG A 67 23.19 -40.50 -14.69
CA ARG A 67 23.43 -39.47 -13.67
C ARG A 67 22.34 -39.46 -12.62
N THR A 68 21.08 -39.51 -13.03
CA THR A 68 20.01 -39.46 -12.05
C THR A 68 19.69 -40.82 -11.42
N ASP A 69 20.25 -41.92 -11.94
CA ASP A 69 19.87 -43.28 -11.52
C ASP A 69 18.38 -43.56 -11.71
N THR A 70 17.91 -43.38 -12.94
CA THR A 70 16.53 -43.67 -13.30
C THR A 70 16.48 -44.63 -14.48
N ARG A 71 15.33 -45.31 -14.65
CA ARG A 71 15.07 -46.12 -15.83
C ARG A 71 15.12 -45.24 -17.08
N PRO A 72 15.94 -45.58 -18.08
CA PRO A 72 15.98 -44.74 -19.29
C PRO A 72 14.66 -44.63 -20.02
N GLU A 73 13.85 -45.70 -20.10
CA GLU A 73 12.53 -45.56 -20.71
C GLU A 73 11.70 -44.54 -19.94
N ALA A 74 11.79 -44.58 -18.61
CA ALA A 74 10.91 -43.78 -17.76
C ALA A 74 11.30 -42.30 -17.80
N LEU A 75 12.60 -42.01 -17.83
CA LEU A 75 13.04 -40.63 -17.91
C LEU A 75 12.47 -39.95 -19.14
N LEU A 76 12.53 -40.63 -20.29
CA LEU A 76 12.06 -40.05 -21.54
C LEU A 76 10.58 -39.70 -21.47
N ARG A 77 9.80 -40.51 -20.76
CA ARG A 77 8.39 -40.18 -20.61
C ARG A 77 8.21 -38.96 -19.72
N LEU A 78 9.04 -38.82 -18.68
CA LEU A 78 9.06 -37.60 -17.90
C LEU A 78 9.53 -36.40 -18.73
N ILE A 79 10.58 -36.58 -19.53
CA ILE A 79 11.12 -35.45 -20.29
C ILE A 79 10.11 -34.94 -21.30
N ARG A 80 9.32 -35.84 -21.88
CA ARG A 80 8.31 -35.45 -22.87
C ARG A 80 7.36 -34.40 -22.30
N HIS A 81 6.89 -34.60 -21.08
CA HIS A 81 6.02 -33.59 -20.48
C HIS A 81 6.78 -32.33 -20.08
N LEU A 82 8.01 -32.49 -19.59
CA LEU A 82 8.89 -31.34 -19.37
C LEU A 82 9.03 -30.49 -20.64
N VAL A 83 9.17 -31.15 -21.79
CA VAL A 83 9.19 -30.42 -23.06
C VAL A 83 7.82 -29.81 -23.35
N ALA A 84 6.74 -30.56 -23.11
CA ALA A 84 5.39 -30.07 -23.38
C ALA A 84 4.98 -28.88 -22.52
N ILE A 85 5.63 -28.65 -21.36
CA ILE A 85 5.35 -27.45 -20.58
C ILE A 85 6.44 -26.39 -20.71
N GLY A 86 7.47 -26.62 -21.50
CA GLY A 86 8.38 -25.54 -21.78
C GLY A 86 9.47 -25.32 -20.75
N LEU A 87 9.74 -26.31 -19.90
CA LEU A 87 10.94 -26.28 -19.06
C LEU A 87 12.14 -26.91 -19.76
N LEU A 88 11.91 -27.86 -20.65
CA LEU A 88 12.96 -28.45 -21.48
C LEU A 88 12.66 -28.20 -22.95
N GLU A 89 13.74 -28.22 -23.74
CA GLU A 89 13.67 -28.08 -25.18
C GLU A 89 14.64 -29.08 -25.79
N GLU A 90 14.40 -29.43 -27.06
CA GLU A 90 15.30 -30.27 -27.84
C GLU A 90 16.07 -29.38 -28.80
N ASP A 91 17.39 -29.27 -28.60
CA ASP A 91 18.27 -28.56 -29.52
C ASP A 91 18.86 -29.26 -30.74
N ALA A 92 19.70 -30.27 -30.51
CA ALA A 92 19.98 -31.36 -31.43
C ALA A 92 19.07 -32.54 -31.13
N PRO A 93 18.85 -33.41 -32.11
CA PRO A 93 17.97 -34.57 -31.88
C PRO A 93 18.51 -35.43 -30.75
N GLY A 94 17.63 -35.77 -29.81
CA GLY A 94 18.00 -36.55 -28.65
C GLY A 94 18.68 -35.77 -27.55
N GLU A 95 19.02 -34.50 -27.78
CA GLU A 95 19.74 -33.69 -26.80
C GLU A 95 18.80 -32.65 -26.22
N PHE A 96 18.69 -32.61 -24.90
CA PHE A 96 17.75 -31.74 -24.24
C PHE A 96 18.50 -30.66 -23.47
N VAL A 97 17.91 -29.47 -23.46
CA VAL A 97 18.49 -28.30 -22.82
C VAL A 97 17.37 -27.56 -22.11
N PRO A 98 17.62 -26.95 -20.96
CA PRO A 98 16.56 -26.22 -20.29
C PRO A 98 16.25 -24.94 -21.03
N THR A 99 14.99 -24.51 -20.94
CA THR A 99 14.56 -23.22 -21.44
C THR A 99 14.89 -22.13 -20.43
N GLU A 100 14.37 -20.92 -20.67
CA GLU A 100 14.54 -19.81 -19.74
C GLU A 100 13.85 -20.10 -18.40
N VAL A 101 12.61 -20.61 -18.44
CA VAL A 101 11.94 -20.96 -17.18
C VAL A 101 12.59 -22.18 -16.55
N GLY A 102 12.95 -23.18 -17.36
CA GLY A 102 13.63 -24.37 -16.86
C GLY A 102 14.99 -24.11 -16.26
N GLU A 103 15.63 -22.99 -16.61
CA GLU A 103 16.92 -22.69 -15.97
C GLU A 103 16.79 -22.40 -14.49
N LEU A 104 15.61 -21.96 -14.03
CA LEU A 104 15.44 -21.71 -12.60
C LEU A 104 15.57 -22.96 -11.75
N LEU A 105 15.60 -24.14 -12.36
CA LEU A 105 15.83 -25.40 -11.63
C LEU A 105 17.30 -25.74 -11.50
N ALA A 106 18.19 -24.92 -12.06
CA ALA A 106 19.62 -25.06 -11.74
C ALA A 106 19.82 -24.81 -10.26
N ASP A 107 20.64 -25.65 -9.62
CA ASP A 107 20.75 -25.61 -8.16
C ASP A 107 21.30 -24.29 -7.66
N ASP A 108 22.16 -23.64 -8.44
CA ASP A 108 22.81 -22.41 -8.05
C ASP A 108 21.97 -21.17 -8.33
N HIS A 109 20.84 -21.31 -9.01
CA HIS A 109 20.02 -20.15 -9.33
C HIS A 109 19.59 -19.45 -8.05
N PRO A 110 19.62 -18.11 -8.01
CA PRO A 110 19.47 -17.41 -6.72
C PRO A 110 18.07 -17.51 -6.12
N ALA A 111 17.07 -17.95 -6.88
CA ALA A 111 15.73 -18.13 -6.32
C ALA A 111 15.50 -19.50 -5.68
N ALA A 112 16.48 -20.40 -5.78
CA ALA A 112 16.47 -21.71 -5.09
C ALA A 112 15.24 -22.53 -5.42
N GLN A 113 14.67 -22.36 -6.61
CA GLN A 113 13.45 -23.06 -6.93
C GLN A 113 13.64 -24.56 -7.02
N ARG A 114 14.85 -25.03 -7.35
CA ARG A 114 15.06 -26.47 -7.35
C ARG A 114 14.77 -27.05 -5.99
N ALA A 115 15.39 -26.49 -4.95
CA ALA A 115 15.23 -26.95 -3.59
C ALA A 115 13.81 -26.73 -3.07
N TRP A 116 13.12 -25.68 -3.54
CA TRP A 116 11.73 -25.48 -3.14
C TRP A 116 10.84 -26.60 -3.66
N HIS A 117 11.24 -27.25 -4.76
CA HIS A 117 10.47 -28.31 -5.36
C HIS A 117 11.08 -29.69 -5.13
N ASP A 118 12.07 -29.78 -4.23
CA ASP A 118 12.78 -31.04 -3.98
C ASP A 118 12.00 -31.80 -2.93
N LEU A 119 11.41 -32.93 -3.34
CA LEU A 119 10.55 -33.68 -2.44
C LEU A 119 11.29 -34.25 -1.24
N THR A 120 12.61 -34.39 -1.31
CA THR A 120 13.40 -34.76 -0.14
C THR A 120 13.60 -33.58 0.82
N GLN A 121 13.35 -32.36 0.37
CA GLN A 121 13.51 -31.20 1.22
C GLN A 121 12.15 -30.82 1.81
N ALA A 122 12.20 -29.97 2.84
CA ALA A 122 11.13 -29.92 3.83
C ALA A 122 9.84 -29.30 3.30
N VAL A 123 9.91 -28.43 2.30
CA VAL A 123 8.69 -27.76 1.88
C VAL A 123 7.90 -28.62 0.89
N ALA A 124 8.57 -29.09 -0.16
CA ALA A 124 7.88 -29.93 -1.14
C ALA A 124 7.41 -31.22 -0.48
N ARG A 125 8.20 -31.74 0.45
CA ARG A 125 7.73 -32.84 1.28
C ARG A 125 6.46 -32.44 2.05
N ALA A 126 6.41 -31.21 2.56
CA ALA A 126 5.21 -30.82 3.31
C ALA A 126 4.00 -30.65 2.38
N ASP A 127 4.24 -30.30 1.11
CA ASP A 127 3.15 -30.11 0.15
C ASP A 127 2.34 -31.38 -0.10
N ILE A 128 2.88 -32.56 0.23
CA ILE A 128 2.06 -33.76 0.11
C ILE A 128 0.77 -33.64 0.95
N SER A 129 0.79 -32.79 1.98
CA SER A 129 -0.40 -32.53 2.80
C SER A 129 -1.58 -32.04 1.98
N PHE A 130 -1.33 -31.47 0.80
CA PHE A 130 -2.41 -31.03 -0.07
C PHE A 130 -3.26 -32.19 -0.60
N THR A 131 -2.73 -33.41 -0.66
CA THR A 131 -3.51 -34.55 -1.11
C THR A 131 -4.60 -34.94 -0.13
N ARG A 132 -4.65 -34.30 1.04
CA ARG A 132 -5.74 -34.50 1.98
C ARG A 132 -6.46 -33.18 2.25
N LEU A 133 -6.43 -32.28 1.28
CA LEU A 133 -7.12 -31.00 1.43
C LEU A 133 -8.56 -31.14 1.88
N PRO A 134 -9.39 -32.06 1.33
CA PRO A 134 -10.77 -32.19 1.86
C PRO A 134 -10.81 -32.31 3.38
N ASP A 135 -9.92 -33.11 3.98
CA ASP A 135 -9.85 -33.19 5.44
C ASP A 135 -9.62 -31.82 6.06
N ALA A 136 -8.75 -31.00 5.46
CA ALA A 136 -8.41 -29.71 6.04
C ALA A 136 -9.56 -28.73 5.91
N ILE A 137 -10.35 -28.83 4.83
CA ILE A 137 -11.49 -27.94 4.70
C ILE A 137 -12.62 -28.41 5.58
N ARG A 138 -12.77 -29.73 5.74
CA ARG A 138 -13.79 -30.24 6.64
C ARG A 138 -13.53 -29.82 8.09
N THR A 139 -12.26 -29.75 8.50
CA THR A 139 -11.93 -29.57 9.91
C THR A 139 -11.23 -28.25 10.24
N GLY A 140 -10.68 -27.54 9.26
CA GLY A 140 -9.83 -26.41 9.58
C GLY A 140 -8.50 -26.77 10.20
N ARG A 141 -8.11 -28.04 10.15
CA ARG A 141 -6.96 -28.56 10.84
C ARG A 141 -5.93 -29.12 9.87
N PRO A 142 -4.64 -29.06 10.23
CA PRO A 142 -3.59 -29.45 9.29
C PRO A 142 -3.56 -30.95 9.05
N THR A 143 -3.20 -31.33 7.83
CA THR A 143 -3.16 -32.73 7.44
C THR A 143 -1.75 -33.32 7.47
N TYR A 144 -0.74 -32.52 7.81
CA TYR A 144 0.65 -32.98 7.82
C TYR A 144 0.86 -34.20 8.72
N GLU A 145 0.38 -34.13 9.97
CA GLU A 145 0.59 -35.19 10.95
C GLU A 145 -0.05 -36.49 10.52
N SER A 146 -1.16 -36.42 9.77
CA SER A 146 -1.84 -37.61 9.31
C SER A 146 -1.06 -38.33 8.23
N ILE A 147 0.00 -37.71 7.71
CA ILE A 147 0.83 -38.30 6.68
C ILE A 147 2.17 -38.74 7.22
N TYR A 148 2.77 -37.94 8.11
CA TYR A 148 4.15 -38.11 8.56
C TYR A 148 4.28 -38.53 10.01
N GLY A 149 3.21 -38.48 10.80
CA GLY A 149 3.21 -39.03 12.14
C GLY A 149 3.38 -38.02 13.25
N LYS A 150 3.86 -36.82 12.94
CA LYS A 150 4.07 -35.79 13.94
C LYS A 150 3.73 -34.46 13.31
N PRO A 151 3.31 -33.48 14.10
CA PRO A 151 3.09 -32.13 13.56
C PRO A 151 4.38 -31.57 12.98
N PHE A 152 4.23 -30.51 12.19
CA PHE A 152 5.28 -29.99 11.31
C PHE A 152 6.62 -29.78 12.02
N TYR A 153 6.69 -28.82 12.95
CA TYR A 153 7.93 -28.48 13.65
C TYR A 153 8.41 -29.61 14.56
N GLU A 154 7.52 -30.49 15.00
CA GLU A 154 7.96 -31.67 15.74
C GLU A 154 8.61 -32.70 14.82
N ASP A 155 8.15 -32.77 13.56
CA ASP A 155 8.79 -33.64 12.58
C ASP A 155 10.22 -33.18 12.31
N LEU A 156 10.39 -31.86 12.09
CA LEU A 156 11.74 -31.33 11.86
C LEU A 156 12.67 -31.52 13.06
N ALA A 157 12.14 -31.44 14.29
CA ALA A 157 12.96 -31.61 15.49
C ALA A 157 13.53 -33.01 15.61
N GLY A 158 13.08 -33.94 14.78
CA GLY A 158 13.57 -35.29 14.82
C GLY A 158 14.13 -35.65 13.46
N ARG A 159 14.37 -34.66 12.61
CA ARG A 159 14.87 -34.88 11.26
C ARG A 159 15.83 -33.76 10.87
N PRO A 160 17.09 -33.84 11.33
CA PRO A 160 18.03 -32.71 11.13
C PRO A 160 18.23 -32.29 9.69
N ASP A 161 18.10 -33.22 8.74
CA ASP A 161 18.18 -32.88 7.32
C ASP A 161 17.00 -32.00 6.91
N LEU A 162 15.82 -32.28 7.44
CA LEU A 162 14.64 -31.48 7.13
C LEU A 162 14.67 -30.16 7.89
N ARG A 163 15.11 -30.16 9.16
CA ARG A 163 15.31 -28.91 9.89
C ARG A 163 16.25 -27.97 9.15
N ALA A 164 17.43 -28.47 8.76
CA ALA A 164 18.40 -27.65 8.03
C ALA A 164 17.86 -27.19 6.68
N SER A 165 17.18 -28.10 5.96
CA SER A 165 16.66 -27.73 4.66
CA SER A 165 16.64 -27.75 4.65
C SER A 165 15.57 -26.67 4.77
N PHE A 166 14.70 -26.77 5.78
CA PHE A 166 13.68 -25.73 5.98
C PHE A 166 14.33 -24.40 6.35
N ASP A 167 15.36 -24.43 7.19
CA ASP A 167 16.01 -23.16 7.55
C ASP A 167 16.71 -22.54 6.34
N SER A 168 17.37 -23.34 5.52
CA SER A 168 18.02 -22.79 4.33
C SER A 168 17.00 -22.23 3.36
N LEU A 169 15.83 -22.89 3.24
CA LEU A 169 14.77 -22.40 2.36
C LEU A 169 14.23 -21.06 2.82
N MET A 170 13.96 -20.90 4.13
CA MET A 170 13.46 -19.61 4.61
C MET A 170 14.47 -18.48 4.44
N THR A 171 15.77 -18.78 4.45
CA THR A 171 16.74 -17.70 4.34
C THR A 171 16.82 -17.15 2.93
N THR A 172 16.90 -18.03 1.93
CA THR A 172 17.04 -17.61 0.54
C THR A 172 15.88 -16.72 0.06
N ARG A 173 14.76 -16.68 0.79
CA ARG A 173 13.61 -15.86 0.40
C ARG A 173 13.88 -14.36 0.42
N GLU A 174 15.01 -13.93 0.99
CA GLU A 174 15.45 -12.54 0.95
C GLU A 174 16.89 -12.42 0.47
N ASP A 175 17.31 -13.34 -0.42
CA ASP A 175 18.72 -13.48 -0.80
C ASP A 175 19.60 -13.56 0.45
N THR A 176 19.07 -14.21 1.49
CA THR A 176 19.63 -14.29 2.85
C THR A 176 19.93 -12.91 3.45
N ALA A 177 19.53 -11.84 2.75
CA ALA A 177 19.92 -10.49 3.10
C ALA A 177 18.86 -9.70 3.86
N PHE A 178 17.57 -9.98 3.65
CA PHE A 178 16.47 -9.30 4.36
C PHE A 178 16.58 -7.78 4.30
N ALA A 179 17.20 -7.26 3.23
CA ALA A 179 17.49 -5.82 3.19
C ALA A 179 16.20 -5.01 3.21
N ALA A 180 15.16 -5.47 2.51
CA ALA A 180 13.95 -4.66 2.41
C ALA A 180 13.22 -4.56 3.75
N PRO A 181 12.99 -5.66 4.49
CA PRO A 181 12.31 -5.49 5.79
C PRO A 181 13.12 -4.69 6.79
N ALA A 182 14.44 -4.81 6.79
CA ALA A 182 15.26 -4.04 7.73
C ALA A 182 15.38 -2.57 7.36
N ALA A 183 15.20 -2.23 6.08
CA ALA A 183 15.18 -0.81 5.73
C ALA A 183 13.86 -0.16 6.13
N ALA A 184 12.77 -0.92 6.15
CA ALA A 184 11.44 -0.36 6.41
C ALA A 184 11.26 0.15 7.84
N TYR A 185 12.28 0.15 8.70
CA TYR A 185 12.14 0.62 10.07
C TYR A 185 13.34 1.48 10.45
N ASP A 186 13.08 2.47 11.30
CA ASP A 186 14.11 3.38 11.79
C ASP A 186 14.69 2.84 13.10
N TRP A 187 15.96 2.49 13.08
CA TRP A 187 16.64 1.87 14.21
C TRP A 187 17.37 2.87 15.10
N THR A 188 17.18 4.17 14.88
CA THR A 188 17.94 5.19 15.60
C THR A 188 17.84 5.02 17.12
N ASN A 189 16.63 4.99 17.65
CA ASN A 189 16.42 4.93 19.09
C ASN A 189 16.26 3.50 19.61
N VAL A 190 16.67 2.50 18.85
CA VAL A 190 16.53 1.10 19.25
C VAL A 190 17.84 0.65 19.87
N ARG A 191 17.78 0.15 21.11
CA ARG A 191 18.98 -0.40 21.73
C ARG A 191 19.15 -1.89 21.41
N HIS A 192 18.14 -2.70 21.71
CA HIS A 192 18.21 -4.14 21.48
C HIS A 192 17.01 -4.63 20.69
N VAL A 193 17.29 -5.59 19.81
CA VAL A 193 16.30 -6.28 19.01
C VAL A 193 16.25 -7.74 19.47
N LEU A 194 15.05 -8.25 19.67
CA LEU A 194 14.84 -9.67 19.92
C LEU A 194 14.07 -10.22 18.72
N ASP A 195 14.73 -11.07 17.94
CA ASP A 195 14.14 -11.68 16.76
C ASP A 195 13.56 -13.00 17.22
N VAL A 196 12.24 -13.04 17.39
CA VAL A 196 11.54 -14.18 17.97
C VAL A 196 11.19 -15.12 16.84
N GLY A 197 11.62 -16.37 16.95
CA GLY A 197 11.51 -17.25 15.80
C GLY A 197 12.29 -16.77 14.59
N GLY A 198 13.45 -16.14 14.84
CA GLY A 198 14.30 -15.48 13.86
C GLY A 198 15.07 -16.38 12.91
N GLY A 199 14.83 -17.68 12.91
CA GLY A 199 15.42 -18.52 11.87
C GLY A 199 16.93 -18.61 11.99
N ASN A 200 17.60 -18.55 10.85
CA ASN A 200 19.04 -18.63 10.79
C ASN A 200 19.70 -17.28 11.09
N GLY A 201 18.93 -16.26 11.48
CA GLY A 201 19.48 -14.97 11.85
C GLY A 201 19.57 -13.94 10.75
N GLY A 202 18.96 -14.19 9.58
CA GLY A 202 19.08 -13.25 8.47
C GLY A 202 18.52 -11.88 8.79
N PHE A 203 17.33 -11.83 9.42
CA PHE A 203 16.74 -10.52 9.73
C PHE A 203 17.58 -9.79 10.79
N ALA A 204 18.01 -10.50 11.83
CA ALA A 204 18.88 -9.89 12.82
C ALA A 204 20.14 -9.34 12.17
N ALA A 205 20.77 -10.14 11.31
CA ALA A 205 22.01 -9.73 10.65
C ALA A 205 21.82 -8.49 9.78
N ALA A 206 20.70 -8.44 9.06
CA ALA A 206 20.40 -7.29 8.20
C ALA A 206 20.25 -6.01 9.01
N ILE A 207 19.57 -6.09 10.17
CA ILE A 207 19.45 -4.91 11.04
C ILE A 207 20.81 -4.44 11.52
N ALA A 208 21.69 -5.38 11.88
CA ALA A 208 23.01 -5.02 12.39
C ALA A 208 23.90 -4.40 11.33
N ARG A 209 23.75 -4.81 10.06
CA ARG A 209 24.53 -4.18 9.02
C ARG A 209 24.05 -2.76 8.77
N ARG A 210 22.77 -2.50 9.00
CA ARG A 210 22.16 -1.22 8.73
C ARG A 210 22.30 -0.26 9.90
N ALA A 211 22.34 -0.78 11.12
CA ALA A 211 22.34 0.01 12.35
C ALA A 211 23.50 -0.52 13.19
N PRO A 212 24.69 0.04 13.03
CA PRO A 212 25.86 -0.52 13.72
C PRO A 212 25.82 -0.39 15.23
N HIS A 213 24.87 0.33 15.79
CA HIS A 213 24.81 0.53 17.22
C HIS A 213 23.94 -0.50 17.95
N VAL A 214 23.07 -1.21 17.24
CA VAL A 214 22.14 -2.14 17.86
C VAL A 214 22.78 -3.51 18.02
N SER A 215 22.46 -4.17 19.13
CA SER A 215 22.73 -5.58 19.31
C SER A 215 21.42 -6.36 19.29
N ALA A 216 21.52 -7.68 19.16
CA ALA A 216 20.31 -8.43 18.87
C ALA A 216 20.40 -9.83 19.44
N THR A 217 19.24 -10.40 19.72
CA THR A 217 19.12 -11.79 20.15
C THR A 217 18.17 -12.52 19.23
N VAL A 218 18.57 -13.71 18.77
CA VAL A 218 17.70 -14.58 17.98
C VAL A 218 17.19 -15.68 18.91
N LEU A 219 15.86 -15.79 19.04
CA LEU A 219 15.24 -16.88 19.77
C LEU A 219 14.75 -17.92 18.77
N GLU A 220 15.28 -19.15 18.85
CA GLU A 220 14.91 -20.18 17.88
C GLU A 220 14.90 -21.55 18.55
N MET A 221 14.62 -22.58 17.75
CA MET A 221 14.53 -23.94 18.27
C MET A 221 15.85 -24.68 18.19
N ALA A 222 15.87 -25.84 18.84
CA ALA A 222 16.96 -26.79 18.67
C ALA A 222 17.22 -27.00 17.18
N GLY A 223 18.48 -27.24 16.84
CA GLY A 223 18.87 -27.36 15.45
C GLY A 223 19.11 -26.03 14.75
N THR A 224 18.07 -25.18 14.70
CA THR A 224 18.19 -23.89 14.03
C THR A 224 19.15 -22.94 14.74
N VAL A 225 19.27 -23.03 16.07
CA VAL A 225 20.20 -22.15 16.77
C VAL A 225 21.62 -22.36 16.27
N ASP A 226 21.99 -23.62 15.97
CA ASP A 226 23.35 -23.90 15.54
C ASP A 226 23.64 -23.27 14.18
N THR A 227 22.72 -23.44 13.21
CA THR A 227 22.94 -22.86 11.89
C THR A 227 22.82 -21.34 11.92
N ALA A 228 22.06 -20.80 12.89
CA ALA A 228 21.98 -19.35 13.06
C ALA A 228 23.30 -18.77 13.57
N ARG A 229 23.91 -19.42 14.57
CA ARG A 229 25.20 -18.96 15.09
C ARG A 229 26.29 -19.04 14.03
N SER A 230 26.37 -20.18 13.31
CA SER A 230 27.33 -20.31 12.21
C SER A 230 27.17 -19.19 11.21
N TYR A 231 25.93 -18.97 10.75
CA TYR A 231 25.69 -17.89 9.80
C TYR A 231 26.10 -16.56 10.39
N LEU A 232 25.70 -16.29 11.64
CA LEU A 232 26.00 -14.99 12.23
C LEU A 232 27.49 -14.84 12.47
N LYS A 233 28.15 -15.91 12.92
CA LYS A 233 29.59 -15.89 13.06
C LYS A 233 30.27 -15.63 11.72
N ASP A 234 29.80 -16.30 10.66
CA ASP A 234 30.39 -16.14 9.33
C ASP A 234 30.06 -14.80 8.69
N GLU A 235 29.21 -13.99 9.33
CA GLU A 235 29.01 -12.61 8.92
C GLU A 235 29.94 -11.63 9.64
N GLY A 236 30.82 -12.14 10.50
CA GLY A 236 31.50 -11.27 11.45
C GLY A 236 30.55 -10.54 12.38
N LEU A 237 29.34 -11.09 12.59
CA LEU A 237 28.34 -10.46 13.42
C LEU A 237 28.19 -11.15 14.76
N SER A 238 29.15 -11.99 15.13
CA SER A 238 29.04 -12.76 16.36
C SER A 238 29.11 -11.87 17.59
N ASP A 239 29.86 -10.77 17.51
CA ASP A 239 30.01 -9.86 18.63
C ASP A 239 28.74 -9.05 18.91
N ARG A 240 27.78 -9.06 17.98
CA ARG A 240 26.63 -8.18 18.07
C ARG A 240 25.28 -8.89 18.03
N VAL A 241 25.19 -10.10 17.51
CA VAL A 241 23.95 -10.86 17.54
C VAL A 241 24.24 -12.20 18.18
N ASP A 242 23.49 -12.53 19.25
CA ASP A 242 23.63 -13.81 19.90
C ASP A 242 22.33 -14.59 19.75
N VAL A 243 22.41 -15.89 20.00
CA VAL A 243 21.34 -16.82 19.68
C VAL A 243 20.96 -17.57 20.95
N VAL A 244 19.67 -17.50 21.32
CA VAL A 244 19.15 -18.23 22.47
C VAL A 244 18.25 -19.35 21.98
N GLU A 245 18.41 -20.53 22.55
CA GLU A 245 17.55 -21.67 22.27
C GLU A 245 16.43 -21.69 23.31
N GLY A 246 15.19 -21.60 22.85
CA GLY A 246 14.07 -21.62 23.75
CA GLY A 246 14.07 -21.62 23.75
C GLY A 246 12.77 -21.78 23.00
N ASP A 247 11.68 -21.58 23.71
CA ASP A 247 10.33 -21.80 23.22
C ASP A 247 9.56 -20.50 23.38
N PHE A 248 9.09 -19.92 22.28
CA PHE A 248 8.53 -18.58 22.40
C PHE A 248 7.12 -18.57 22.97
N PHE A 249 6.54 -19.74 23.28
CA PHE A 249 5.33 -19.80 24.07
C PHE A 249 5.61 -19.57 25.55
N GLU A 250 6.87 -19.72 25.95
CA GLU A 250 7.33 -19.46 27.30
C GLU A 250 7.88 -18.05 27.41
N PRO A 251 8.12 -17.56 28.64
CA PRO A 251 8.66 -16.20 28.80
C PRO A 251 9.88 -16.00 27.93
N LEU A 252 9.92 -14.88 27.22
CA LEU A 252 11.04 -14.61 26.31
C LEU A 252 12.33 -14.36 27.11
N PRO A 253 13.50 -14.73 26.54
CA PRO A 253 14.73 -14.72 27.35
C PRO A 253 15.18 -13.34 27.83
N ARG A 254 14.73 -12.25 27.23
CA ARG A 254 15.11 -10.92 27.69
C ARG A 254 14.09 -9.91 27.18
N LYS A 255 14.30 -8.65 27.53
CA LYS A 255 13.47 -7.55 27.06
C LYS A 255 14.19 -6.79 25.97
N ALA A 256 13.44 -5.98 25.21
CA ALA A 256 13.99 -5.34 24.02
C ALA A 256 13.11 -4.19 23.60
N ASP A 257 13.68 -3.29 22.80
CA ASP A 257 12.95 -2.16 22.23
C ASP A 257 12.26 -2.49 20.92
N ALA A 258 12.63 -3.61 20.30
CA ALA A 258 12.04 -4.02 19.03
C ALA A 258 12.01 -5.54 19.06
N ILE A 259 10.82 -6.12 19.07
CA ILE A 259 10.66 -7.57 19.04
C ILE A 259 10.10 -7.93 17.68
N ILE A 260 10.81 -8.79 16.97
CA ILE A 260 10.50 -9.16 15.59
C ILE A 260 9.72 -10.46 15.57
N LEU A 261 8.62 -10.48 14.81
CA LEU A 261 7.87 -11.69 14.45
C LEU A 261 7.80 -11.71 12.92
N SER A 262 8.65 -12.53 12.29
CA SER A 262 8.80 -12.53 10.84
C SER A 262 8.40 -13.90 10.30
N PHE A 263 7.28 -13.95 9.59
CA PHE A 263 6.68 -15.21 9.16
C PHE A 263 6.67 -16.24 10.29
N VAL A 264 6.25 -15.77 11.47
CA VAL A 264 5.99 -16.61 12.63
C VAL A 264 4.49 -16.80 12.86
N LEU A 265 3.74 -15.70 12.90
CA LEU A 265 2.35 -15.76 13.36
C LEU A 265 1.44 -16.46 12.34
N LEU A 266 1.77 -16.42 11.05
CA LEU A 266 0.96 -17.16 10.11
C LEU A 266 1.10 -18.67 10.27
N ASN A 267 2.08 -19.15 11.04
CA ASN A 267 2.17 -20.56 11.36
C ASN A 267 1.13 -21.00 12.39
N TRP A 268 0.37 -20.07 12.96
CA TRP A 268 -0.33 -20.41 14.17
C TRP A 268 -1.80 -20.01 14.11
N PRO A 269 -2.68 -20.85 14.65
CA PRO A 269 -4.08 -20.46 14.77
C PRO A 269 -4.24 -19.30 15.75
N ASP A 270 -5.39 -18.64 15.67
CA ASP A 270 -5.62 -17.39 16.39
C ASP A 270 -5.19 -17.47 17.85
N HIS A 271 -5.54 -18.54 18.55
CA HIS A 271 -5.25 -18.61 19.98
C HIS A 271 -3.75 -18.71 20.25
N ASP A 272 -3.01 -19.47 19.43
CA ASP A 272 -1.55 -19.55 19.61
C ASP A 272 -0.88 -18.24 19.21
N ALA A 273 -1.42 -17.59 18.18
CA ALA A 273 -0.90 -16.29 17.74
C ALA A 273 -0.99 -15.26 18.85
N VAL A 274 -2.14 -15.21 19.55
CA VAL A 274 -2.32 -14.28 20.67
C VAL A 274 -1.36 -14.64 21.80
N ARG A 275 -1.21 -15.93 22.11
CA ARG A 275 -0.22 -16.34 23.11
C ARG A 275 1.16 -15.79 22.76
N ILE A 276 1.57 -15.91 21.51
CA ILE A 276 2.91 -15.46 21.12
C ILE A 276 3.01 -13.94 21.22
N LEU A 277 2.00 -13.23 20.72
CA LEU A 277 1.97 -11.78 20.81
C LEU A 277 2.01 -11.31 22.26
N THR A 278 1.38 -12.07 23.16
CA THR A 278 1.37 -11.67 24.56
C THR A 278 2.75 -11.83 25.18
N ARG A 279 3.41 -12.96 24.94
CA ARG A 279 4.78 -13.13 25.45
C ARG A 279 5.68 -11.99 24.98
N CYS A 280 5.46 -11.51 23.74
CA CYS A 280 6.26 -10.41 23.22
C CYS A 280 5.90 -9.07 23.88
N ALA A 281 4.61 -8.80 24.06
CA ALA A 281 4.18 -7.64 24.83
C ALA A 281 4.84 -7.62 26.22
N GLU A 282 4.87 -8.77 26.91
CA GLU A 282 5.52 -8.82 28.23
C GLU A 282 7.00 -8.46 28.17
N ALA A 283 7.64 -8.67 27.02
CA ALA A 283 9.07 -8.49 26.91
C ALA A 283 9.45 -7.12 26.35
N LEU A 284 8.49 -6.24 26.11
CA LEU A 284 8.80 -4.94 25.53
C LEU A 284 9.33 -3.98 26.58
N GLU A 285 10.37 -3.23 26.20
CA GLU A 285 10.81 -2.12 27.04
C GLU A 285 9.82 -0.96 26.92
N PRO A 286 9.83 -0.03 27.87
CA PRO A 286 9.02 1.19 27.73
C PRO A 286 9.36 1.94 26.45
N GLY A 287 8.33 2.28 25.69
CA GLY A 287 8.50 2.93 24.41
C GLY A 287 8.76 2.02 23.24
N GLY A 288 8.90 0.70 23.47
CA GLY A 288 9.32 -0.23 22.44
C GLY A 288 8.18 -0.77 21.59
N ARG A 289 8.55 -1.51 20.54
CA ARG A 289 7.58 -1.89 19.53
C ARG A 289 7.72 -3.36 19.14
N ILE A 290 6.60 -3.98 18.81
CA ILE A 290 6.59 -5.31 18.21
C ILE A 290 6.42 -5.14 16.71
N LEU A 291 7.29 -5.80 15.94
CA LEU A 291 7.28 -5.69 14.48
C LEU A 291 6.88 -7.01 13.87
N ILE A 292 5.81 -7.00 13.08
CA ILE A 292 5.29 -8.18 12.40
C ILE A 292 5.63 -8.06 10.93
N HIS A 293 6.39 -9.00 10.42
CA HIS A 293 6.80 -9.02 9.03
C HIS A 293 6.04 -10.17 8.36
N GLU A 294 5.00 -9.84 7.60
CA GLU A 294 4.16 -10.91 7.02
C GLU A 294 3.38 -10.37 5.83
N ARG A 295 2.75 -11.26 5.07
CA ARG A 295 1.88 -10.82 3.95
C ARG A 295 0.48 -10.62 4.51
N ASP A 304 -1.41 -12.09 -8.30
CA ASP A 304 -0.69 -12.61 -7.14
C ASP A 304 -1.64 -13.21 -6.11
N ARG A 305 -2.95 -13.02 -6.30
CA ARG A 305 -3.89 -13.73 -5.43
C ARG A 305 -3.67 -15.24 -5.54
N PHE A 306 -3.30 -15.72 -6.73
CA PHE A 306 -2.83 -17.09 -6.91
C PHE A 306 -1.73 -17.43 -5.91
N PHE A 307 -0.79 -16.51 -5.71
CA PHE A 307 0.31 -16.77 -4.78
C PHE A 307 -0.05 -16.44 -3.35
N SER A 308 -0.95 -15.49 -3.14
CA SER A 308 -1.44 -15.24 -1.79
C SER A 308 -2.17 -16.47 -1.24
N THR A 309 -3.03 -17.08 -2.07
CA THR A 309 -3.78 -18.25 -1.60
C THR A 309 -2.91 -19.49 -1.51
N LEU A 310 -1.80 -19.54 -2.25
CA LEU A 310 -0.87 -20.66 -2.07
C LEU A 310 -0.29 -20.68 -0.66
N LEU A 311 0.24 -19.53 -0.21
CA LEU A 311 0.80 -19.46 1.14
C LEU A 311 -0.28 -19.66 2.19
N ASP A 312 -1.48 -19.13 1.97
CA ASP A 312 -2.53 -19.27 2.96
C ASP A 312 -3.01 -20.71 3.10
N LEU A 313 -3.15 -21.42 1.98
CA LEU A 313 -3.58 -22.83 2.05
C LEU A 313 -2.45 -23.75 2.50
N ARG A 314 -1.20 -23.37 2.22
CA ARG A 314 -0.05 -24.05 2.82
C ARG A 314 -0.12 -23.99 4.34
N MET A 315 -0.43 -22.82 4.88
CA MET A 315 -0.47 -22.68 6.33
C MET A 315 -1.57 -23.55 6.92
N LEU A 316 -2.69 -23.67 6.21
CA LEU A 316 -3.75 -24.57 6.63
C LEU A 316 -3.26 -26.01 6.71
N VAL A 317 -2.75 -26.55 5.59
CA VAL A 317 -2.50 -27.98 5.61
C VAL A 317 -1.22 -28.34 6.34
N PHE A 318 -0.30 -27.38 6.51
CA PHE A 318 0.96 -27.64 7.21
C PHE A 318 0.77 -27.55 8.71
N LEU A 319 0.08 -26.52 9.16
CA LEU A 319 0.21 -26.05 10.54
C LEU A 319 -1.09 -25.57 11.17
N GLY A 320 -2.15 -25.32 10.40
CA GLY A 320 -3.35 -24.73 10.95
C GLY A 320 -3.29 -23.22 11.12
N GLY A 321 -2.35 -22.57 10.43
CA GLY A 321 -2.24 -21.13 10.43
C GLY A 321 -3.03 -20.50 9.31
N ALA A 322 -2.73 -19.22 9.05
CA ALA A 322 -3.46 -18.49 8.03
C ALA A 322 -2.80 -17.15 7.79
N LEU A 323 -3.09 -16.58 6.62
CA LEU A 323 -2.91 -15.15 6.41
C LEU A 323 -4.06 -14.40 7.07
N ARG A 324 -3.80 -13.17 7.46
CA ARG A 324 -4.81 -12.39 8.17
C ARG A 324 -4.99 -11.03 7.50
N THR A 325 -6.24 -10.59 7.39
CA THR A 325 -6.52 -9.26 6.89
C THR A 325 -6.22 -8.23 7.96
N ARG A 326 -6.05 -6.98 7.51
CA ARG A 326 -5.78 -5.90 8.45
C ARG A 326 -6.78 -5.87 9.59
N GLU A 327 -8.07 -6.08 9.28
CA GLU A 327 -9.08 -6.08 10.33
C GLU A 327 -8.86 -7.20 11.33
N LYS A 328 -8.56 -8.41 10.86
CA LYS A 328 -8.25 -9.48 11.79
C LYS A 328 -7.03 -9.13 12.65
N TRP A 329 -6.11 -8.34 12.10
CA TRP A 329 -4.90 -7.99 12.84
C TRP A 329 -5.21 -7.10 14.03
N ASP A 330 -6.00 -6.04 13.82
CA ASP A 330 -6.48 -5.25 14.95
C ASP A 330 -7.08 -6.14 16.02
N GLY A 331 -7.89 -7.13 15.61
CA GLY A 331 -8.50 -8.02 16.57
C GLY A 331 -7.48 -8.83 17.36
N LEU A 332 -6.47 -9.35 16.68
CA LEU A 332 -5.44 -10.11 17.38
C LEU A 332 -4.57 -9.20 18.23
N ALA A 333 -4.24 -8.02 17.72
CA ALA A 333 -3.51 -7.04 18.51
C ALA A 333 -4.23 -6.77 19.84
N ALA A 334 -5.52 -6.43 19.77
CA ALA A 334 -6.26 -6.06 20.97
C ALA A 334 -6.33 -7.21 21.99
N SER A 335 -6.40 -8.46 21.51
CA SER A 335 -6.44 -9.59 22.44
C SER A 335 -5.13 -9.76 23.20
N ALA A 336 -4.02 -9.27 22.64
CA ALA A 336 -2.72 -9.27 23.29
C ALA A 336 -2.44 -7.97 24.02
N GLY A 337 -3.38 -7.04 24.03
CA GLY A 337 -3.16 -5.77 24.68
C GLY A 337 -2.30 -4.82 23.88
N LEU A 338 -2.45 -4.82 22.56
CA LEU A 338 -1.62 -4.07 21.65
C LEU A 338 -2.51 -3.38 20.64
N VAL A 339 -1.94 -2.40 19.95
CA VAL A 339 -2.62 -1.70 18.87
C VAL A 339 -1.73 -1.76 17.63
N VAL A 340 -2.35 -1.85 16.46
CA VAL A 340 -1.57 -1.73 15.22
C VAL A 340 -1.34 -0.25 14.99
N GLU A 341 -0.11 0.21 15.21
CA GLU A 341 0.21 1.62 15.02
C GLU A 341 0.25 1.98 13.53
N GLU A 342 0.99 1.22 12.73
CA GLU A 342 0.99 1.46 11.30
C GLU A 342 1.34 0.17 10.56
N VAL A 343 1.13 0.19 9.24
CA VAL A 343 1.48 -0.91 8.35
C VAL A 343 2.35 -0.32 7.25
N ARG A 344 3.64 -0.62 7.25
CA ARG A 344 4.58 -0.04 6.32
C ARG A 344 4.59 -0.83 5.02
N GLY A 345 4.54 -0.10 3.90
CA GLY A 345 3.99 -0.58 2.63
C GLY A 345 4.79 -1.67 1.97
N PRO A 346 4.29 -2.15 0.82
CA PRO A 346 4.90 -3.32 0.16
C PRO A 346 6.42 -3.34 0.20
N LEU A 347 6.98 -4.41 0.76
CA LEU A 347 8.41 -4.68 0.70
C LEU A 347 8.66 -5.67 -0.43
N VAL A 348 9.36 -5.23 -1.46
CA VAL A 348 9.69 -6.11 -2.59
C VAL A 348 11.00 -6.81 -2.25
N SER A 349 10.96 -8.14 -2.25
CA SER A 349 12.16 -8.92 -2.09
C SER A 349 12.41 -9.74 -3.35
N PRO A 350 13.67 -10.00 -3.70
CA PRO A 350 13.95 -10.91 -4.80
C PRO A 350 13.45 -12.32 -4.46
N ASN A 351 13.34 -13.14 -5.50
CA ASN A 351 13.18 -14.59 -5.35
C ASN A 351 11.82 -15.01 -4.78
N VAL A 352 11.05 -14.07 -4.26
CA VAL A 352 9.71 -14.33 -3.76
C VAL A 352 8.77 -13.69 -4.77
N PRO A 353 7.80 -14.42 -5.31
CA PRO A 353 6.80 -13.82 -6.21
C PRO A 353 5.74 -12.99 -5.50
N LEU A 354 5.95 -12.64 -4.23
CA LEU A 354 4.93 -12.06 -3.39
C LEU A 354 5.53 -11.04 -2.44
N ASP A 355 4.93 -9.86 -2.37
CA ASP A 355 5.36 -8.79 -1.49
C ASP A 355 4.93 -9.08 -0.05
N SER A 356 5.43 -8.26 0.88
CA SER A 356 5.12 -8.42 2.30
C SER A 356 4.90 -7.04 2.92
N CYS A 357 4.48 -7.04 4.18
CA CYS A 357 4.26 -5.82 4.94
C CYS A 357 5.01 -5.90 6.26
N LEU A 358 5.18 -4.76 6.88
CA LEU A 358 5.67 -4.69 8.25
C LEU A 358 4.61 -4.00 9.10
N LEU A 359 4.14 -4.68 10.12
CA LEU A 359 3.13 -4.12 11.01
C LEU A 359 3.80 -3.70 12.31
N VAL A 360 3.67 -2.42 12.65
CA VAL A 360 4.21 -1.88 13.89
C VAL A 360 3.12 -1.92 14.94
N LEU A 361 3.40 -2.57 16.07
CA LEU A 361 2.41 -2.77 17.12
C LEU A 361 2.83 -2.03 18.37
N ALA A 362 1.93 -1.22 18.89
CA ALA A 362 2.12 -0.43 20.08
C ALA A 362 1.34 -1.02 21.22
N PRO A 363 1.88 -1.02 22.44
CA PRO A 363 1.09 -1.41 23.61
C PRO A 363 -0.05 -0.42 23.85
N ALA A 364 -1.26 -0.94 23.95
CA ALA A 364 -2.47 -0.11 24.12
C ALA A 364 -2.36 0.93 25.25
N ALA A 365 -2.66 2.19 24.92
N THR B 16 19.80 -1.83 -3.15
CA THR B 16 19.93 -3.05 -2.37
C THR B 16 19.27 -4.21 -3.10
N VAL B 17 17.97 -4.39 -2.85
CA VAL B 17 17.19 -5.35 -3.62
C VAL B 17 17.21 -4.95 -5.09
N ALA B 18 17.31 -5.95 -5.97
CA ALA B 18 17.14 -5.75 -7.41
C ALA B 18 15.98 -6.63 -7.84
N ALA B 19 14.95 -6.02 -8.43
CA ALA B 19 13.77 -6.73 -8.90
C ALA B 19 13.76 -6.69 -10.43
N ARG B 20 13.95 -7.85 -11.07
CA ARG B 20 14.05 -7.95 -12.51
C ARG B 20 12.80 -8.60 -13.07
N PRO B 21 11.94 -7.86 -13.80
CA PRO B 21 10.63 -8.44 -14.18
C PRO B 21 10.70 -9.70 -15.03
N GLN B 22 11.67 -9.82 -15.94
CA GLN B 22 11.76 -11.03 -16.77
C GLN B 22 11.97 -12.26 -15.90
N GLN B 23 12.74 -12.11 -14.81
CA GLN B 23 12.98 -13.24 -13.92
C GLN B 23 11.81 -13.48 -12.97
N ILE B 24 11.11 -12.42 -12.59
CA ILE B 24 9.89 -12.60 -11.80
C ILE B 24 8.83 -13.31 -12.63
N ASP B 25 8.58 -12.81 -13.85
CA ASP B 25 7.64 -13.51 -14.73
C ASP B 25 8.04 -14.97 -14.91
N ALA B 26 9.34 -15.25 -15.05
CA ALA B 26 9.78 -16.63 -15.18
C ALA B 26 9.57 -17.40 -13.88
N LEU B 27 9.85 -16.77 -12.74
CA LEU B 27 9.62 -17.40 -11.44
C LEU B 27 8.13 -17.70 -11.21
N ARG B 28 7.25 -16.77 -11.59
CA ARG B 28 5.81 -17.01 -11.44
C ARG B 28 5.36 -18.20 -12.30
N THR B 29 5.88 -18.27 -13.53
CA THR B 29 5.53 -19.38 -14.43
C THR B 29 5.92 -20.72 -13.85
N LEU B 30 7.15 -20.84 -13.33
CA LEU B 30 7.60 -22.11 -12.78
C LEU B 30 6.83 -22.49 -11.53
N ILE B 31 6.48 -21.50 -10.71
CA ILE B 31 5.76 -21.80 -9.47
C ILE B 31 4.32 -22.23 -9.76
N ARG B 32 3.69 -21.60 -10.76
CA ARG B 32 2.36 -22.03 -11.20
C ARG B 32 2.42 -23.48 -11.66
N LEU B 33 3.37 -23.78 -12.53
CA LEU B 33 3.56 -25.14 -13.06
C LEU B 33 3.80 -26.14 -11.94
N GLY B 34 4.53 -25.73 -10.90
CA GLY B 34 4.92 -26.66 -9.87
C GLY B 34 3.95 -26.81 -8.72
N SER B 35 2.89 -26.03 -8.67
CA SER B 35 2.09 -25.95 -7.45
C SER B 35 1.13 -27.12 -7.35
N LEU B 36 1.09 -27.73 -6.18
CA LEU B 36 0.11 -28.76 -5.89
C LEU B 36 -1.22 -28.20 -5.42
N HIS B 37 -1.29 -26.92 -5.04
CA HIS B 37 -2.53 -26.45 -4.45
C HIS B 37 -3.63 -26.25 -5.49
N THR B 38 -3.29 -25.69 -6.65
CA THR B 38 -4.31 -25.49 -7.68
C THR B 38 -5.00 -26.79 -8.07
N PRO B 39 -4.28 -27.88 -8.43
CA PRO B 39 -5.01 -29.12 -8.73
C PRO B 39 -5.78 -29.67 -7.55
N MET B 40 -5.21 -29.62 -6.34
CA MET B 40 -5.94 -30.16 -5.21
C MET B 40 -7.14 -29.28 -4.82
N VAL B 41 -7.10 -27.99 -5.14
CA VAL B 41 -8.27 -27.16 -4.89
C VAL B 41 -9.40 -27.51 -5.86
N VAL B 42 -9.05 -27.78 -7.11
CA VAL B 42 -10.06 -28.19 -8.08
C VAL B 42 -10.63 -29.55 -7.72
N ARG B 43 -9.77 -30.48 -7.29
CA ARG B 43 -10.22 -31.80 -6.91
C ARG B 43 -11.05 -31.76 -5.63
N THR B 44 -10.65 -30.93 -4.66
CA THR B 44 -11.47 -30.76 -3.45
C THR B 44 -12.84 -30.19 -3.81
N ALA B 45 -12.86 -29.13 -4.62
CA ALA B 45 -14.14 -28.56 -5.09
C ALA B 45 -15.01 -29.62 -5.76
N ALA B 46 -14.44 -30.40 -6.69
CA ALA B 46 -15.21 -31.48 -7.34
C ALA B 46 -15.68 -32.52 -6.33
N THR B 47 -14.81 -32.91 -5.40
CA THR B 47 -15.20 -33.92 -4.43
C THR B 47 -16.32 -33.43 -3.52
N LEU B 48 -16.34 -32.13 -3.16
CA LEU B 48 -17.39 -31.63 -2.27
C LEU B 48 -18.69 -31.28 -3.01
N ARG B 49 -18.68 -31.35 -4.34
CA ARG B 49 -19.85 -31.00 -5.17
C ARG B 49 -20.24 -29.54 -4.96
N LEU B 50 -19.22 -28.70 -4.82
CA LEU B 50 -19.42 -27.28 -4.57
C LEU B 50 -20.28 -26.64 -5.65
N VAL B 51 -19.93 -26.87 -6.91
CA VAL B 51 -20.62 -26.20 -8.02
C VAL B 51 -22.09 -26.64 -8.08
N ASP B 52 -22.35 -27.94 -7.86
CA ASP B 52 -23.73 -28.40 -7.75
C ASP B 52 -24.48 -27.64 -6.66
N HIS B 53 -23.90 -27.58 -5.46
CA HIS B 53 -24.57 -26.91 -4.33
C HIS B 53 -24.81 -25.44 -4.63
N ILE B 54 -23.87 -24.78 -5.29
CA ILE B 54 -24.09 -23.39 -5.66
C ILE B 54 -25.26 -23.28 -6.62
N LEU B 55 -25.26 -24.12 -7.66
CA LEU B 55 -26.34 -24.14 -8.64
C LEU B 55 -27.68 -24.49 -7.99
N ALA B 56 -27.64 -25.23 -6.88
CA ALA B 56 -28.88 -25.54 -6.14
C ALA B 56 -29.30 -24.39 -5.24
N GLY B 57 -28.69 -23.21 -5.40
CA GLY B 57 -29.13 -22.03 -4.65
C GLY B 57 -28.31 -21.68 -3.40
N ALA B 58 -27.28 -22.46 -3.08
CA ALA B 58 -26.42 -22.10 -1.94
C ALA B 58 -25.29 -21.19 -2.41
N ARG B 59 -25.49 -19.87 -2.34
CA ARG B 59 -24.46 -18.93 -2.84
C ARG B 59 -23.65 -18.36 -1.66
N THR B 60 -24.27 -18.20 -0.48
CA THR B 60 -23.50 -17.77 0.68
C THR B 60 -22.57 -18.87 1.17
N VAL B 61 -21.44 -18.45 1.73
CA VAL B 61 -20.49 -19.38 2.33
C VAL B 61 -21.15 -20.21 3.43
N LYS B 62 -22.01 -19.59 4.24
CA LYS B 62 -22.60 -20.30 5.37
C LYS B 62 -23.42 -21.50 4.89
N ALA B 63 -24.27 -21.29 3.89
CA ALA B 63 -25.06 -22.39 3.36
C ALA B 63 -24.16 -23.46 2.74
N LEU B 64 -23.21 -23.03 1.90
N LEU B 64 -23.21 -23.03 1.90
CA LEU B 64 -22.33 -23.97 1.22
CA LEU B 64 -22.33 -23.97 1.21
C LEU B 64 -21.57 -24.84 2.21
C LEU B 64 -21.56 -24.83 2.20
N ALA B 65 -21.12 -24.24 3.32
CA ALA B 65 -20.41 -25.02 4.32
C ALA B 65 -21.32 -26.06 4.96
N ALA B 66 -22.58 -25.69 5.19
CA ALA B 66 -23.54 -26.63 5.74
C ALA B 66 -23.74 -27.82 4.80
N ARG B 67 -23.96 -27.54 3.51
CA ARG B 67 -24.23 -28.61 2.54
C ARG B 67 -23.05 -29.54 2.38
N THR B 68 -21.85 -28.97 2.32
CA THR B 68 -20.60 -29.71 2.16
C THR B 68 -20.04 -30.26 3.46
N ASP B 69 -20.58 -29.84 4.60
CA ASP B 69 -20.06 -30.27 5.91
C ASP B 69 -18.58 -29.89 6.07
N THR B 70 -18.25 -28.66 5.70
CA THR B 70 -16.93 -28.10 5.94
C THR B 70 -17.07 -26.89 6.87
N ARG B 71 -15.96 -26.56 7.53
CA ARG B 71 -15.89 -25.34 8.29
C ARG B 71 -15.99 -24.14 7.36
N PRO B 72 -16.79 -23.12 7.72
CA PRO B 72 -16.95 -21.96 6.83
C PRO B 72 -15.67 -21.18 6.58
N GLU B 73 -14.85 -20.92 7.60
CA GLU B 73 -13.59 -20.22 7.38
C GLU B 73 -12.75 -20.95 6.34
N ALA B 74 -12.66 -22.27 6.45
CA ALA B 74 -11.81 -23.04 5.55
C ALA B 74 -12.39 -23.06 4.15
N LEU B 75 -13.71 -23.26 4.04
CA LEU B 75 -14.37 -23.21 2.75
C LEU B 75 -14.08 -21.91 2.02
N LEU B 76 -14.14 -20.78 2.72
CA LEU B 76 -13.90 -19.48 2.10
C LEU B 76 -12.48 -19.36 1.54
N ARG B 77 -11.50 -19.94 2.24
CA ARG B 77 -10.13 -19.89 1.71
C ARG B 77 -9.97 -20.79 0.50
N LEU B 78 -10.70 -21.90 0.45
CA LEU B 78 -10.78 -22.66 -0.78
C LEU B 78 -11.43 -21.85 -1.89
N ILE B 79 -12.47 -21.08 -1.57
CA ILE B 79 -13.16 -20.33 -2.62
C ILE B 79 -12.22 -19.27 -3.21
N ARG B 80 -11.44 -18.59 -2.36
CA ARG B 80 -10.48 -17.60 -2.83
C ARG B 80 -9.60 -18.15 -3.94
N HIS B 81 -9.10 -19.38 -3.77
CA HIS B 81 -8.29 -19.92 -4.83
C HIS B 81 -9.12 -20.33 -6.04
N LEU B 82 -10.37 -20.76 -5.83
CA LEU B 82 -11.22 -21.05 -6.98
C LEU B 82 -11.54 -19.78 -7.76
N VAL B 83 -11.68 -18.65 -7.05
CA VAL B 83 -11.84 -17.38 -7.72
C VAL B 83 -10.55 -17.01 -8.47
N ALA B 84 -9.42 -17.00 -7.75
CA ALA B 84 -8.13 -16.65 -8.35
C ALA B 84 -7.84 -17.40 -9.65
N ILE B 85 -8.17 -18.69 -9.71
CA ILE B 85 -7.89 -19.47 -10.91
C ILE B 85 -9.06 -19.50 -11.89
N GLY B 86 -10.14 -18.78 -11.62
CA GLY B 86 -11.16 -18.55 -12.63
C GLY B 86 -12.29 -19.53 -12.71
N LEU B 87 -12.50 -20.37 -11.70
CA LEU B 87 -13.65 -21.27 -11.71
C LEU B 87 -14.87 -20.67 -11.01
N LEU B 88 -14.67 -19.70 -10.13
CA LEU B 88 -15.75 -19.05 -9.40
C LEU B 88 -15.59 -17.55 -9.53
N GLU B 89 -16.66 -16.88 -9.93
CA GLU B 89 -16.74 -15.43 -9.95
C GLU B 89 -17.52 -14.96 -8.73
N GLU B 90 -17.11 -13.83 -8.16
CA GLU B 90 -17.75 -13.39 -6.92
C GLU B 90 -19.12 -12.77 -7.16
N ASP B 91 -19.29 -12.08 -8.27
CA ASP B 91 -20.60 -11.49 -8.62
C ASP B 91 -21.01 -10.67 -7.38
N ALA B 92 -22.05 -11.09 -6.67
CA ALA B 92 -22.64 -10.34 -5.57
C ALA B 92 -21.90 -10.63 -4.26
N PRO B 93 -21.63 -9.58 -3.45
CA PRO B 93 -20.94 -9.76 -2.17
C PRO B 93 -21.35 -10.99 -1.38
N GLY B 94 -20.41 -11.91 -1.17
CA GLY B 94 -20.64 -13.10 -0.38
C GLY B 94 -21.37 -14.23 -1.06
N GLU B 95 -21.70 -14.09 -2.35
CA GLU B 95 -22.47 -15.07 -3.10
C GLU B 95 -21.69 -15.47 -4.34
N PHE B 96 -21.10 -16.67 -4.33
CA PHE B 96 -20.17 -17.07 -5.37
C PHE B 96 -20.85 -17.94 -6.41
N VAL B 97 -20.52 -17.71 -7.67
CA VAL B 97 -21.21 -18.39 -8.77
C VAL B 97 -20.19 -19.05 -9.70
N PRO B 98 -20.52 -20.20 -10.29
CA PRO B 98 -19.61 -20.80 -11.26
C PRO B 98 -19.40 -19.90 -12.46
N THR B 99 -18.19 -19.97 -13.01
CA THR B 99 -17.88 -19.26 -14.24
C THR B 99 -18.14 -20.20 -15.40
N GLU B 100 -17.80 -19.74 -16.61
CA GLU B 100 -17.88 -20.60 -17.79
C GLU B 100 -17.10 -21.89 -17.58
N VAL B 101 -15.83 -21.78 -17.15
CA VAL B 101 -15.07 -22.99 -16.88
C VAL B 101 -15.62 -23.69 -15.64
N GLY B 102 -16.03 -22.91 -14.63
CA GLY B 102 -16.58 -23.49 -13.42
C GLY B 102 -17.76 -24.41 -13.66
N GLU B 103 -18.57 -24.11 -14.67
CA GLU B 103 -19.78 -24.90 -14.90
C GLU B 103 -19.48 -26.34 -15.28
N LEU B 104 -18.27 -26.64 -15.75
CA LEU B 104 -17.92 -28.03 -16.06
C LEU B 104 -17.82 -28.90 -14.82
N LEU B 105 -17.79 -28.32 -13.64
CA LEU B 105 -17.80 -29.15 -12.44
C LEU B 105 -19.21 -29.55 -12.05
N ALA B 106 -20.23 -29.01 -12.72
CA ALA B 106 -21.59 -29.49 -12.52
C ALA B 106 -21.66 -30.97 -12.83
N ASP B 107 -22.35 -31.71 -11.95
CA ASP B 107 -22.41 -33.17 -12.08
C ASP B 107 -23.11 -33.59 -13.37
N ASP B 108 -24.07 -32.81 -13.86
CA ASP B 108 -24.81 -33.21 -15.05
C ASP B 108 -24.10 -32.86 -16.35
N HIS B 109 -22.92 -32.26 -16.30
CA HIS B 109 -22.25 -31.85 -17.51
C HIS B 109 -21.73 -33.07 -18.27
N PRO B 110 -21.84 -33.10 -19.60
CA PRO B 110 -21.57 -34.34 -20.33
C PRO B 110 -20.09 -34.75 -20.34
N ALA B 111 -19.15 -33.81 -20.10
CA ALA B 111 -17.74 -34.17 -20.00
C ALA B 111 -17.40 -34.93 -18.72
N ALA B 112 -18.32 -34.96 -17.75
CA ALA B 112 -18.13 -35.69 -16.49
C ALA B 112 -16.84 -35.29 -15.78
N GLN B 113 -16.43 -34.02 -15.91
CA GLN B 113 -15.17 -33.60 -15.30
C GLN B 113 -15.25 -33.67 -13.78
N ARG B 114 -16.43 -33.46 -13.19
CA ARG B 114 -16.58 -33.57 -11.75
C ARG B 114 -16.27 -34.97 -11.27
N ALA B 115 -16.81 -35.98 -11.97
CA ALA B 115 -16.49 -37.35 -11.62
C ALA B 115 -15.01 -37.64 -11.84
N TRP B 116 -14.41 -37.03 -12.85
CA TRP B 116 -13.00 -37.27 -13.12
C TRP B 116 -12.10 -36.75 -12.00
N HIS B 117 -12.51 -35.67 -11.31
CA HIS B 117 -11.67 -35.05 -10.30
C HIS B 117 -12.09 -35.39 -8.88
N ASP B 118 -13.08 -36.26 -8.71
CA ASP B 118 -13.60 -36.64 -7.41
C ASP B 118 -12.66 -37.64 -6.75
N LEU B 119 -12.07 -37.26 -5.61
CA LEU B 119 -11.12 -38.14 -4.93
C LEU B 119 -11.75 -39.42 -4.39
N THR B 120 -13.08 -39.50 -4.32
CA THR B 120 -13.74 -40.74 -3.89
C THR B 120 -13.95 -41.70 -5.04
N GLN B 121 -13.85 -41.25 -6.28
CA GLN B 121 -13.97 -42.13 -7.43
C GLN B 121 -12.60 -42.68 -7.79
N ALA B 122 -12.54 -43.49 -8.84
CA ALA B 122 -11.38 -44.34 -9.02
C ALA B 122 -10.17 -43.60 -9.57
N VAL B 123 -10.38 -42.62 -10.45
CA VAL B 123 -9.26 -42.04 -11.19
C VAL B 123 -8.56 -40.95 -10.39
N ALA B 124 -9.34 -40.02 -9.82
CA ALA B 124 -8.74 -38.99 -8.98
C ALA B 124 -8.09 -39.61 -7.74
N ARG B 125 -8.66 -40.70 -7.24
CA ARG B 125 -8.00 -41.47 -6.19
C ARG B 125 -6.71 -42.11 -6.69
N ALA B 126 -6.71 -42.66 -7.91
CA ALA B 126 -5.49 -43.23 -8.44
C ALA B 126 -4.45 -42.16 -8.74
N ASP B 127 -4.89 -40.96 -9.10
CA ASP B 127 -3.96 -39.87 -9.41
C ASP B 127 -3.04 -39.55 -8.25
N ILE B 128 -3.43 -39.90 -7.01
CA ILE B 128 -2.53 -39.73 -5.89
C ILE B 128 -1.21 -40.47 -6.11
N SER B 129 -1.22 -41.52 -6.95
CA SER B 129 0.02 -42.23 -7.28
C SER B 129 1.09 -41.29 -7.84
N PHE B 130 0.67 -40.15 -8.42
CA PHE B 130 1.64 -39.18 -8.91
C PHE B 130 2.50 -38.57 -7.80
N THR B 131 2.05 -38.62 -6.54
CA THR B 131 2.87 -38.09 -5.44
C THR B 131 4.17 -38.83 -5.26
N ARG B 132 4.30 -40.03 -5.80
CA ARG B 132 5.54 -40.77 -5.70
C ARG B 132 6.12 -41.03 -7.08
N LEU B 133 6.01 -40.04 -7.97
CA LEU B 133 6.59 -40.15 -9.31
C LEU B 133 8.08 -40.47 -9.32
N PRO B 134 8.93 -39.95 -8.41
CA PRO B 134 10.35 -40.36 -8.48
C PRO B 134 10.57 -41.86 -8.38
N ASP B 135 9.84 -42.55 -7.49
CA ASP B 135 9.90 -44.01 -7.42
C ASP B 135 9.53 -44.66 -8.74
N ALA B 136 8.53 -44.11 -9.43
CA ALA B 136 8.14 -44.65 -10.73
C ALA B 136 9.22 -44.40 -11.77
N ILE B 137 9.87 -43.24 -11.73
CA ILE B 137 10.91 -42.96 -12.71
C ILE B 137 12.17 -43.75 -12.39
N ARG B 138 12.48 -43.95 -11.10
CA ARG B 138 13.66 -44.72 -10.74
C ARG B 138 13.50 -46.18 -11.12
N THR B 139 12.27 -46.69 -11.11
CA THR B 139 12.07 -48.13 -11.20
C THR B 139 11.27 -48.57 -12.41
N GLY B 140 10.39 -47.72 -12.94
CA GLY B 140 9.50 -48.11 -14.02
C GLY B 140 8.25 -48.86 -13.59
N ARG B 141 8.12 -49.19 -12.29
CA ARG B 141 7.04 -49.89 -11.59
C ARG B 141 5.99 -48.90 -11.09
N PRO B 142 4.74 -49.31 -11.02
CA PRO B 142 3.69 -48.39 -10.54
C PRO B 142 3.78 -48.12 -9.04
N THR B 143 3.33 -46.95 -8.65
CA THR B 143 3.36 -46.55 -7.25
C THR B 143 2.02 -46.69 -6.56
N TYR B 144 0.98 -47.15 -7.28
CA TYR B 144 -0.37 -47.16 -6.71
C TYR B 144 -0.45 -48.07 -5.49
N GLU B 145 0.11 -49.28 -5.60
CA GLU B 145 -0.04 -50.25 -4.52
C GLU B 145 0.79 -49.86 -3.29
N SER B 146 1.80 -49.02 -3.46
CA SER B 146 2.54 -48.52 -2.30
C SER B 146 1.72 -47.54 -1.48
N ILE B 147 0.73 -46.88 -2.08
CA ILE B 147 -0.06 -45.90 -1.36
C ILE B 147 -1.30 -46.54 -0.76
N TYR B 148 -1.94 -47.45 -1.49
CA TYR B 148 -3.24 -48.00 -1.12
C TYR B 148 -3.22 -49.45 -0.67
N GLY B 149 -2.18 -50.22 -1.02
CA GLY B 149 -2.01 -51.58 -0.54
C GLY B 149 -2.20 -52.63 -1.62
N LYS B 150 -3.07 -52.38 -2.59
CA LYS B 150 -3.33 -53.34 -3.64
C LYS B 150 -2.98 -52.74 -4.99
N PRO B 151 -2.40 -53.53 -5.92
CA PRO B 151 -2.33 -53.07 -7.32
C PRO B 151 -3.67 -52.58 -7.80
N PHE B 152 -3.69 -51.75 -8.86
CA PHE B 152 -4.87 -50.98 -9.20
C PHE B 152 -6.12 -51.86 -9.34
N TYR B 153 -5.99 -52.98 -10.05
CA TYR B 153 -7.18 -53.79 -10.33
C TYR B 153 -7.53 -54.73 -9.19
N GLU B 154 -6.54 -55.21 -8.43
CA GLU B 154 -6.82 -55.89 -7.18
C GLU B 154 -7.61 -54.98 -6.25
N ASP B 155 -7.21 -53.72 -6.14
CA ASP B 155 -7.93 -52.76 -5.30
C ASP B 155 -9.40 -52.64 -5.72
N LEU B 156 -9.66 -52.56 -7.04
CA LEU B 156 -11.05 -52.43 -7.49
C LEU B 156 -11.85 -53.69 -7.22
N ALA B 157 -11.22 -54.87 -7.32
CA ALA B 157 -11.92 -56.13 -7.09
C ALA B 157 -12.42 -56.27 -5.67
N GLY B 158 -11.82 -55.55 -4.72
CA GLY B 158 -12.26 -55.64 -3.33
C GLY B 158 -12.95 -54.38 -2.84
N ARG B 159 -13.40 -53.54 -3.77
CA ARG B 159 -13.94 -52.22 -3.43
C ARG B 159 -15.04 -51.85 -4.42
N PRO B 160 -16.22 -52.48 -4.30
CA PRO B 160 -17.19 -52.46 -5.42
C PRO B 160 -17.62 -51.08 -5.87
N ASP B 161 -17.53 -50.08 -5.00
CA ASP B 161 -17.92 -48.73 -5.40
C ASP B 161 -16.84 -48.06 -6.26
N LEU B 162 -15.59 -48.51 -6.13
CA LEU B 162 -14.53 -48.00 -6.99
C LEU B 162 -14.54 -48.67 -8.35
N ARG B 163 -14.93 -50.02 -8.38
CA ARG B 163 -15.09 -50.68 -9.67
C ARG B 163 -16.26 -50.08 -10.44
N ALA B 164 -17.24 -49.62 -9.67
CA ALA B 164 -18.42 -48.98 -10.29
C ALA B 164 -18.04 -47.61 -10.85
N SER B 165 -17.30 -46.82 -10.08
CA SER B 165 -16.90 -45.47 -10.51
C SER B 165 -16.04 -45.53 -11.76
N PHE B 166 -15.06 -46.44 -11.78
CA PHE B 166 -14.14 -46.51 -12.95
C PHE B 166 -14.96 -46.92 -14.16
N ASP B 167 -15.73 -47.99 -14.03
CA ASP B 167 -16.47 -48.48 -15.21
C ASP B 167 -17.32 -47.34 -15.76
N SER B 168 -17.92 -46.56 -14.86
CA SER B 168 -18.78 -45.45 -15.29
C SER B 168 -17.98 -44.28 -15.85
N LEU B 169 -16.80 -44.00 -15.27
CA LEU B 169 -15.94 -42.95 -15.81
C LEU B 169 -15.53 -43.26 -17.24
N MET B 170 -15.27 -44.53 -17.54
CA MET B 170 -14.65 -44.88 -18.82
C MET B 170 -15.62 -44.75 -19.99
N THR B 171 -16.92 -44.89 -19.74
CA THR B 171 -17.90 -44.67 -20.81
C THR B 171 -17.98 -43.21 -21.24
N THR B 172 -17.29 -42.31 -20.54
CA THR B 172 -17.29 -40.89 -20.86
C THR B 172 -15.89 -40.39 -21.21
N THR B 176 -16.28 -57.81 -18.78
CA THR B 176 -16.30 -58.44 -17.43
C THR B 176 -17.70 -58.35 -16.82
N ALA B 177 -18.03 -59.25 -15.88
CA ALA B 177 -19.37 -59.29 -15.25
C ALA B 177 -19.71 -57.92 -14.68
N PHE B 178 -18.71 -57.25 -14.10
CA PHE B 178 -18.92 -55.88 -13.58
C PHE B 178 -18.89 -54.92 -14.77
N ALA B 179 -19.94 -54.92 -15.59
CA ALA B 179 -20.08 -54.01 -16.75
C ALA B 179 -21.51 -54.21 -17.26
N ALA B 180 -21.73 -55.18 -18.14
CA ALA B 180 -23.07 -55.55 -18.65
C ALA B 180 -24.20 -54.53 -18.51
N PRO B 181 -24.19 -53.36 -19.21
CA PRO B 181 -25.35 -52.45 -19.22
C PRO B 181 -26.36 -53.06 -20.20
N ALA B 182 -25.90 -53.61 -21.34
CA ALA B 182 -26.78 -54.25 -22.36
C ALA B 182 -28.00 -53.41 -22.65
N ARG B 191 -19.89 -60.42 -39.49
CA ARG B 191 -19.16 -61.60 -38.95
C ARG B 191 -18.70 -61.28 -37.53
N LEU B 194 -15.35 -59.87 -31.98
CA LEU B 194 -15.29 -59.90 -30.52
C LEU B 194 -14.55 -58.70 -29.96
N ASP B 195 -14.79 -58.38 -28.70
CA ASP B 195 -14.16 -57.24 -28.06
C ASP B 195 -13.87 -57.54 -26.62
N VAL B 196 -12.59 -57.56 -26.27
CA VAL B 196 -12.23 -57.94 -24.92
C VAL B 196 -11.73 -56.76 -24.10
N VAL B 241 -24.92 -59.22 -28.58
CA VAL B 241 -24.61 -60.34 -27.69
C VAL B 241 -23.64 -59.88 -26.61
N ASP B 242 -23.84 -60.34 -25.37
CA ASP B 242 -22.95 -59.97 -24.27
C ASP B 242 -22.46 -61.23 -23.58
N VAL B 243 -21.21 -61.21 -23.12
CA VAL B 243 -20.53 -62.38 -22.53
C VAL B 243 -19.49 -61.90 -21.52
N VAL B 244 -19.35 -62.62 -20.41
CA VAL B 244 -18.54 -62.18 -19.25
C VAL B 244 -17.05 -62.17 -19.55
N ASP B 247 -11.55 -62.90 -17.44
CA ASP B 247 -10.10 -62.72 -17.40
C ASP B 247 -9.47 -62.95 -18.76
N PHE B 248 -9.34 -61.90 -19.60
CA PHE B 248 -8.79 -62.17 -20.94
C PHE B 248 -7.36 -62.70 -20.91
N PHE B 249 -6.73 -62.86 -19.75
CA PHE B 249 -5.52 -63.66 -19.66
C PHE B 249 -5.76 -65.16 -19.74
N GLU B 250 -7.03 -65.58 -19.77
CA GLU B 250 -7.47 -66.96 -19.91
C GLU B 250 -7.90 -67.22 -21.33
N PRO B 251 -7.87 -68.49 -21.78
CA PRO B 251 -8.47 -68.84 -23.08
C PRO B 251 -9.83 -68.19 -23.29
N LEU B 252 -9.98 -67.44 -24.37
CA LEU B 252 -11.22 -66.74 -24.63
C LEU B 252 -12.35 -67.75 -24.84
N ARG B 254 -15.79 -68.08 -27.45
CA ARG B 254 -16.01 -68.00 -28.90
C ARG B 254 -14.76 -67.57 -29.65
N LYS B 255 -14.76 -67.77 -30.97
CA LYS B 255 -13.80 -67.22 -31.90
C LYS B 255 -14.49 -66.08 -32.66
N ALA B 256 -13.78 -65.51 -33.64
CA ALA B 256 -14.27 -64.32 -34.32
C ALA B 256 -13.33 -63.98 -35.48
N ASP B 257 -13.84 -63.17 -36.40
CA ASP B 257 -13.06 -62.76 -37.57
C ASP B 257 -12.38 -61.41 -37.38
N ALA B 258 -12.77 -60.65 -36.37
CA ALA B 258 -12.03 -59.47 -35.97
C ALA B 258 -12.23 -59.29 -34.47
N ILE B 259 -11.13 -59.19 -33.74
CA ILE B 259 -11.15 -58.99 -32.30
C ILE B 259 -10.76 -57.55 -32.01
N ILE B 260 -11.38 -56.96 -31.01
CA ILE B 260 -11.27 -55.53 -30.74
C ILE B 260 -10.59 -55.34 -29.39
N LEU B 261 -9.43 -54.69 -29.41
CA LEU B 261 -8.70 -54.30 -28.21
C LEU B 261 -8.69 -52.78 -28.20
N SER B 262 -9.63 -52.18 -27.49
CA SER B 262 -9.76 -50.72 -27.48
C SER B 262 -9.34 -50.25 -26.10
N PHE B 263 -8.26 -49.49 -26.04
CA PHE B 263 -7.71 -48.95 -24.81
C PHE B 263 -7.61 -50.02 -23.72
N VAL B 264 -7.06 -51.17 -24.12
CA VAL B 264 -6.79 -52.28 -23.23
C VAL B 264 -5.29 -52.42 -22.96
N LEU B 265 -4.49 -52.56 -24.03
CA LEU B 265 -3.10 -52.98 -23.89
C LEU B 265 -2.20 -51.93 -23.24
N LEU B 266 -2.55 -50.65 -23.32
CA LEU B 266 -1.78 -49.62 -22.61
C LEU B 266 -1.81 -49.80 -21.10
N ASN B 267 -2.74 -50.61 -20.57
CA ASN B 267 -2.86 -50.87 -19.13
C ASN B 267 -1.83 -51.87 -18.61
N TRP B 268 -0.95 -52.38 -19.47
CA TRP B 268 -0.20 -53.57 -19.13
C TRP B 268 1.26 -53.43 -19.54
N PRO B 269 2.16 -54.03 -18.77
CA PRO B 269 3.55 -54.20 -19.24
C PRO B 269 3.60 -55.02 -20.51
N ASP B 270 4.78 -55.03 -21.13
CA ASP B 270 4.94 -55.68 -22.42
C ASP B 270 4.64 -57.18 -22.36
N HIS B 271 4.89 -57.83 -21.23
CA HIS B 271 4.69 -59.28 -21.24
C HIS B 271 3.23 -59.63 -21.07
N ASP B 272 2.51 -58.88 -20.22
CA ASP B 272 1.06 -59.08 -20.11
C ASP B 272 0.36 -58.70 -21.41
N ALA B 273 0.81 -57.64 -22.07
CA ALA B 273 0.24 -57.27 -23.36
C ALA B 273 0.40 -58.39 -24.38
N VAL B 274 1.58 -59.03 -24.39
CA VAL B 274 1.81 -60.14 -25.31
C VAL B 274 0.87 -61.29 -24.99
N ARG B 275 0.73 -61.62 -23.70
CA ARG B 275 -0.22 -62.63 -23.27
C ARG B 275 -1.62 -62.34 -23.81
N ILE B 276 -2.11 -61.11 -23.61
CA ILE B 276 -3.45 -60.73 -24.08
C ILE B 276 -3.53 -60.88 -25.60
N LEU B 277 -2.52 -60.37 -26.32
CA LEU B 277 -2.51 -60.49 -27.77
C LEU B 277 -2.43 -61.94 -28.20
N THR B 278 -1.75 -62.77 -27.41
CA THR B 278 -1.63 -64.19 -27.75
C THR B 278 -2.98 -64.87 -27.71
N ARG B 279 -3.76 -64.67 -26.63
CA ARG B 279 -5.09 -65.25 -26.56
C ARG B 279 -5.97 -64.79 -27.72
N CYS B 280 -5.84 -63.52 -28.12
CA CYS B 280 -6.62 -63.01 -29.24
C CYS B 280 -6.20 -63.67 -30.55
N ALA B 281 -4.90 -63.88 -30.74
CA ALA B 281 -4.42 -64.61 -31.91
C ALA B 281 -4.96 -66.04 -31.95
N GLU B 282 -5.09 -66.68 -30.79
CA GLU B 282 -5.57 -68.05 -30.72
C GLU B 282 -7.06 -68.19 -30.98
N ALA B 283 -7.79 -67.08 -31.12
CA ALA B 283 -9.23 -67.11 -31.38
C ALA B 283 -9.60 -66.43 -32.70
N LEU B 284 -8.63 -66.19 -33.57
CA LEU B 284 -8.91 -65.49 -34.83
C LEU B 284 -9.07 -66.48 -35.98
N GLU B 285 -9.90 -66.10 -36.96
CA GLU B 285 -10.03 -66.84 -38.22
C GLU B 285 -9.19 -66.20 -39.33
N ILE B 290 -7.16 -58.79 -35.70
CA ILE B 290 -6.89 -58.02 -34.49
C ILE B 290 -6.66 -56.55 -34.78
N LEU B 291 -7.54 -55.70 -34.25
CA LEU B 291 -7.41 -54.26 -34.39
C LEU B 291 -7.27 -53.64 -33.00
N ILE B 292 -6.20 -52.89 -32.81
CA ILE B 292 -5.95 -52.18 -31.56
C ILE B 292 -6.43 -50.76 -31.75
N HIS B 293 -7.30 -50.30 -30.88
CA HIS B 293 -7.74 -48.91 -30.86
C HIS B 293 -7.06 -48.23 -29.68
N GLU B 294 -6.08 -47.38 -29.97
CA GLU B 294 -5.32 -46.68 -28.95
C GLU B 294 -4.47 -45.65 -29.71
N ARG B 295 -3.62 -44.93 -28.99
CA ARG B 295 -2.88 -43.79 -29.53
C ARG B 295 -1.38 -44.12 -29.68
N ASP B 304 -3.47 -32.23 -27.62
CA ASP B 304 -2.08 -31.78 -27.47
C ASP B 304 -1.25 -32.83 -26.73
N ARG B 305 0.08 -32.62 -26.69
CA ARG B 305 0.96 -33.55 -26.01
C ARG B 305 0.75 -33.57 -24.51
N PHE B 306 0.20 -32.48 -23.94
CA PHE B 306 -0.07 -32.44 -22.51
C PHE B 306 -1.02 -33.56 -22.10
N PHE B 307 -1.94 -33.95 -22.99
CA PHE B 307 -2.94 -34.97 -22.75
C PHE B 307 -2.48 -36.37 -23.15
N SER B 308 -1.56 -36.47 -24.10
CA SER B 308 -0.90 -37.75 -24.37
C SER B 308 0.07 -38.11 -23.25
N THR B 309 0.79 -37.13 -22.69
CA THR B 309 1.68 -37.44 -21.58
C THR B 309 0.92 -37.70 -20.28
N LEU B 310 -0.24 -37.05 -20.08
CA LEU B 310 -1.05 -37.35 -18.90
C LEU B 310 -1.50 -38.81 -18.90
N LEU B 311 -2.08 -39.27 -20.02
CA LEU B 311 -2.54 -40.65 -20.07
C LEU B 311 -1.37 -41.62 -19.90
N ASP B 312 -0.25 -41.34 -20.55
CA ASP B 312 0.88 -42.25 -20.48
C ASP B 312 1.51 -42.29 -19.10
N LEU B 313 1.65 -41.13 -18.45
CA LEU B 313 2.28 -41.13 -17.13
C LEU B 313 1.33 -41.67 -16.07
N ARG B 314 0.02 -41.51 -16.28
CA ARG B 314 -0.95 -42.22 -15.46
C ARG B 314 -0.73 -43.73 -15.56
N MET B 315 -0.54 -44.24 -16.79
CA MET B 315 -0.35 -45.68 -16.97
C MET B 315 0.92 -46.18 -16.31
N LEU B 316 1.93 -45.32 -16.18
CA LEU B 316 3.13 -45.69 -15.45
C LEU B 316 2.85 -45.82 -13.96
N VAL B 317 2.32 -44.76 -13.33
CA VAL B 317 2.16 -44.76 -11.88
C VAL B 317 0.98 -45.59 -11.41
N PHE B 318 -0.07 -45.76 -12.24
CA PHE B 318 -1.22 -46.57 -11.83
C PHE B 318 -0.93 -48.07 -11.96
N LEU B 319 -0.45 -48.48 -13.15
CA LEU B 319 -0.42 -49.89 -13.56
C LEU B 319 0.90 -50.38 -14.12
N GLY B 320 1.84 -49.49 -14.47
CA GLY B 320 3.02 -49.92 -15.17
C GLY B 320 2.81 -50.15 -16.65
N GLY B 321 1.73 -49.64 -17.22
CA GLY B 321 1.50 -49.66 -18.65
C GLY B 321 2.17 -48.48 -19.32
N ALA B 322 1.75 -48.22 -20.56
CA ALA B 322 2.37 -47.16 -21.36
C ALA B 322 1.69 -46.98 -22.70
N LEU B 323 1.77 -45.77 -23.25
CA LEU B 323 1.48 -45.58 -24.67
C LEU B 323 2.69 -46.09 -25.45
N ARG B 324 2.45 -46.49 -26.69
CA ARG B 324 3.47 -47.18 -27.45
C ARG B 324 3.61 -46.62 -28.87
N THR B 325 4.83 -46.71 -29.39
CA THR B 325 5.16 -46.27 -30.73
C THR B 325 5.02 -47.41 -31.73
N ARG B 326 4.93 -47.04 -33.01
CA ARG B 326 4.86 -48.03 -34.09
C ARG B 326 5.93 -49.10 -33.96
N GLU B 327 7.16 -48.70 -33.63
CA GLU B 327 8.24 -49.67 -33.48
C GLU B 327 7.99 -50.62 -32.32
N LYS B 328 7.47 -50.09 -31.21
CA LYS B 328 7.21 -50.95 -30.06
C LYS B 328 6.03 -51.88 -30.32
N TRP B 329 5.05 -51.42 -31.11
CA TRP B 329 3.93 -52.28 -31.48
C TRP B 329 4.37 -53.43 -32.38
N ASP B 330 5.39 -53.22 -33.23
CA ASP B 330 5.86 -54.31 -34.09
C ASP B 330 6.53 -55.41 -33.27
N GLY B 331 7.33 -54.99 -32.30
CA GLY B 331 8.02 -55.96 -31.43
C GLY B 331 7.03 -56.74 -30.62
N LEU B 332 5.91 -56.10 -30.27
CA LEU B 332 4.90 -56.78 -29.43
C LEU B 332 4.05 -57.67 -30.34
N ALA B 333 3.70 -57.19 -31.53
CA ALA B 333 2.95 -58.06 -32.43
C ALA B 333 3.75 -59.32 -32.76
N ALA B 334 5.05 -59.17 -33.04
CA ALA B 334 5.90 -60.32 -33.34
C ALA B 334 5.92 -61.32 -32.18
N SER B 335 6.09 -60.82 -30.95
CA SER B 335 6.10 -61.73 -29.80
C SER B 335 4.80 -62.54 -29.69
N ALA B 336 3.71 -62.05 -30.27
CA ALA B 336 2.43 -62.73 -30.21
C ALA B 336 2.09 -63.49 -31.49
N GLY B 337 3.00 -63.50 -32.46
CA GLY B 337 2.77 -64.17 -33.72
C GLY B 337 2.00 -63.36 -34.72
N LEU B 338 2.11 -62.04 -34.66
CA LEU B 338 1.28 -61.16 -35.48
C LEU B 338 2.14 -60.13 -36.21
N VAL B 339 1.50 -59.40 -37.09
CA VAL B 339 2.19 -58.39 -37.82
C VAL B 339 1.25 -57.22 -37.96
N VAL B 340 1.78 -56.02 -37.84
CA VAL B 340 0.97 -54.84 -37.99
C VAL B 340 0.81 -54.61 -39.46
N GLU B 341 -0.42 -54.49 -39.91
CA GLU B 341 -0.63 -54.34 -41.33
C GLU B 341 -1.03 -52.94 -41.71
N VAL B 343 -0.96 -49.05 -39.44
CA VAL B 343 -1.24 -47.97 -38.45
C VAL B 343 -2.05 -46.87 -39.12
N ARG B 344 -3.34 -46.81 -38.82
CA ARG B 344 -4.27 -45.87 -39.51
C ARG B 344 -4.23 -44.42 -39.04
N LEU B 347 -6.68 -39.88 -35.92
CA LEU B 347 -8.16 -39.87 -36.00
C LEU B 347 -8.74 -38.99 -34.88
N VAL B 348 -9.45 -37.93 -35.25
CA VAL B 348 -10.00 -36.96 -34.25
C VAL B 348 -11.43 -37.36 -33.87
N PRO B 353 -10.45 -34.71 -26.27
CA PRO B 353 -9.21 -33.94 -26.35
C PRO B 353 -8.08 -34.72 -26.99
N LEU B 354 -8.04 -36.04 -26.82
CA LEU B 354 -6.93 -36.81 -27.35
C LEU B 354 -7.29 -37.60 -28.58
N ASP B 355 -6.41 -37.58 -29.56
CA ASP B 355 -6.68 -38.33 -30.78
C ASP B 355 -6.23 -39.78 -30.62
N SER B 356 -6.83 -40.62 -31.45
CA SER B 356 -6.61 -42.09 -31.34
C SER B 356 -6.21 -42.65 -32.70
N CYS B 357 -5.84 -43.93 -32.74
CA CYS B 357 -5.41 -44.57 -33.99
C CYS B 357 -5.95 -45.99 -34.05
N LEU B 358 -5.87 -46.63 -35.22
CA LEU B 358 -6.29 -48.05 -35.34
C LEU B 358 -5.17 -48.86 -35.95
N LEU B 359 -4.74 -49.89 -35.24
CA LEU B 359 -3.66 -50.77 -35.68
C LEU B 359 -4.29 -52.12 -35.96
N VAL B 360 -4.45 -52.46 -37.23
CA VAL B 360 -4.97 -53.76 -37.63
C VAL B 360 -3.80 -54.75 -37.66
N LEU B 361 -3.95 -55.85 -36.94
CA LEU B 361 -2.90 -56.86 -36.82
C LEU B 361 -3.35 -58.17 -37.45
N ALA B 362 -2.46 -58.78 -38.23
CA ALA B 362 -2.72 -60.03 -38.89
C ALA B 362 -1.79 -61.10 -38.34
N PRO B 363 -2.18 -62.38 -38.44
CA PRO B 363 -1.25 -63.46 -38.07
C PRO B 363 -0.08 -63.52 -39.06
N ALA B 364 1.13 -63.53 -38.51
CA ALA B 364 2.37 -63.59 -39.30
C ALA B 364 2.51 -64.91 -40.03
N ILE C 24 14.42 10.07 12.92
CA ILE C 24 14.16 11.36 12.28
C ILE C 24 12.75 11.87 12.64
N ASP C 25 12.42 11.84 13.93
CA ASP C 25 11.08 12.24 14.38
C ASP C 25 10.95 13.76 14.51
N ALA C 26 12.03 14.47 14.83
CA ALA C 26 11.99 15.93 14.78
C ALA C 26 11.76 16.41 13.35
N LEU C 27 12.42 15.77 12.37
CA LEU C 27 12.24 16.17 10.98
C LEU C 27 10.78 16.03 10.55
N ARG C 28 10.19 14.85 10.78
CA ARG C 28 8.82 14.59 10.33
C ARG C 28 7.82 15.52 11.00
N THR C 29 7.96 15.74 12.30
CA THR C 29 7.08 16.65 13.02
C THR C 29 7.15 18.06 12.45
N LEU C 30 8.35 18.56 12.12
CA LEU C 30 8.43 19.91 11.57
C LEU C 30 7.82 19.97 10.19
N ILE C 31 8.10 18.95 9.36
CA ILE C 31 7.58 18.93 8.00
C ILE C 31 6.06 18.87 8.03
N ARG C 32 5.51 18.12 8.99
CA ARG C 32 4.06 18.08 9.20
C ARG C 32 3.53 19.44 9.65
N LEU C 33 4.16 20.01 10.69
CA LEU C 33 3.76 21.33 11.15
C LEU C 33 3.82 22.37 10.04
N GLY C 34 4.84 22.29 9.17
CA GLY C 34 5.04 23.32 8.18
C GLY C 34 4.25 23.18 6.91
N SER C 35 3.47 22.11 6.79
CA SER C 35 2.86 21.78 5.52
C SER C 35 1.65 22.66 5.23
N LEU C 36 1.63 23.23 4.05
CA LEU C 36 0.50 23.95 3.53
C LEU C 36 -0.48 23.04 2.80
N HIS C 37 -0.09 21.82 2.43
CA HIS C 37 -0.97 21.02 1.57
C HIS C 37 -2.08 20.33 2.35
N THR C 38 -1.81 19.82 3.54
CA THR C 38 -2.90 19.25 4.35
C THR C 38 -4.06 20.22 4.53
N PRO C 39 -3.85 21.44 5.03
CA PRO C 39 -5.00 22.33 5.21
C PRO C 39 -5.69 22.70 3.91
N MET C 40 -4.95 22.89 2.80
CA MET C 40 -5.63 23.17 1.55
C MET C 40 -6.34 21.93 1.02
N VAL C 41 -5.87 20.75 1.40
CA VAL C 41 -6.59 19.56 1.01
C VAL C 41 -7.91 19.46 1.77
N VAL C 42 -7.92 19.82 3.06
CA VAL C 42 -9.17 19.84 3.83
C VAL C 42 -10.11 20.93 3.31
N ARG C 43 -9.56 22.09 2.94
CA ARG C 43 -10.40 23.17 2.46
C ARG C 43 -10.95 22.87 1.08
N THR C 44 -10.13 22.27 0.21
CA THR C 44 -10.62 21.80 -1.07
C THR C 44 -11.78 20.84 -0.89
N ALA C 45 -11.62 19.85 -0.01
CA ALA C 45 -12.67 18.86 0.22
C ALA C 45 -13.96 19.53 0.66
N ALA C 46 -13.87 20.51 1.58
CA ALA C 46 -15.06 21.23 2.04
C ALA C 46 -15.68 22.05 0.91
N THR C 47 -14.85 22.68 0.09
CA THR C 47 -15.37 23.49 -1.01
C THR C 47 -15.99 22.63 -2.08
N LEU C 48 -15.52 21.41 -2.28
CA LEU C 48 -16.11 20.50 -3.26
C LEU C 48 -17.27 19.71 -2.69
N ARG C 49 -17.60 19.90 -1.41
CA ARG C 49 -18.67 19.19 -0.71
C ARG C 49 -18.50 17.67 -0.82
N LEU C 50 -17.23 17.22 -0.84
CA LEU C 50 -16.92 15.80 -0.99
C LEU C 50 -17.74 14.93 -0.06
N VAL C 51 -17.71 15.22 1.24
CA VAL C 51 -18.32 14.33 2.21
C VAL C 51 -19.83 14.21 1.98
N ASP C 52 -20.51 15.35 1.74
CA ASP C 52 -21.90 15.36 1.29
C ASP C 52 -22.13 14.47 0.07
N HIS C 53 -21.23 14.53 -0.92
CA HIS C 53 -21.47 13.76 -2.13
C HIS C 53 -21.24 12.27 -1.88
N ILE C 54 -20.26 11.93 -1.07
CA ILE C 54 -20.12 10.55 -0.66
C ILE C 54 -21.36 10.11 0.12
N LEU C 55 -21.86 10.99 1.00
CA LEU C 55 -23.01 10.65 1.84
C LEU C 55 -24.30 10.55 1.03
N ALA C 56 -24.41 11.30 -0.07
CA ALA C 56 -25.55 11.24 -0.95
C ALA C 56 -25.45 10.11 -1.97
N GLY C 57 -24.56 9.14 -1.76
CA GLY C 57 -24.51 7.92 -2.54
C GLY C 57 -23.26 7.72 -3.38
N ALA C 58 -22.49 8.78 -3.66
CA ALA C 58 -21.35 8.69 -4.59
C ALA C 58 -20.13 8.13 -3.87
N ARG C 59 -19.86 6.83 -4.05
CA ARG C 59 -18.73 6.22 -3.36
C ARG C 59 -17.50 6.00 -4.26
N THR C 60 -17.71 5.74 -5.56
CA THR C 60 -16.60 5.63 -6.50
C THR C 60 -16.01 6.99 -6.86
N VAL C 61 -14.71 7.01 -7.13
CA VAL C 61 -14.02 8.22 -7.60
C VAL C 61 -14.67 8.77 -8.85
N LYS C 62 -15.25 7.89 -9.68
CA LYS C 62 -15.84 8.31 -10.95
C LYS C 62 -17.11 9.12 -10.71
N ALA C 63 -17.92 8.73 -9.74
CA ALA C 63 -19.13 9.48 -9.45
C ALA C 63 -18.80 10.79 -8.73
N LEU C 64 -17.97 10.69 -7.69
CA LEU C 64 -17.52 11.88 -6.95
C LEU C 64 -16.96 12.94 -7.86
N ALA C 65 -16.18 12.53 -8.88
CA ALA C 65 -15.58 13.49 -9.80
C ALA C 65 -16.66 14.23 -10.60
N ALA C 66 -17.62 13.47 -11.15
CA ALA C 66 -18.72 14.06 -11.92
C ALA C 66 -19.59 14.96 -11.07
N ARG C 67 -19.81 14.59 -9.80
CA ARG C 67 -20.58 15.42 -8.90
C ARG C 67 -19.86 16.72 -8.56
N THR C 68 -18.53 16.65 -8.36
CA THR C 68 -17.78 17.85 -8.00
C THR C 68 -17.23 18.59 -9.20
N ASP C 69 -17.48 18.10 -10.42
CA ASP C 69 -16.98 18.76 -11.62
C ASP C 69 -15.45 18.85 -11.64
N THR C 70 -14.78 17.79 -11.19
CA THR C 70 -13.33 17.74 -11.19
C THR C 70 -12.80 16.62 -12.08
N ARG C 71 -11.48 16.60 -12.27
CA ARG C 71 -10.81 15.56 -13.03
C ARG C 71 -10.57 14.34 -12.13
N PRO C 72 -10.93 13.13 -12.57
CA PRO C 72 -10.87 11.96 -11.65
C PRO C 72 -9.48 11.58 -11.19
N GLU C 73 -8.47 11.54 -12.08
CA GLU C 73 -7.10 11.24 -11.62
C GLU C 73 -6.64 12.24 -10.57
N ALA C 74 -6.98 13.52 -10.75
CA ALA C 74 -6.61 14.53 -9.77
C ALA C 74 -7.38 14.34 -8.47
N LEU C 75 -8.69 14.06 -8.56
CA LEU C 75 -9.50 13.91 -7.34
C LEU C 75 -9.00 12.75 -6.50
N LEU C 76 -8.60 11.67 -7.17
CA LEU C 76 -8.05 10.51 -6.46
C LEU C 76 -6.79 10.88 -5.69
N ARG C 77 -5.97 11.76 -6.27
CA ARG C 77 -4.76 12.14 -5.56
C ARG C 77 -5.08 13.07 -4.38
N LEU C 78 -6.14 13.85 -4.51
CA LEU C 78 -6.68 14.54 -3.34
C LEU C 78 -7.16 13.57 -2.28
N ILE C 79 -7.81 12.46 -2.69
CA ILE C 79 -8.40 11.54 -1.73
C ILE C 79 -7.34 10.76 -0.98
N ARG C 80 -6.25 10.36 -1.66
CA ARG C 80 -5.14 9.67 -0.98
C ARG C 80 -4.64 10.48 0.22
N HIS C 81 -4.52 11.79 0.08
CA HIS C 81 -4.11 12.55 1.25
C HIS C 81 -5.23 12.60 2.29
N LEU C 82 -6.49 12.68 1.84
CA LEU C 82 -7.61 12.66 2.78
C LEU C 82 -7.64 11.36 3.57
N VAL C 83 -7.30 10.25 2.91
CA VAL C 83 -7.12 8.98 3.62
C VAL C 83 -5.93 9.05 4.57
N ALA C 84 -4.77 9.53 4.10
CA ALA C 84 -3.57 9.59 4.95
C ALA C 84 -3.77 10.42 6.23
N ILE C 85 -4.60 11.47 6.20
CA ILE C 85 -4.79 12.28 7.40
C ILE C 85 -6.02 11.88 8.21
N GLY C 86 -6.78 10.86 7.80
CA GLY C 86 -7.81 10.31 8.66
C GLY C 86 -9.20 10.85 8.45
N LEU C 87 -9.44 11.56 7.35
CA LEU C 87 -10.74 12.17 7.06
C LEU C 87 -11.63 11.29 6.18
N LEU C 88 -11.03 10.50 5.29
CA LEU C 88 -11.73 9.49 4.52
C LEU C 88 -11.06 8.15 4.74
N GLU C 89 -11.82 7.08 4.52
CA GLU C 89 -11.22 5.76 4.48
C GLU C 89 -11.81 4.94 3.34
N GLU C 90 -11.14 3.86 3.04
CA GLU C 90 -11.56 2.94 1.98
C GLU C 90 -12.22 1.76 2.67
N ASP C 91 -13.53 1.61 2.44
CA ASP C 91 -14.28 0.46 2.92
C ASP C 91 -14.36 -0.65 1.88
N ALA C 92 -14.02 -0.35 0.63
CA ALA C 92 -13.98 -1.31 -0.46
C ALA C 92 -13.17 -0.69 -1.58
N PRO C 93 -12.51 -1.50 -2.42
CA PRO C 93 -11.77 -0.95 -3.57
C PRO C 93 -12.50 0.17 -4.29
N GLY C 94 -11.89 1.35 -4.34
CA GLY C 94 -12.48 2.48 -5.03
C GLY C 94 -13.72 3.06 -4.39
N GLU C 95 -14.03 2.70 -3.16
CA GLU C 95 -15.18 3.25 -2.45
C GLU C 95 -14.68 3.85 -1.14
N PHE C 96 -14.78 5.18 -1.04
CA PHE C 96 -14.23 5.93 0.07
C PHE C 96 -15.36 6.50 0.93
N VAL C 97 -15.22 6.37 2.24
CA VAL C 97 -16.29 6.79 3.14
C VAL C 97 -15.76 7.73 4.22
N PRO C 98 -16.58 8.66 4.72
CA PRO C 98 -16.09 9.58 5.75
C PRO C 98 -15.83 8.83 7.05
N THR C 99 -14.72 9.18 7.69
CA THR C 99 -14.40 8.68 9.02
C THR C 99 -15.11 9.52 10.08
N GLU C 100 -14.84 9.22 11.35
CA GLU C 100 -15.47 9.96 12.44
C GLU C 100 -15.09 11.44 12.41
N VAL C 101 -13.81 11.75 12.16
CA VAL C 101 -13.44 13.17 12.00
C VAL C 101 -14.06 13.73 10.72
N GLY C 102 -13.99 12.99 9.61
CA GLY C 102 -14.47 13.49 8.33
C GLY C 102 -15.97 13.74 8.29
N GLU C 103 -16.74 13.06 9.13
CA GLU C 103 -18.17 13.30 9.15
C GLU C 103 -18.51 14.75 9.51
N LEU C 104 -17.62 15.44 10.22
CA LEU C 104 -17.87 16.84 10.51
C LEU C 104 -17.90 17.71 9.26
N LEU C 105 -17.50 17.20 8.10
CA LEU C 105 -17.58 17.99 6.88
C LEU C 105 -18.91 17.86 6.18
N ALA C 106 -19.82 17.03 6.70
CA ALA C 106 -21.20 17.05 6.25
C ALA C 106 -21.77 18.45 6.44
N ASP C 107 -22.45 18.96 5.42
CA ASP C 107 -22.97 20.31 5.46
C ASP C 107 -23.98 20.52 6.58
N ASP C 108 -24.64 19.45 7.05
CA ASP C 108 -25.63 19.56 8.11
C ASP C 108 -25.06 19.23 9.48
N HIS C 109 -23.76 19.09 9.61
CA HIS C 109 -23.18 18.91 10.93
C HIS C 109 -23.30 20.22 11.70
N PRO C 110 -23.81 20.19 12.92
CA PRO C 110 -24.07 21.44 13.64
C PRO C 110 -22.82 22.30 13.89
N ALA C 111 -21.63 21.70 13.91
CA ALA C 111 -20.44 22.53 14.04
C ALA C 111 -20.15 23.35 12.77
N ALA C 112 -20.81 23.05 11.64
CA ALA C 112 -20.68 23.81 10.39
C ALA C 112 -19.21 23.94 9.91
N GLN C 113 -18.38 22.94 10.19
CA GLN C 113 -16.99 22.99 9.79
C GLN C 113 -16.79 22.98 8.27
N ARG C 114 -17.76 22.47 7.50
CA ARG C 114 -17.60 22.51 6.06
C ARG C 114 -17.65 23.94 5.55
N ALA C 115 -18.53 24.75 6.14
CA ALA C 115 -18.69 26.12 5.72
C ALA C 115 -17.53 27.00 6.21
N TRP C 116 -16.96 26.70 7.37
CA TRP C 116 -15.78 27.39 7.86
C TRP C 116 -14.57 27.13 6.98
N HIS C 117 -14.53 25.96 6.32
CA HIS C 117 -13.42 25.54 5.46
C HIS C 117 -13.74 25.69 3.98
N ASP C 118 -14.79 26.40 3.64
CA ASP C 118 -15.20 26.53 2.24
C ASP C 118 -14.57 27.80 1.69
N LEU C 119 -13.65 27.65 0.75
CA LEU C 119 -12.92 28.79 0.20
C LEU C 119 -13.83 29.81 -0.50
N THR C 120 -15.05 29.42 -0.87
CA THR C 120 -15.97 30.37 -1.49
C THR C 120 -16.74 31.19 -0.46
N GLN C 121 -16.72 30.81 0.80
CA GLN C 121 -17.34 31.58 1.87
C GLN C 121 -16.31 32.44 2.60
N ALA C 122 -16.81 33.31 3.48
CA ALA C 122 -16.06 34.51 3.85
C ALA C 122 -14.80 34.21 4.65
N VAL C 123 -14.82 33.18 5.50
CA VAL C 123 -13.75 32.98 6.46
C VAL C 123 -12.57 32.25 5.81
N ALA C 124 -12.81 31.07 5.24
CA ALA C 124 -11.74 30.36 4.55
C ALA C 124 -11.16 31.19 3.42
N ARG C 125 -12.00 31.98 2.74
CA ARG C 125 -11.47 32.94 1.78
C ARG C 125 -10.58 33.99 2.48
N ALA C 126 -11.02 34.51 3.64
CA ALA C 126 -10.16 35.44 4.37
C ALA C 126 -8.83 34.80 4.77
N ASP C 127 -8.85 33.51 5.12
CA ASP C 127 -7.64 32.85 5.62
C ASP C 127 -6.49 32.84 4.61
N ILE C 128 -6.78 33.10 3.33
CA ILE C 128 -5.69 33.21 2.36
C ILE C 128 -4.73 34.35 2.75
N SER C 129 -5.21 35.33 3.52
CA SER C 129 -4.35 36.39 4.07
C SER C 129 -3.17 35.85 4.87
N PHE C 130 -3.28 34.64 5.41
CA PHE C 130 -2.15 34.06 6.12
C PHE C 130 -0.96 33.81 5.19
N THR C 131 -1.18 33.73 3.88
CA THR C 131 -0.06 33.53 2.96
C THR C 131 0.89 34.70 2.99
N ARG C 132 0.44 35.86 3.45
CA ARG C 132 1.30 37.02 3.58
C ARG C 132 1.53 37.39 5.04
N LEU C 133 1.49 36.39 5.91
CA LEU C 133 1.78 36.59 7.33
C LEU C 133 3.07 37.37 7.61
N PRO C 134 4.17 37.18 6.87
CA PRO C 134 5.37 38.00 7.19
C PRO C 134 5.11 39.49 7.12
N ASP C 135 4.44 39.96 6.05
CA ASP C 135 4.04 41.38 5.94
C ASP C 135 3.29 41.86 7.17
N ALA C 136 2.41 41.02 7.71
CA ALA C 136 1.63 41.42 8.88
C ALA C 136 2.49 41.48 10.13
N ILE C 137 3.45 40.57 10.26
CA ILE C 137 4.37 40.68 11.38
C ILE C 137 5.32 41.87 11.17
N ARG C 138 5.60 42.26 9.93
CA ARG C 138 6.53 43.35 9.69
C ARG C 138 5.87 44.68 10.04
N THR C 139 4.57 44.80 9.75
CA THR C 139 3.85 46.06 9.80
C THR C 139 2.82 46.16 10.92
N GLY C 140 2.32 45.03 11.41
CA GLY C 140 1.19 45.05 12.30
C GLY C 140 -0.14 45.32 11.62
N ARG C 141 -0.16 45.51 10.24
CA ARG C 141 -1.34 45.81 9.44
C ARG C 141 -1.85 44.56 8.72
N PRO C 142 -3.15 44.51 8.43
CA PRO C 142 -3.73 43.30 7.81
C PRO C 142 -3.30 43.13 6.35
N THR C 143 -3.24 41.88 5.94
CA THR C 143 -2.86 41.53 4.59
C THR C 143 -4.04 41.30 3.66
N TYR C 144 -5.28 41.31 4.17
CA TYR C 144 -6.46 40.95 3.38
C TYR C 144 -6.59 41.80 2.13
N GLU C 145 -6.46 43.11 2.28
CA GLU C 145 -6.68 44.04 1.18
C GLU C 145 -5.66 43.88 0.07
N SER C 146 -4.44 43.49 0.41
CA SER C 146 -3.40 43.33 -0.60
C SER C 146 -3.65 42.12 -1.48
N ILE C 147 -4.55 41.24 -1.05
CA ILE C 147 -4.91 40.06 -1.82
C ILE C 147 -6.20 40.28 -2.61
N TYR C 148 -7.20 40.94 -2.01
CA TYR C 148 -8.56 40.99 -2.53
C TYR C 148 -9.00 42.38 -2.99
N GLY C 149 -8.21 43.43 -2.72
CA GLY C 149 -8.47 44.75 -3.26
C GLY C 149 -9.15 45.71 -2.31
N LYS C 150 -9.76 45.22 -1.25
CA LYS C 150 -10.42 46.12 -0.32
C LYS C 150 -10.28 45.51 1.07
N PRO C 151 -10.33 46.35 2.10
CA PRO C 151 -10.33 45.81 3.47
C PRO C 151 -11.54 44.94 3.70
N PHE C 152 -11.48 44.18 4.79
CA PHE C 152 -12.35 43.03 4.97
C PHE C 152 -13.81 43.39 4.81
N TYR C 153 -14.31 44.34 5.62
CA TYR C 153 -15.72 44.67 5.63
C TYR C 153 -16.13 45.45 4.39
N GLU C 154 -15.21 46.20 3.78
CA GLU C 154 -15.54 46.89 2.53
C GLU C 154 -15.69 45.90 1.39
N ASP C 155 -14.90 44.82 1.43
CA ASP C 155 -15.04 43.75 0.45
C ASP C 155 -16.40 43.08 0.55
N LEU C 156 -16.89 42.85 1.79
CA LEU C 156 -18.19 42.21 1.96
C LEU C 156 -19.34 43.14 1.55
N ALA C 157 -19.19 44.44 1.80
CA ALA C 157 -20.18 45.42 1.35
C ALA C 157 -20.42 45.35 -0.14
N GLY C 158 -19.47 44.77 -0.90
CA GLY C 158 -19.60 44.69 -2.34
C GLY C 158 -19.89 43.29 -2.85
N ARG C 159 -19.96 42.32 -1.95
CA ARG C 159 -20.06 40.90 -2.30
C ARG C 159 -21.13 40.25 -1.44
N PRO C 160 -22.41 40.34 -1.84
CA PRO C 160 -23.49 39.89 -0.96
C PRO C 160 -23.41 38.43 -0.60
N ASP C 161 -22.88 37.59 -1.50
CA ASP C 161 -22.63 36.20 -1.14
C ASP C 161 -21.71 36.11 0.06
N LEU C 162 -20.66 36.94 0.09
CA LEU C 162 -19.69 36.89 1.17
C LEU C 162 -20.27 37.49 2.45
N ARG C 163 -20.91 38.66 2.32
CA ARG C 163 -21.65 39.25 3.44
C ARG C 163 -22.57 38.25 4.14
N ALA C 164 -23.38 37.51 3.36
CA ALA C 164 -24.31 36.57 3.97
C ALA C 164 -23.61 35.33 4.53
N SER C 165 -22.58 34.81 3.85
CA SER C 165 -21.89 33.64 4.40
CA SER C 165 -21.89 33.63 4.39
C SER C 165 -21.16 33.97 5.69
N PHE C 166 -20.63 35.18 5.81
CA PHE C 166 -19.99 35.60 7.07
C PHE C 166 -21.00 35.71 8.20
N ASP C 167 -22.12 36.39 7.96
CA ASP C 167 -23.12 36.56 9.01
C ASP C 167 -23.70 35.21 9.45
N SER C 168 -23.83 34.25 8.52
CA SER C 168 -24.27 32.91 8.87
C SER C 168 -23.22 32.18 9.71
N LEU C 169 -21.96 32.28 9.32
CA LEU C 169 -20.88 31.66 10.09
C LEU C 169 -20.80 32.23 11.49
N MET C 170 -20.97 33.55 11.63
CA MET C 170 -20.93 34.14 12.96
C MET C 170 -22.04 33.64 13.87
N THR C 171 -23.19 33.21 13.31
CA THR C 171 -24.24 32.70 14.20
C THR C 171 -24.01 31.24 14.56
N THR C 172 -23.34 30.45 13.72
CA THR C 172 -22.95 29.10 14.11
C THR C 172 -21.77 29.09 15.08
N ARG C 173 -21.05 30.20 15.20
CA ARG C 173 -19.96 30.26 16.17
C ARG C 173 -20.47 29.99 17.59
N GLU C 174 -21.71 30.36 17.88
CA GLU C 174 -22.30 30.13 19.19
C GLU C 174 -22.67 28.66 19.30
N ASP C 175 -21.98 27.92 20.19
CA ASP C 175 -22.29 26.53 20.46
C ASP C 175 -23.64 26.38 21.15
N THR C 176 -24.32 27.50 21.41
CA THR C 176 -25.75 27.54 21.70
C THR C 176 -26.37 28.53 20.72
N ALA C 177 -27.57 29.01 21.03
CA ALA C 177 -28.12 30.12 20.23
C ALA C 177 -27.94 31.44 20.99
N PHE C 178 -26.70 31.74 21.39
CA PHE C 178 -26.35 32.89 22.23
C PHE C 178 -26.99 32.83 23.62
N ALA C 179 -27.49 31.66 24.03
CA ALA C 179 -28.16 31.58 25.32
C ALA C 179 -27.17 31.65 26.49
N ALA C 180 -26.00 31.01 26.34
CA ALA C 180 -25.00 31.09 27.41
C ALA C 180 -24.67 32.52 27.82
N PRO C 181 -24.30 33.45 26.92
CA PRO C 181 -24.01 34.81 27.38
CA PRO C 181 -24.02 34.82 27.38
C PRO C 181 -25.25 35.57 27.84
N ALA C 182 -26.42 35.23 27.30
CA ALA C 182 -27.64 35.88 27.76
C ALA C 182 -28.08 35.36 29.11
N ALA C 183 -27.60 34.17 29.51
CA ALA C 183 -27.88 33.64 30.84
C ALA C 183 -26.96 34.22 31.92
N ALA C 184 -25.94 34.99 31.55
CA ALA C 184 -24.90 35.42 32.48
C ALA C 184 -25.03 36.89 32.86
N TYR C 185 -26.19 37.49 32.62
CA TYR C 185 -26.44 38.86 33.03
C TYR C 185 -27.85 38.96 33.59
N ASP C 186 -28.03 39.78 34.62
CA ASP C 186 -29.36 40.05 35.14
C ASP C 186 -30.05 41.11 34.27
N TRP C 187 -31.19 40.75 33.68
CA TRP C 187 -31.91 41.64 32.81
C TRP C 187 -33.11 42.31 33.49
N THR C 188 -33.24 42.23 34.81
CA THR C 188 -34.47 42.73 35.45
C THR C 188 -34.54 44.25 35.39
N ASN C 189 -33.42 44.93 35.62
CA ASN C 189 -33.35 46.38 35.69
C ASN C 189 -33.04 47.02 34.34
N VAL C 190 -33.22 46.28 33.24
CA VAL C 190 -32.88 46.77 31.90
C VAL C 190 -34.17 46.94 31.12
N ARG C 191 -34.32 48.09 30.48
CA ARG C 191 -35.49 48.36 29.63
C ARG C 191 -35.18 48.24 28.14
N HIS C 192 -34.06 48.80 27.69
CA HIS C 192 -33.69 48.66 26.29
C HIS C 192 -32.23 48.22 26.17
N VAL C 193 -32.01 47.25 25.29
CA VAL C 193 -30.69 46.77 24.93
C VAL C 193 -30.38 47.31 23.55
N LEU C 194 -29.15 47.76 23.37
CA LEU C 194 -28.63 48.12 22.05
C LEU C 194 -27.47 47.19 21.73
N ASP C 195 -27.58 46.42 20.64
CA ASP C 195 -26.57 45.43 20.27
C ASP C 195 -25.80 45.98 19.08
N VAL C 196 -24.60 46.49 19.37
CA VAL C 196 -23.79 47.25 18.42
C VAL C 196 -22.97 46.26 17.59
N GLY C 197 -23.10 46.30 16.28
CA GLY C 197 -22.54 45.23 15.47
C GLY C 197 -23.13 43.88 15.87
N GLY C 198 -24.45 43.82 16.02
CA GLY C 198 -25.17 42.65 16.47
C GLY C 198 -25.34 41.52 15.48
N GLY C 199 -24.81 41.66 14.27
CA GLY C 199 -24.86 40.54 13.34
C GLY C 199 -26.28 40.29 12.90
N ASN C 200 -26.66 39.00 12.88
CA ASN C 200 -27.95 38.55 12.41
C ASN C 200 -29.02 38.60 13.51
N GLY C 201 -28.71 39.22 14.64
CA GLY C 201 -29.67 39.39 15.72
C GLY C 201 -29.69 38.30 16.77
N GLY C 202 -28.75 37.36 16.72
CA GLY C 202 -28.82 36.21 17.59
C GLY C 202 -28.81 36.55 19.06
N PHE C 203 -27.95 37.49 19.45
CA PHE C 203 -27.79 37.85 20.86
C PHE C 203 -29.02 38.61 21.38
N ALA C 204 -29.53 39.56 20.58
CA ALA C 204 -30.74 40.26 20.98
C ALA C 204 -31.91 39.29 21.09
N ALA C 205 -32.06 38.42 20.11
CA ALA C 205 -33.11 37.40 20.18
C ALA C 205 -32.99 36.56 21.45
N ALA C 206 -31.75 36.19 21.84
CA ALA C 206 -31.60 35.34 23.03
C ALA C 206 -31.87 36.11 24.32
N ILE C 207 -31.53 37.40 24.35
CA ILE C 207 -31.88 38.22 25.51
C ILE C 207 -33.39 38.33 25.64
N ALA C 208 -34.06 38.70 24.55
CA ALA C 208 -35.50 38.77 24.49
C ALA C 208 -36.16 37.50 25.01
N ARG C 209 -35.75 36.36 24.47
CA ARG C 209 -36.34 35.08 24.85
C ARG C 209 -36.26 34.85 26.35
N ARG C 210 -35.22 35.38 27.00
CA ARG C 210 -35.01 35.19 28.43
C ARG C 210 -35.72 36.23 29.27
N ALA C 211 -36.02 37.40 28.72
CA ALA C 211 -36.53 38.54 29.49
C ALA C 211 -37.61 39.24 28.69
N PRO C 212 -38.88 38.86 28.90
CA PRO C 212 -39.96 39.39 28.04
C PRO C 212 -40.14 40.90 28.13
N HIS C 213 -39.70 41.54 29.20
CA HIS C 213 -39.92 42.97 29.36
C HIS C 213 -38.94 43.84 28.56
N VAL C 214 -37.91 43.27 27.95
CA VAL C 214 -36.85 44.05 27.33
C VAL C 214 -37.15 44.25 25.86
N SER C 215 -37.00 45.48 25.38
CA SER C 215 -36.87 45.74 23.95
C SER C 215 -35.38 45.86 23.58
N ALA C 216 -35.11 45.68 22.29
CA ALA C 216 -33.75 45.66 21.79
C ALA C 216 -33.71 46.31 20.42
N THR C 217 -32.56 46.93 20.12
CA THR C 217 -32.21 47.41 18.80
C THR C 217 -30.89 46.79 18.38
N VAL C 218 -30.80 46.39 17.13
CA VAL C 218 -29.58 45.86 16.55
C VAL C 218 -29.03 46.91 15.62
N LEU C 219 -27.74 47.23 15.77
CA LEU C 219 -27.05 48.17 14.88
C LEU C 219 -26.09 47.38 14.01
N GLU C 220 -26.25 47.47 12.70
CA GLU C 220 -25.47 46.63 11.80
C GLU C 220 -25.31 47.33 10.47
N MET C 221 -24.54 46.68 9.60
CA MET C 221 -24.15 47.21 8.30
C MET C 221 -25.25 46.93 7.27
N ALA C 222 -25.15 47.64 6.13
CA ALA C 222 -25.94 47.25 4.97
C ALA C 222 -25.81 45.75 4.72
N GLY C 223 -26.89 45.14 4.21
CA GLY C 223 -26.90 43.70 3.99
C GLY C 223 -27.22 42.88 5.23
N THR C 224 -26.37 42.98 6.26
CA THR C 224 -26.61 42.25 7.50
C THR C 224 -27.95 42.61 8.13
N VAL C 225 -28.37 43.87 8.02
CA VAL C 225 -29.62 44.29 8.66
C VAL C 225 -30.80 43.52 8.10
N ASP C 226 -30.79 43.25 6.78
CA ASP C 226 -31.89 42.51 6.18
C ASP C 226 -31.95 41.08 6.71
N THR C 227 -30.82 40.37 6.73
CA THR C 227 -30.84 39.03 7.29
C THR C 227 -31.11 39.07 8.79
N ALA C 228 -30.67 40.14 9.46
CA ALA C 228 -30.99 40.28 10.87
C ALA C 228 -32.49 40.39 11.07
N ARG C 229 -33.18 41.15 10.21
CA ARG C 229 -34.62 41.35 10.28
C ARG C 229 -35.37 40.06 9.95
N SER C 230 -34.94 39.36 8.89
CA SER C 230 -35.54 38.07 8.57
C SER C 230 -35.46 37.12 9.76
N TYR C 231 -34.32 37.10 10.43
CA TYR C 231 -34.13 36.17 11.53
C TYR C 231 -35.03 36.53 12.72
N LEU C 232 -35.22 37.82 12.97
CA LEU C 232 -36.01 38.20 14.14
C LEU C 232 -37.50 38.07 13.85
N LYS C 233 -37.89 38.31 12.60
CA LYS C 233 -39.21 37.91 12.12
C LYS C 233 -39.49 36.44 12.43
N ASP C 234 -38.73 35.53 11.81
CA ASP C 234 -38.95 34.09 11.96
C ASP C 234 -38.77 33.58 13.39
N GLU C 235 -38.14 34.36 14.26
CA GLU C 235 -38.13 34.05 15.68
C GLU C 235 -39.43 34.48 16.37
N GLY C 236 -40.25 35.28 15.73
CA GLY C 236 -41.40 35.84 16.41
C GLY C 236 -41.07 37.01 17.30
N LEU C 237 -40.04 37.78 16.94
CA LEU C 237 -39.52 38.83 17.80
C LEU C 237 -39.54 40.21 17.15
N SER C 238 -40.15 40.34 15.97
CA SER C 238 -40.10 41.60 15.23
C SER C 238 -40.75 42.77 15.98
N ASP C 239 -41.67 42.49 16.91
CA ASP C 239 -42.29 43.53 17.71
C ASP C 239 -41.54 43.80 19.01
N ARG C 240 -40.34 43.25 19.16
CA ARG C 240 -39.55 43.46 20.37
C ARG C 240 -38.12 43.89 20.06
N VAL C 241 -37.61 43.47 18.91
CA VAL C 241 -36.25 43.79 18.50
C VAL C 241 -36.31 44.39 17.11
N ASP C 242 -35.90 45.65 16.98
CA ASP C 242 -35.80 46.24 15.66
C ASP C 242 -34.33 46.37 15.26
N VAL C 243 -34.10 46.70 14.01
CA VAL C 243 -32.78 46.68 13.41
C VAL C 243 -32.56 48.00 12.71
N VAL C 244 -31.49 48.71 13.09
CA VAL C 244 -31.11 49.98 12.49
C VAL C 244 -29.84 49.77 11.68
N GLU C 245 -29.81 50.34 10.48
CA GLU C 245 -28.65 50.29 9.64
C GLU C 245 -27.80 51.53 9.92
N GLY C 246 -26.56 51.33 10.33
CA GLY C 246 -25.73 52.46 10.71
CA GLY C 246 -25.72 52.45 10.70
C GLY C 246 -24.29 52.03 10.93
N ASP C 247 -23.46 53.01 11.18
CA ASP C 247 -22.03 52.86 11.37
C ASP C 247 -21.73 53.16 12.84
N PHE C 248 -21.23 52.18 13.60
CA PHE C 248 -21.06 52.46 15.02
C PHE C 248 -19.89 53.39 15.33
N PHE C 249 -19.18 53.88 14.30
CA PHE C 249 -18.25 54.96 14.53
C PHE C 249 -18.96 56.30 14.60
N GLU C 250 -20.20 56.35 14.14
CA GLU C 250 -21.06 57.52 14.21
C GLU C 250 -21.87 57.50 15.49
N PRO C 251 -22.50 58.61 15.87
CA PRO C 251 -23.36 58.61 17.05
C PRO C 251 -24.38 57.49 16.94
N LEU C 252 -24.49 56.69 18.00
CA LEU C 252 -25.38 55.54 18.00
C LEU C 252 -26.84 55.98 17.83
N PRO C 253 -27.70 55.12 17.26
CA PRO C 253 -29.04 55.61 16.86
C PRO C 253 -29.95 55.99 18.03
N ARG C 254 -29.81 55.39 19.21
CA ARG C 254 -30.60 55.77 20.38
C ARG C 254 -29.75 55.57 21.62
N LYS C 255 -30.37 55.79 22.78
CA LYS C 255 -29.78 55.52 24.09
C LYS C 255 -30.27 54.17 24.62
N ALA C 256 -29.52 53.61 25.57
CA ALA C 256 -29.88 52.27 26.02
C ALA C 256 -29.34 52.01 27.42
N ASP C 257 -29.92 51.02 28.09
CA ASP C 257 -29.53 50.64 29.44
C ASP C 257 -28.44 49.59 29.45
N ALA C 258 -28.33 48.81 28.39
CA ALA C 258 -27.32 47.78 28.26
C ALA C 258 -26.89 47.80 26.79
N ILE C 259 -25.59 47.92 26.56
CA ILE C 259 -25.05 48.03 25.22
C ILE C 259 -24.08 46.88 25.03
N ILE C 260 -24.35 46.07 24.02
CA ILE C 260 -23.64 44.84 23.77
C ILE C 260 -22.65 45.08 22.65
N LEU C 261 -21.41 44.67 22.88
CA LEU C 261 -20.35 44.59 21.88
C LEU C 261 -19.89 43.13 21.93
N SER C 262 -20.47 42.31 21.04
CA SER C 262 -20.19 40.87 21.01
C SER C 262 -19.26 40.56 19.84
N PHE C 263 -18.08 40.03 20.16
CA PHE C 263 -17.03 39.77 19.17
C PHE C 263 -16.97 40.88 18.12
N VAL C 264 -16.91 42.11 18.62
CA VAL C 264 -16.74 43.31 17.78
C VAL C 264 -15.33 43.88 17.92
N LEU C 265 -14.92 44.16 19.15
CA LEU C 265 -13.72 44.98 19.37
C LEU C 265 -12.43 44.24 19.01
N LEU C 266 -12.44 42.91 19.07
CA LEU C 266 -11.29 42.17 18.58
C LEU C 266 -11.08 42.40 17.09
N ASN C 267 -12.08 42.89 16.35
CA ASN C 267 -11.88 43.25 14.95
C ASN C 267 -11.04 44.52 14.76
N TRP C 268 -10.74 45.24 15.82
CA TRP C 268 -10.29 46.60 15.64
C TRP C 268 -9.01 46.82 16.40
N PRO C 269 -8.12 47.66 15.88
CA PRO C 269 -6.97 48.10 16.66
C PRO C 269 -7.41 49.05 17.77
N ASP C 270 -6.50 49.27 18.72
CA ASP C 270 -6.81 49.98 19.96
C ASP C 270 -7.60 51.26 19.70
N HIS C 271 -7.12 52.09 18.79
CA HIS C 271 -7.72 53.41 18.65
C HIS C 271 -9.13 53.30 18.09
N ASP C 272 -9.36 52.35 17.20
CA ASP C 272 -10.72 52.12 16.73
C ASP C 272 -11.59 51.58 17.87
N ALA C 273 -11.04 50.65 18.66
CA ALA C 273 -11.79 50.08 19.77
C ALA C 273 -12.22 51.14 20.79
N VAL C 274 -11.35 52.12 21.07
CA VAL C 274 -11.73 53.16 22.03
C VAL C 274 -12.85 54.02 21.45
N ARG C 275 -12.73 54.43 20.18
CA ARG C 275 -13.79 55.21 19.55
C ARG C 275 -15.13 54.47 19.60
N ILE C 276 -15.12 53.15 19.39
CA ILE C 276 -16.35 52.37 19.52
C ILE C 276 -16.86 52.43 20.95
N LEU C 277 -16.00 52.08 21.91
CA LEU C 277 -16.36 52.20 23.33
C LEU C 277 -16.90 53.58 23.65
N THR C 278 -16.28 54.62 23.08
CA THR C 278 -16.67 55.98 23.40
C THR C 278 -18.06 56.30 22.84
N ARG C 279 -18.38 55.78 21.65
CA ARG C 279 -19.72 55.94 21.12
C ARG C 279 -20.75 55.28 22.04
N CYS C 280 -20.39 54.11 22.60
CA CYS C 280 -21.31 53.39 23.46
C CYS C 280 -21.47 54.11 24.81
N ALA C 281 -20.37 54.60 25.37
CA ALA C 281 -20.43 55.33 26.62
C ALA C 281 -21.35 56.55 26.52
N GLU C 282 -21.32 57.25 25.38
CA GLU C 282 -22.21 58.39 25.19
C GLU C 282 -23.68 58.00 25.08
N ALA C 283 -23.99 56.73 24.76
CA ALA C 283 -25.36 56.29 24.53
C ALA C 283 -25.96 55.61 25.76
N LEU C 284 -25.20 55.45 26.83
CA LEU C 284 -25.72 54.74 27.99
C LEU C 284 -26.78 55.57 28.71
N GLU C 285 -27.81 54.92 29.21
CA GLU C 285 -28.67 55.57 30.19
C GLU C 285 -27.92 55.67 31.51
N PRO C 286 -28.36 56.59 32.38
CA PRO C 286 -27.81 56.62 33.73
C PRO C 286 -27.95 55.26 34.41
N GLY C 287 -26.84 54.74 34.91
CA GLY C 287 -26.79 53.42 35.47
C GLY C 287 -26.62 52.29 34.47
N GLY C 288 -26.62 52.59 33.17
CA GLY C 288 -26.46 51.55 32.18
C GLY C 288 -25.08 50.91 32.19
N ARG C 289 -24.99 49.72 31.58
CA ARG C 289 -23.73 49.01 31.47
C ARG C 289 -23.39 48.70 30.01
N ILE C 290 -22.09 48.58 29.74
CA ILE C 290 -21.60 48.05 28.46
C ILE C 290 -21.17 46.61 28.69
N LEU C 291 -21.70 45.70 27.88
CA LEU C 291 -21.33 44.30 27.93
C LEU C 291 -20.43 44.01 26.74
N ILE C 292 -19.20 43.58 27.02
CA ILE C 292 -18.26 43.13 26.01
C ILE C 292 -18.25 41.61 26.07
N HIS C 293 -18.61 40.97 24.96
CA HIS C 293 -18.68 39.52 24.92
C HIS C 293 -17.49 39.04 24.09
N GLU C 294 -16.52 38.43 24.75
CA GLU C 294 -15.29 37.99 24.10
C GLU C 294 -14.58 36.92 24.93
N ASP C 304 -5.21 24.28 23.34
CA ASP C 304 -5.77 25.39 24.11
C ASP C 304 -5.32 26.74 23.54
N ARG C 305 -4.05 27.10 23.78
CA ARG C 305 -3.47 28.29 23.16
C ARG C 305 -3.42 28.16 21.64
N PHE C 306 -3.41 26.92 21.11
CA PHE C 306 -3.49 26.69 19.66
C PHE C 306 -4.66 27.45 19.05
N PHE C 307 -5.83 27.36 19.68
CA PHE C 307 -7.01 28.00 19.14
C PHE C 307 -7.09 29.48 19.53
N SER C 308 -6.56 29.85 20.69
CA SER C 308 -6.49 31.27 21.03
C SER C 308 -5.61 32.02 20.03
N THR C 309 -4.40 31.49 19.74
CA THR C 309 -3.55 32.16 18.77
C THR C 309 -4.15 32.15 17.37
N LEU C 310 -4.92 31.10 17.03
CA LEU C 310 -5.62 31.08 15.75
C LEU C 310 -6.56 32.26 15.60
N LEU C 311 -7.33 32.59 16.65
CA LEU C 311 -8.21 33.75 16.54
C LEU C 311 -7.43 35.06 16.57
N ASP C 312 -6.36 35.13 17.36
CA ASP C 312 -5.63 36.38 17.42
C ASP C 312 -4.85 36.65 16.12
N LEU C 313 -4.34 35.62 15.47
CA LEU C 313 -3.64 35.86 14.21
C LEU C 313 -4.60 36.09 13.06
N ARG C 314 -5.80 35.53 13.15
CA ARG C 314 -6.82 35.86 12.17
C ARG C 314 -7.17 37.34 12.26
N MET C 315 -7.33 37.87 13.47
CA MET C 315 -7.62 39.28 13.59
C MET C 315 -6.48 40.14 13.04
N LEU C 316 -5.24 39.72 13.25
CA LEU C 316 -4.13 40.48 12.69
C LEU C 316 -4.25 40.57 11.18
N VAL C 317 -4.34 39.42 10.50
CA VAL C 317 -4.20 39.40 9.06
C VAL C 317 -5.48 39.76 8.36
N PHE C 318 -6.65 39.56 9.02
CA PHE C 318 -7.93 39.97 8.43
C PHE C 318 -8.14 41.46 8.57
N LEU C 319 -7.93 41.97 9.77
CA LEU C 319 -8.48 43.28 10.15
C LEU C 319 -7.51 44.15 10.94
N GLY C 320 -6.45 43.61 11.49
CA GLY C 320 -5.58 44.42 12.33
C GLY C 320 -6.02 44.50 13.77
N GLY C 321 -7.06 43.75 14.15
CA GLY C 321 -7.48 43.63 15.53
C GLY C 321 -6.63 42.60 16.24
N ALA C 322 -7.14 42.15 17.39
CA ALA C 322 -6.33 41.34 18.29
C ALA C 322 -7.20 40.88 19.44
N LEU C 323 -6.80 39.79 20.08
CA LEU C 323 -7.30 39.44 21.39
C LEU C 323 -6.61 40.29 22.46
N ARG C 324 -7.24 40.41 23.61
CA ARG C 324 -6.72 41.32 24.60
C ARG C 324 -6.75 40.70 25.99
N THR C 325 -5.73 41.00 26.77
CA THR C 325 -5.64 40.50 28.12
C THR C 325 -6.50 41.37 29.02
N ARG C 326 -6.82 40.84 30.21
CA ARG C 326 -7.57 41.62 31.20
C ARG C 326 -6.92 42.98 31.44
N GLU C 327 -5.59 43.01 31.55
CA GLU C 327 -4.89 44.28 31.77
C GLU C 327 -4.97 45.20 30.56
N LYS C 328 -5.04 44.64 29.34
CA LYS C 328 -5.21 45.49 28.16
C LYS C 328 -6.60 46.11 28.14
N TRP C 329 -7.61 45.36 28.60
CA TRP C 329 -8.97 45.87 28.71
C TRP C 329 -9.06 47.03 29.70
N ASP C 330 -8.31 46.97 30.81
CA ASP C 330 -8.32 48.09 31.76
C ASP C 330 -7.85 49.37 31.07
N GLY C 331 -6.81 49.28 30.24
CA GLY C 331 -6.31 50.45 29.55
C GLY C 331 -7.30 51.00 28.53
N LEU C 332 -7.87 50.11 27.71
CA LEU C 332 -8.81 50.57 26.70
C LEU C 332 -10.06 51.15 27.34
N ALA C 333 -10.49 50.58 28.46
CA ALA C 333 -11.62 51.13 29.19
C ALA C 333 -11.36 52.57 29.60
N ALA C 334 -10.18 52.84 30.19
CA ALA C 334 -9.92 54.17 30.72
C ALA C 334 -9.90 55.23 29.64
N SER C 335 -9.35 54.90 28.45
CA SER C 335 -9.29 55.89 27.40
C SER C 335 -10.68 56.29 26.90
N ALA C 336 -11.70 55.49 27.23
CA ALA C 336 -13.07 55.73 26.81
C ALA C 336 -13.94 56.29 27.93
N GLY C 337 -13.40 56.45 29.14
CA GLY C 337 -14.17 56.96 30.25
C GLY C 337 -14.89 55.91 31.05
N LEU C 338 -14.39 54.69 31.08
CA LEU C 338 -15.08 53.58 31.71
C LEU C 338 -14.11 52.77 32.56
N VAL C 339 -14.67 51.86 33.35
CA VAL C 339 -13.91 50.93 34.18
C VAL C 339 -14.52 49.56 33.96
N VAL C 340 -13.69 48.53 34.11
CA VAL C 340 -14.18 47.15 34.09
C VAL C 340 -14.67 46.84 35.51
N GLU C 341 -15.97 46.62 35.67
CA GLU C 341 -16.49 46.25 36.98
C GLU C 341 -16.21 44.78 37.30
N GLU C 342 -16.34 43.90 36.32
CA GLU C 342 -16.27 42.47 36.57
C GLU C 342 -16.12 41.72 35.26
N VAL C 343 -15.77 40.44 35.36
CA VAL C 343 -15.63 39.56 34.20
C VAL C 343 -16.36 38.26 34.56
N ARG C 344 -17.60 38.13 34.09
CA ARG C 344 -18.41 36.95 34.37
C ARG C 344 -17.81 35.70 33.73
N GLY C 345 -17.79 34.62 34.51
CA GLY C 345 -16.92 33.49 34.29
C GLY C 345 -17.05 32.80 32.95
N PRO C 346 -16.14 31.88 32.66
CA PRO C 346 -16.07 31.25 31.34
C PRO C 346 -17.36 30.58 30.91
N LEU C 347 -17.87 31.02 29.77
CA LEU C 347 -19.11 30.51 29.23
C LEU C 347 -18.79 29.38 28.25
N VAL C 348 -19.37 28.20 28.49
CA VAL C 348 -19.28 27.10 27.53
C VAL C 348 -20.65 26.59 27.12
N PRO C 353 -14.57 24.82 21.25
CA PRO C 353 -13.25 25.01 20.65
C PRO C 353 -12.48 26.18 21.25
N LEU C 354 -13.19 27.05 21.98
CA LEU C 354 -12.63 28.20 22.68
C LEU C 354 -13.81 28.66 23.53
N ASP C 355 -13.60 28.84 24.83
CA ASP C 355 -14.61 29.46 25.67
C ASP C 355 -14.52 30.98 25.54
N SER C 356 -15.53 31.66 26.08
CA SER C 356 -15.57 33.14 26.03
C SER C 356 -16.07 33.70 27.35
N CYS C 357 -16.10 35.01 27.47
CA CYS C 357 -16.49 35.64 28.74
C CYS C 357 -17.30 36.90 28.48
N LEU C 358 -17.73 37.56 29.55
CA LEU C 358 -18.56 38.78 29.43
C LEU C 358 -18.00 39.85 30.34
N LEU C 359 -17.36 40.85 29.76
CA LEU C 359 -16.83 41.97 30.49
C LEU C 359 -17.94 42.99 30.70
N VAL C 360 -18.24 43.31 31.96
CA VAL C 360 -19.23 44.33 32.28
C VAL C 360 -18.48 45.61 32.58
N LEU C 361 -18.78 46.67 31.82
CA LEU C 361 -18.11 47.95 31.96
C LEU C 361 -19.09 49.02 32.42
N ALA C 362 -18.60 49.97 33.19
CA ALA C 362 -19.41 51.04 33.77
C ALA C 362 -18.69 52.37 33.59
N PRO C 363 -19.41 53.48 33.52
CA PRO C 363 -18.74 54.78 33.41
C PRO C 363 -17.79 55.03 34.58
N ALA C 364 -16.68 55.65 34.28
CA ALA C 364 -15.65 55.87 35.29
C ALA C 364 -16.22 56.70 36.44
N ALA C 365 -16.01 56.24 37.66
N ILE D 24 -15.90 17.41 19.40
CA ILE D 24 -15.39 16.67 20.54
C ILE D 24 -13.85 16.72 20.42
N ASP D 25 -13.19 15.58 20.62
CA ASP D 25 -11.84 15.43 20.11
C ASP D 25 -11.81 15.51 18.59
N ALA D 26 -12.92 15.17 17.94
CA ALA D 26 -12.99 15.19 16.48
C ALA D 26 -12.96 16.62 15.95
N LEU D 27 -13.62 17.55 16.64
CA LEU D 27 -13.68 18.92 16.18
C LEU D 27 -12.31 19.61 16.29
N ARG D 28 -11.67 19.51 17.45
CA ARG D 28 -10.30 19.97 17.59
C ARG D 28 -9.40 19.35 16.51
N THR D 29 -9.52 18.05 16.26
CA THR D 29 -8.70 17.40 15.25
C THR D 29 -8.90 18.05 13.88
N LEU D 30 -10.16 18.23 13.49
CA LEU D 30 -10.43 18.75 12.16
C LEU D 30 -9.99 20.19 12.02
N ILE D 31 -10.23 21.02 13.04
CA ILE D 31 -9.82 22.41 12.95
C ILE D 31 -8.32 22.51 12.85
N ARG D 32 -7.63 21.65 13.60
CA ARG D 32 -6.17 21.54 13.53
C ARG D 32 -5.71 21.14 12.14
N LEU D 33 -6.28 20.06 11.60
CA LEU D 33 -5.87 19.61 10.28
C LEU D 33 -6.15 20.66 9.22
N GLY D 34 -7.12 21.55 9.43
CA GLY D 34 -7.52 22.50 8.42
C GLY D 34 -6.88 23.86 8.50
N SER D 35 -5.97 24.08 9.44
CA SER D 35 -5.56 25.44 9.76
C SER D 35 -4.39 25.88 8.89
N LEU D 36 -4.57 27.02 8.23
CA LEU D 36 -3.51 27.68 7.51
C LEU D 36 -2.60 28.49 8.43
N HIS D 37 -3.03 28.81 9.65
CA HIS D 37 -2.16 29.67 10.45
C HIS D 37 -0.91 28.93 10.89
N THR D 38 -1.05 27.66 11.25
CA THR D 38 0.12 26.92 11.76
C THR D 38 1.24 26.78 10.72
N PRO D 39 1.00 26.32 9.49
CA PRO D 39 2.14 26.26 8.55
C PRO D 39 2.69 27.63 8.18
N MET D 40 1.84 28.65 8.15
CA MET D 40 2.37 29.95 7.79
C MET D 40 3.16 30.58 8.94
N VAL D 41 2.91 30.20 10.17
CA VAL D 41 3.73 30.69 11.27
C VAL D 41 5.13 30.08 11.17
N VAL D 42 5.22 28.80 10.91
CA VAL D 42 6.51 28.14 10.72
C VAL D 42 7.26 28.73 9.55
N ARG D 43 6.57 28.93 8.44
CA ARG D 43 7.18 29.50 7.27
C ARG D 43 7.62 30.92 7.54
N THR D 44 6.86 31.63 8.34
CA THR D 44 7.21 32.99 8.68
C THR D 44 8.44 33.00 9.59
N ALA D 45 8.46 32.11 10.58
CA ALA D 45 9.64 32.00 11.44
C ALA D 45 10.90 31.65 10.63
N ALA D 46 10.80 30.67 9.72
CA ALA D 46 11.93 30.32 8.85
C ALA D 46 12.37 31.51 8.02
N THR D 47 11.44 32.13 7.29
CA THR D 47 11.78 33.30 6.48
C THR D 47 12.50 34.37 7.29
N LEU D 48 12.02 34.65 8.51
CA LEU D 48 12.64 35.65 9.36
C LEU D 48 13.91 35.16 10.06
N ARG D 49 14.38 33.95 9.76
CA ARG D 49 15.57 33.38 10.39
C ARG D 49 15.54 33.51 11.91
N LEU D 50 14.33 33.39 12.47
CA LEU D 50 14.10 33.69 13.88
C LEU D 50 14.93 32.81 14.82
N VAL D 51 15.04 31.52 14.51
CA VAL D 51 15.79 30.59 15.35
C VAL D 51 17.29 30.91 15.30
N ASP D 52 17.80 31.26 14.11
CA ASP D 52 19.16 31.76 13.98
C ASP D 52 19.42 32.94 14.91
N HIS D 53 18.52 33.93 14.91
CA HIS D 53 18.70 35.10 15.76
C HIS D 53 18.58 34.76 17.24
N ILE D 54 17.80 33.75 17.60
CA ILE D 54 17.74 33.34 19.00
C ILE D 54 19.06 32.70 19.42
N LEU D 55 19.69 31.95 18.52
CA LEU D 55 20.93 31.26 18.85
C LEU D 55 22.12 32.20 18.86
N ALA D 56 22.09 33.24 18.02
CA ALA D 56 23.12 34.27 18.06
C ALA D 56 22.90 35.29 19.20
N GLY D 57 22.07 34.99 20.19
CA GLY D 57 21.92 35.92 21.29
C GLY D 57 20.53 36.38 21.67
N ALA D 58 19.73 36.83 20.70
CA ALA D 58 18.48 37.53 21.00
C ALA D 58 17.40 36.55 21.45
N ARG D 59 17.29 36.34 22.77
CA ARG D 59 16.21 35.54 23.34
C ARG D 59 14.98 36.37 23.70
N THR D 60 15.13 37.70 23.75
CA THR D 60 14.07 38.62 24.16
C THR D 60 13.39 39.26 22.95
N VAL D 61 12.13 39.65 23.15
CA VAL D 61 11.28 40.04 22.03
C VAL D 61 11.74 41.33 21.36
N LYS D 62 12.28 42.29 22.14
CA LYS D 62 12.70 43.57 21.56
C LYS D 62 13.97 43.42 20.71
N ALA D 63 14.96 42.67 21.20
CA ALA D 63 16.12 42.40 20.36
C ALA D 63 15.71 41.60 19.13
N LEU D 64 14.96 40.51 19.34
CA LEU D 64 14.46 39.68 18.23
C LEU D 64 13.72 40.50 17.19
N ALA D 65 12.93 41.49 17.62
CA ALA D 65 12.24 42.31 16.64
C ALA D 65 13.22 43.13 15.83
N ALA D 66 14.26 43.66 16.48
CA ALA D 66 15.22 44.48 15.76
C ALA D 66 16.00 43.65 14.76
N ARG D 67 16.41 42.45 15.17
CA ARG D 67 17.11 41.56 14.23
C ARG D 67 16.23 41.24 13.04
N THR D 68 14.97 40.86 13.29
CA THR D 68 14.08 40.47 12.20
C THR D 68 13.44 41.65 11.49
N ASP D 69 13.53 42.86 12.07
CA ASP D 69 12.88 44.03 11.49
C ASP D 69 11.35 43.87 11.42
N THR D 70 10.74 43.52 12.55
CA THR D 70 9.31 43.34 12.67
C THR D 70 8.81 44.14 13.87
N ARG D 71 7.48 44.33 13.92
CA ARG D 71 6.87 44.96 15.08
C ARG D 71 6.96 44.02 16.28
N PRO D 72 7.29 44.53 17.46
CA PRO D 72 7.38 43.62 18.62
C PRO D 72 6.04 43.04 19.06
N GLU D 73 4.98 43.85 19.12
CA GLU D 73 3.65 43.35 19.44
C GLU D 73 3.26 42.19 18.51
N ALA D 74 3.46 42.39 17.21
CA ALA D 74 3.15 41.37 16.22
C ALA D 74 4.03 40.14 16.40
N LEU D 75 5.34 40.35 16.60
CA LEU D 75 6.29 39.24 16.76
C LEU D 75 5.97 38.40 18.00
N LEU D 76 5.52 39.02 19.09
CA LEU D 76 5.11 38.22 20.25
C LEU D 76 3.91 37.34 19.92
N ARG D 77 2.98 37.83 19.09
CA ARG D 77 1.82 37.01 18.81
C ARG D 77 2.17 35.85 17.89
N LEU D 78 3.15 36.04 17.01
CA LEU D 78 3.74 34.91 16.29
C LEU D 78 4.42 33.93 17.24
N ILE D 79 5.22 34.46 18.17
CA ILE D 79 5.97 33.58 19.07
C ILE D 79 5.03 32.76 19.94
N ARG D 80 3.91 33.37 20.33
CA ARG D 80 2.94 32.66 21.15
C ARG D 80 2.38 31.44 20.42
N HIS D 81 2.12 31.55 19.11
CA HIS D 81 1.74 30.34 18.39
C HIS D 81 2.89 29.33 18.31
N LEU D 82 4.12 29.81 18.14
CA LEU D 82 5.26 28.89 18.00
C LEU D 82 5.51 28.11 19.30
N VAL D 83 5.24 28.72 20.44
CA VAL D 83 5.31 27.99 21.70
C VAL D 83 4.22 26.95 21.75
N ALA D 84 3.03 27.29 21.27
CA ALA D 84 1.90 26.37 21.36
C ALA D 84 2.10 25.14 20.49
N ILE D 85 2.83 25.26 19.38
CA ILE D 85 3.13 24.09 18.54
C ILE D 85 4.51 23.50 18.83
N GLY D 86 5.19 23.96 19.87
CA GLY D 86 6.34 23.24 20.39
C GLY D 86 7.61 23.45 19.61
N LEU D 87 7.78 24.61 18.99
CA LEU D 87 9.05 24.94 18.35
C LEU D 87 9.91 25.88 19.18
N LEU D 88 9.28 26.80 19.91
CA LEU D 88 9.93 27.71 20.82
C LEU D 88 9.48 27.43 22.24
N GLU D 89 10.37 27.62 23.19
CA GLU D 89 10.09 27.42 24.60
C GLU D 89 10.40 28.72 25.36
N GLU D 90 9.53 29.08 26.29
CA GLU D 90 9.78 30.26 27.12
C GLU D 90 10.47 29.80 28.40
N ASP D 91 11.78 29.60 28.29
CA ASP D 91 12.60 29.22 29.42
C ASP D 91 12.64 30.28 30.52
N ALA D 92 13.13 31.45 30.19
CA ALA D 92 13.04 32.53 31.16
C ALA D 92 11.92 33.46 30.70
N PRO D 93 11.13 34.03 31.63
CA PRO D 93 10.08 34.99 31.25
C PRO D 93 10.57 36.11 30.33
N GLY D 94 9.98 36.16 29.14
CA GLY D 94 10.43 37.03 28.08
C GLY D 94 11.53 36.46 27.20
N GLU D 95 12.13 35.32 27.58
CA GLU D 95 13.24 34.72 26.84
C GLU D 95 12.78 33.43 26.20
N PHE D 96 12.99 33.31 24.89
CA PHE D 96 12.45 32.20 24.13
C PHE D 96 13.59 31.43 23.49
N VAL D 97 13.53 30.12 23.59
CA VAL D 97 14.58 29.23 23.11
C VAL D 97 13.96 28.19 22.20
N PRO D 98 14.64 27.78 21.12
CA PRO D 98 14.12 26.69 20.30
C PRO D 98 14.11 25.40 21.08
N THR D 99 13.18 24.54 20.71
CA THR D 99 13.07 23.22 21.25
C THR D 99 13.88 22.26 20.39
N GLU D 100 13.81 20.97 20.72
CA GLU D 100 14.36 19.92 19.87
C GLU D 100 13.85 20.05 18.45
N VAL D 101 12.52 20.18 18.28
CA VAL D 101 11.95 20.36 16.94
C VAL D 101 12.32 21.72 16.38
N GLY D 102 12.36 22.75 17.23
CA GLY D 102 12.67 24.09 16.78
C GLY D 102 14.09 24.26 16.25
N GLU D 103 15.04 23.49 16.78
CA GLU D 103 16.41 23.63 16.32
C GLU D 103 16.60 23.25 14.85
N LEU D 104 15.64 22.58 14.21
CA LEU D 104 15.82 22.29 12.79
C LEU D 104 15.62 23.53 11.92
N LEU D 105 15.16 24.64 12.47
CA LEU D 105 15.08 25.87 11.69
C LEU D 105 16.38 26.67 11.71
N ALA D 106 17.43 26.18 12.39
CA ALA D 106 18.73 26.84 12.30
C ALA D 106 19.31 26.61 10.91
N ASP D 107 19.83 27.67 10.30
CA ASP D 107 20.23 27.61 8.89
C ASP D 107 21.20 26.49 8.62
N ASP D 108 22.00 26.11 9.61
CA ASP D 108 23.08 25.16 9.38
C ASP D 108 22.70 23.75 9.75
N HIS D 109 21.45 23.50 10.09
CA HIS D 109 21.04 22.12 10.33
C HIS D 109 21.16 21.30 9.04
N PRO D 110 21.67 20.07 9.12
CA PRO D 110 21.86 19.26 7.91
C PRO D 110 20.61 19.06 7.08
N ALA D 111 19.43 18.99 7.70
CA ALA D 111 18.21 18.77 6.91
C ALA D 111 17.76 20.01 6.14
N ALA D 112 18.41 21.16 6.35
CA ALA D 112 18.14 22.40 5.61
C ALA D 112 16.69 22.86 5.72
N GLN D 113 15.99 22.50 6.81
CA GLN D 113 14.55 22.74 6.84
C GLN D 113 14.22 24.23 6.86
N ARG D 114 15.10 25.08 7.38
CA ARG D 114 14.82 26.51 7.35
C ARG D 114 14.65 26.98 5.92
N ALA D 115 15.53 26.52 5.03
CA ALA D 115 15.47 26.97 3.66
C ALA D 115 14.29 26.34 2.90
N TRP D 116 13.91 25.12 3.26
CA TRP D 116 12.70 24.53 2.68
C TRP D 116 11.47 25.34 2.99
N HIS D 117 11.46 26.02 4.15
CA HIS D 117 10.28 26.75 4.60
C HIS D 117 10.40 28.24 4.36
N ASP D 118 11.41 28.69 3.62
CA ASP D 118 11.66 30.11 3.44
C ASP D 118 10.88 30.63 2.22
N LEU D 119 9.94 31.54 2.47
CA LEU D 119 9.08 32.07 1.41
C LEU D 119 9.83 32.92 0.38
N THR D 120 11.06 33.37 0.67
CA THR D 120 11.86 34.02 -0.37
C THR D 120 12.55 33.00 -1.28
N GLN D 121 12.63 31.74 -0.86
CA GLN D 121 13.26 30.71 -1.68
C GLN D 121 12.21 29.90 -2.45
N ALA D 122 12.70 29.02 -3.33
CA ALA D 122 11.91 28.58 -4.47
C ALA D 122 10.76 27.65 -4.06
N VAL D 123 10.98 26.77 -3.09
CA VAL D 123 9.97 25.74 -2.82
C VAL D 123 8.81 26.31 -2.03
N ALA D 124 9.10 26.99 -0.93
CA ALA D 124 8.04 27.61 -0.14
C ALA D 124 7.32 28.67 -0.96
N ARG D 125 8.06 29.47 -1.72
CA ARG D 125 7.40 30.37 -2.67
C ARG D 125 6.43 29.62 -3.55
N ALA D 126 6.85 28.44 -4.05
CA ALA D 126 5.99 27.67 -4.93
C ALA D 126 4.77 27.12 -4.19
N ASP D 127 4.93 26.76 -2.91
CA ASP D 127 3.88 26.13 -2.15
C ASP D 127 2.61 27.01 -2.05
N ILE D 128 2.72 28.31 -2.28
CA ILE D 128 1.53 29.15 -2.37
C ILE D 128 0.56 28.67 -3.46
N SER D 129 1.08 27.96 -4.47
CA SER D 129 0.20 27.37 -5.48
C SER D 129 -0.88 26.47 -4.88
N PHE D 130 -0.64 25.93 -3.68
CA PHE D 130 -1.67 25.19 -2.97
C PHE D 130 -2.91 26.03 -2.64
N THR D 131 -2.79 27.36 -2.53
CA THR D 131 -4.00 28.14 -2.29
C THR D 131 -5.00 28.05 -3.42
N ARG D 132 -4.62 27.54 -4.58
CA ARG D 132 -5.58 27.35 -5.65
C ARG D 132 -5.78 25.88 -5.98
N LEU D 133 -5.65 25.02 -4.98
CA LEU D 133 -5.84 23.59 -5.19
C LEU D 133 -7.16 23.23 -5.86
N PRO D 134 -8.31 23.85 -5.55
CA PRO D 134 -9.53 23.48 -6.30
C PRO D 134 -9.35 23.60 -7.80
N ASP D 135 -8.67 24.64 -8.26
CA ASP D 135 -8.40 24.82 -9.69
C ASP D 135 -7.55 23.67 -10.23
N ALA D 136 -6.56 23.22 -9.46
CA ALA D 136 -5.74 22.11 -9.90
C ALA D 136 -6.55 20.81 -9.95
N ILE D 137 -7.43 20.59 -8.97
CA ILE D 137 -8.20 19.36 -8.96
C ILE D 137 -9.25 19.40 -10.06
N ARG D 138 -9.76 20.59 -10.36
CA ARG D 138 -10.80 20.76 -11.42
C ARG D 138 -10.18 20.53 -12.80
N THR D 139 -8.91 20.88 -13.02
CA THR D 139 -8.35 20.85 -14.35
C THR D 139 -7.21 19.85 -14.53
N GLY D 140 -6.63 19.34 -13.46
CA GLY D 140 -5.40 18.57 -13.58
C GLY D 140 -4.14 19.35 -13.94
N ARG D 141 -4.22 20.77 -14.13
CA ARG D 141 -3.17 21.69 -14.55
C ARG D 141 -2.57 22.47 -13.38
N PRO D 142 -1.30 22.86 -13.50
CA PRO D 142 -0.64 23.60 -12.42
C PRO D 142 -1.23 24.99 -12.16
N THR D 143 -1.21 25.40 -10.91
CA THR D 143 -1.65 26.73 -10.53
C THR D 143 -0.51 27.73 -10.33
N TYR D 144 0.74 27.28 -10.39
CA TYR D 144 1.88 28.19 -10.19
C TYR D 144 1.78 29.44 -11.08
N GLU D 145 1.57 29.23 -12.38
CA GLU D 145 1.61 30.34 -13.32
C GLU D 145 0.51 31.35 -13.04
N SER D 146 -0.63 30.90 -12.53
CA SER D 146 -1.71 31.83 -12.23
C SER D 146 -1.33 32.81 -11.13
N ILE D 147 -0.42 32.41 -10.24
CA ILE D 147 -0.04 33.25 -9.12
C ILE D 147 1.16 34.14 -9.45
N TYR D 148 2.14 33.61 -10.18
CA TYR D 148 3.44 34.26 -10.33
C TYR D 148 3.70 34.78 -11.74
N GLY D 149 2.85 34.48 -12.70
CA GLY D 149 2.92 35.06 -14.02
C GLY D 149 3.50 34.14 -15.08
N LYS D 150 4.36 33.21 -14.67
CA LYS D 150 5.04 32.31 -15.59
C LYS D 150 5.05 30.91 -14.99
N PRO D 151 5.13 29.88 -15.84
CA PRO D 151 5.30 28.51 -15.34
C PRO D 151 6.60 28.36 -14.58
N PHE D 152 6.67 27.29 -13.77
CA PHE D 152 7.70 27.15 -12.76
C PHE D 152 9.12 27.39 -13.30
N TYR D 153 9.58 26.56 -14.23
CA TYR D 153 10.95 26.68 -14.72
C TYR D 153 11.18 27.95 -15.54
N GLU D 154 10.13 28.49 -16.17
CA GLU D 154 10.32 29.79 -16.82
C GLU D 154 10.47 30.90 -15.78
N ASP D 155 9.70 30.84 -14.69
CA ASP D 155 9.86 31.87 -13.66
C ASP D 155 11.27 31.83 -13.07
N LEU D 156 11.77 30.63 -12.77
CA LEU D 156 13.14 30.48 -12.27
C LEU D 156 14.16 31.01 -13.28
N ALA D 157 13.89 30.83 -14.56
CA ALA D 157 14.80 31.27 -15.61
C ALA D 157 14.95 32.77 -15.64
N GLY D 158 13.95 33.50 -15.13
CA GLY D 158 14.02 34.94 -15.05
C GLY D 158 14.36 35.47 -13.67
N ARG D 159 14.70 34.62 -12.71
CA ARG D 159 14.89 35.01 -11.31
C ARG D 159 16.09 34.29 -10.73
N PRO D 160 17.31 34.81 -10.95
CA PRO D 160 18.51 34.01 -10.66
C PRO D 160 18.65 33.60 -9.21
N ASP D 161 18.05 34.34 -8.29
CA ASP D 161 18.08 34.00 -6.87
C ASP D 161 17.24 32.76 -6.60
N LEU D 162 16.10 32.65 -7.29
CA LEU D 162 15.23 31.48 -7.15
C LEU D 162 15.83 30.27 -7.85
N ARG D 163 16.36 30.48 -9.07
CA ARG D 163 17.14 29.44 -9.76
C ARG D 163 18.14 28.79 -8.82
N ALA D 164 19.03 29.62 -8.25
CA ALA D 164 20.09 29.12 -7.37
C ALA D 164 19.52 28.51 -6.10
N SER D 165 18.53 29.17 -5.52
CA SER D 165 17.86 28.64 -4.33
C SER D 165 17.25 27.26 -4.57
N PHE D 166 16.59 27.07 -5.72
CA PHE D 166 16.01 25.76 -6.02
C PHE D 166 17.09 24.70 -6.20
N ASP D 167 18.13 25.01 -6.99
CA ASP D 167 19.16 24.01 -7.24
C ASP D 167 19.87 23.64 -5.95
N SER D 168 19.99 24.59 -5.03
CA SER D 168 20.64 24.33 -3.75
C SER D 168 19.77 23.48 -2.83
N LEU D 169 18.46 23.73 -2.80
CA LEU D 169 17.54 22.87 -2.05
C LEU D 169 17.58 21.42 -2.57
N MET D 170 17.56 21.24 -3.90
CA MET D 170 17.56 19.89 -4.45
C MET D 170 18.76 19.05 -4.00
N THR D 171 19.92 19.69 -3.74
CA THR D 171 21.10 18.91 -3.31
C THR D 171 21.04 18.53 -1.84
N THR D 172 20.38 19.34 -1.01
CA THR D 172 20.23 18.98 0.40
C THR D 172 19.35 17.76 0.59
N ARG D 173 18.55 17.41 -0.42
CA ARG D 173 17.70 16.22 -0.38
C ARG D 173 18.48 14.92 -0.22
N GLU D 174 19.77 14.92 -0.56
CA GLU D 174 20.60 13.72 -0.43
C GLU D 174 21.31 13.77 0.92
N ASP D 175 20.90 12.88 1.83
CA ASP D 175 21.61 12.73 3.09
C ASP D 175 23.08 12.45 2.85
N THR D 176 23.37 11.62 1.84
CA THR D 176 24.71 11.13 1.55
C THR D 176 25.31 11.75 0.30
N ALA D 177 24.72 12.84 -0.21
CA ALA D 177 25.20 13.50 -1.43
C ALA D 177 25.21 12.52 -2.60
N PHE D 178 24.09 11.83 -2.78
CA PHE D 178 23.86 10.84 -3.83
C PHE D 178 24.73 9.60 -3.69
N ALA D 179 25.36 9.39 -2.53
CA ALA D 179 26.19 8.20 -2.34
C ALA D 179 25.35 6.93 -2.48
N ALA D 180 24.18 6.91 -1.86
CA ALA D 180 23.33 5.74 -1.87
C ALA D 180 22.80 5.41 -3.27
N PRO D 181 22.36 6.41 -4.06
CA PRO D 181 21.97 6.08 -5.44
C PRO D 181 23.12 5.61 -6.31
N ALA D 182 24.27 6.30 -6.25
CA ALA D 182 25.40 5.95 -7.11
C ALA D 182 25.85 4.51 -6.86
N ALA D 183 25.88 4.11 -5.59
CA ALA D 183 26.29 2.76 -5.22
C ALA D 183 25.26 1.70 -5.57
N ALA D 184 24.04 2.08 -5.91
CA ALA D 184 23.00 1.13 -6.24
C ALA D 184 23.17 0.50 -7.62
N TYR D 185 24.13 0.94 -8.42
CA TYR D 185 24.27 0.50 -9.80
C TYR D 185 25.70 0.05 -10.06
N ASP D 186 25.87 -0.98 -10.88
CA ASP D 186 27.20 -1.42 -11.26
C ASP D 186 27.68 -0.66 -12.46
N TRP D 187 28.77 0.09 -12.30
CA TRP D 187 29.27 0.92 -13.36
C TRP D 187 30.48 0.30 -14.02
N THR D 188 30.58 -1.01 -13.95
CA THR D 188 31.75 -1.68 -14.49
C THR D 188 31.83 -1.52 -15.99
N ASN D 189 30.70 -1.62 -16.66
CA ASN D 189 30.70 -1.54 -18.10
C ASN D 189 30.16 -0.22 -18.61
N VAL D 190 30.38 0.85 -17.85
CA VAL D 190 29.93 2.14 -18.30
C VAL D 190 31.13 2.99 -18.62
N ARG D 191 31.19 3.47 -19.84
CA ARG D 191 32.27 4.39 -20.19
C ARG D 191 31.87 5.82 -19.84
N HIS D 192 30.80 6.32 -20.45
CA HIS D 192 30.34 7.68 -20.22
C HIS D 192 28.91 7.67 -19.66
N VAL D 193 28.65 8.65 -18.79
CA VAL D 193 27.35 8.85 -18.18
C VAL D 193 26.84 10.21 -18.63
N LEU D 194 25.54 10.28 -18.95
CA LEU D 194 24.86 11.53 -19.24
C LEU D 194 23.75 11.76 -18.20
N ASP D 195 23.87 12.84 -17.42
CA ASP D 195 22.92 13.14 -16.36
C ASP D 195 22.02 14.25 -16.85
N VAL D 196 20.83 13.86 -17.34
CA VAL D 196 19.87 14.74 -17.96
C VAL D 196 19.04 15.41 -16.86
N GLY D 197 18.92 16.73 -16.93
CA GLY D 197 18.46 17.49 -15.76
C GLY D 197 19.17 17.16 -14.46
N GLY D 198 20.50 16.92 -14.52
CA GLY D 198 21.28 16.53 -13.36
C GLY D 198 21.56 17.63 -12.35
N GLY D 199 20.92 18.81 -12.52
CA GLY D 199 20.98 19.83 -11.49
C GLY D 199 22.39 20.39 -11.34
N ASN D 200 22.81 20.54 -10.08
CA ASN D 200 24.15 21.00 -9.74
C ASN D 200 25.21 19.93 -9.93
N GLY D 201 24.84 18.75 -10.45
CA GLY D 201 25.83 17.73 -10.76
C GLY D 201 26.22 16.86 -9.60
N GLY D 202 25.44 16.86 -8.53
CA GLY D 202 25.77 16.02 -7.38
C GLY D 202 25.71 14.54 -7.67
N PHE D 203 24.82 14.12 -8.57
CA PHE D 203 24.74 12.70 -8.91
C PHE D 203 25.95 12.30 -9.78
N ALA D 204 26.29 13.12 -10.75
CA ALA D 204 27.43 12.81 -11.60
C ALA D 204 28.71 12.75 -10.78
N ALA D 205 28.88 13.67 -9.83
CA ALA D 205 30.06 13.68 -8.96
C ALA D 205 30.14 12.41 -8.11
N ALA D 206 29.01 12.01 -7.49
CA ALA D 206 29.02 10.82 -6.65
C ALA D 206 29.29 9.56 -7.45
N ILE D 207 28.98 9.55 -8.74
CA ILE D 207 29.35 8.41 -9.58
C ILE D 207 30.83 8.45 -9.92
N ALA D 208 31.33 9.59 -10.39
CA ALA D 208 32.75 9.80 -10.60
C ALA D 208 33.57 9.39 -9.38
N ARG D 209 33.03 9.62 -8.18
CA ARG D 209 33.73 9.20 -6.98
C ARG D 209 33.65 7.69 -6.77
N ARG D 210 32.56 7.05 -7.17
CA ARG D 210 32.49 5.60 -6.95
C ARG D 210 33.22 4.80 -8.04
N ALA D 211 33.36 5.36 -9.23
CA ALA D 211 33.83 4.60 -10.38
C ALA D 211 34.84 5.47 -11.15
N PRO D 212 36.13 5.31 -10.88
CA PRO D 212 37.12 6.28 -11.37
C PRO D 212 37.33 6.22 -12.87
N HIS D 213 36.89 5.17 -13.55
CA HIS D 213 37.02 5.14 -15.00
C HIS D 213 36.00 6.01 -15.71
N VAL D 214 34.87 6.34 -15.05
CA VAL D 214 33.73 6.96 -15.74
C VAL D 214 33.97 8.44 -15.91
N SER D 215 33.69 8.93 -17.12
CA SER D 215 33.45 10.36 -17.30
C SER D 215 31.96 10.63 -17.49
N ALA D 216 31.56 11.88 -17.34
CA ALA D 216 30.15 12.18 -17.26
C ALA D 216 29.87 13.57 -17.81
N THR D 217 28.65 13.74 -18.31
CA THR D 217 28.16 15.03 -18.77
C THR D 217 26.86 15.34 -18.06
N VAL D 218 26.68 16.61 -17.70
CA VAL D 218 25.48 17.10 -17.05
C VAL D 218 24.78 18.01 -18.04
N LEU D 219 23.58 17.62 -18.46
CA LEU D 219 22.73 18.46 -19.31
C LEU D 219 21.81 19.24 -18.39
N GLU D 220 21.82 20.58 -18.49
CA GLU D 220 21.09 21.41 -17.57
C GLU D 220 20.71 22.75 -18.20
N MET D 221 19.93 23.52 -17.46
CA MET D 221 19.42 24.81 -17.93
C MET D 221 20.35 25.96 -17.62
N ALA D 222 20.13 27.06 -18.36
CA ALA D 222 20.75 28.35 -18.08
C ALA D 222 20.71 28.66 -16.58
N GLY D 223 21.82 29.20 -16.08
CA GLY D 223 21.99 29.43 -14.66
C GLY D 223 22.49 28.22 -13.90
N THR D 224 21.72 27.12 -13.95
CA THR D 224 22.12 25.91 -13.24
C THR D 224 23.43 25.34 -13.76
N VAL D 225 23.75 25.52 -15.04
CA VAL D 225 25.03 25.02 -15.57
C VAL D 225 26.21 25.68 -14.86
N ASP D 226 26.11 26.96 -14.53
CA ASP D 226 27.25 27.64 -13.89
C ASP D 226 27.46 27.15 -12.46
N THR D 227 26.38 26.99 -11.68
CA THR D 227 26.55 26.43 -10.34
C THR D 227 26.91 24.94 -10.38
N ALA D 228 26.55 24.24 -11.46
CA ALA D 228 26.98 22.86 -11.61
C ALA D 228 28.48 22.79 -11.92
N ARG D 229 28.96 23.67 -12.81
CA ARG D 229 30.40 23.76 -13.08
C ARG D 229 31.19 24.11 -11.82
N SER D 230 30.75 25.15 -11.07
CA SER D 230 31.42 25.54 -9.83
C SER D 230 31.53 24.37 -8.88
N TYR D 231 30.43 23.67 -8.69
CA TYR D 231 30.40 22.55 -7.77
C TYR D 231 31.35 21.45 -8.21
N LEU D 232 31.38 21.17 -9.51
CA LEU D 232 32.17 20.06 -10.01
C LEU D 232 33.65 20.42 -9.99
N LYS D 233 33.99 21.66 -10.34
CA LYS D 233 35.33 22.18 -10.10
C LYS D 233 35.73 22.00 -8.64
N ASP D 234 34.86 22.41 -7.71
CA ASP D 234 35.20 22.41 -6.28
C ASP D 234 35.24 21.01 -5.68
N GLU D 235 34.70 20.00 -6.35
CA GLU D 235 34.95 18.62 -5.95
C GLU D 235 36.25 18.08 -6.54
N GLY D 236 36.94 18.87 -7.35
CA GLY D 236 38.13 18.40 -8.03
C GLY D 236 37.86 17.44 -9.17
N LEU D 237 36.68 17.54 -9.79
CA LEU D 237 36.29 16.66 -10.88
C LEU D 237 36.01 17.43 -12.16
N SER D 238 36.56 18.64 -12.31
CA SER D 238 36.35 19.37 -13.55
C SER D 238 36.94 18.66 -14.76
N ASP D 239 37.91 17.76 -14.56
CA ASP D 239 38.54 17.00 -15.63
C ASP D 239 37.74 15.76 -16.04
N ARG D 240 36.62 15.45 -15.36
CA ARG D 240 35.90 14.19 -15.56
C ARG D 240 34.40 14.36 -15.76
N VAL D 241 33.83 15.49 -15.35
CA VAL D 241 32.42 15.77 -15.49
C VAL D 241 32.34 17.12 -16.17
N ASP D 242 31.86 17.16 -17.40
CA ASP D 242 31.60 18.44 -18.01
C ASP D 242 30.10 18.73 -17.96
N VAL D 243 29.75 19.97 -18.31
CA VAL D 243 28.40 20.46 -18.15
C VAL D 243 27.99 21.16 -19.44
N VAL D 244 26.93 20.65 -20.07
CA VAL D 244 26.37 21.25 -21.28
C VAL D 244 25.03 21.86 -20.93
N GLU D 245 24.75 23.00 -21.55
CA GLU D 245 23.55 23.76 -21.29
C GLU D 245 22.59 23.54 -22.45
N GLY D 246 21.41 23.01 -22.15
CA GLY D 246 20.43 22.83 -23.19
C GLY D 246 19.08 22.35 -22.68
N ASP D 247 18.32 21.80 -23.60
CA ASP D 247 16.90 21.52 -23.41
C ASP D 247 16.73 20.03 -23.63
N PHE D 248 16.38 19.29 -22.57
CA PHE D 248 16.32 17.84 -22.78
C PHE D 248 15.11 17.38 -23.61
N PHE D 249 14.31 18.30 -24.15
CA PHE D 249 13.31 17.96 -25.15
C PHE D 249 13.88 17.98 -26.56
N GLU D 250 15.00 18.69 -26.75
CA GLU D 250 15.82 18.68 -27.95
C GLU D 250 16.64 17.40 -27.99
N PRO D 251 17.31 17.11 -29.10
CA PRO D 251 18.17 15.93 -29.15
C PRO D 251 19.32 16.09 -28.16
N LEU D 252 19.64 15.01 -27.47
CA LEU D 252 20.63 15.07 -26.42
C LEU D 252 22.01 15.46 -26.99
N PRO D 253 22.86 16.12 -26.20
CA PRO D 253 24.15 16.59 -26.74
C PRO D 253 25.06 15.50 -27.22
N ARG D 254 24.96 14.29 -26.68
CA ARG D 254 25.86 13.22 -27.07
C ARG D 254 25.25 11.89 -26.66
N LYS D 255 25.97 10.82 -26.92
CA LYS D 255 25.62 9.46 -26.56
C LYS D 255 26.21 9.08 -25.20
N ALA D 256 25.72 7.99 -24.62
CA ALA D 256 26.20 7.54 -23.32
C ALA D 256 25.81 6.10 -23.07
N ASP D 257 26.45 5.46 -22.09
CA ASP D 257 26.10 4.09 -21.75
C ASP D 257 25.13 4.00 -20.58
N ALA D 258 25.01 5.07 -19.81
CA ALA D 258 24.08 5.18 -18.69
C ALA D 258 23.57 6.60 -18.73
N ILE D 259 22.25 6.76 -18.84
CA ILE D 259 21.60 8.05 -18.91
C ILE D 259 20.71 8.18 -17.68
N ILE D 260 20.97 9.18 -16.85
CA ILE D 260 20.29 9.37 -15.56
C ILE D 260 19.16 10.36 -15.73
N LEU D 261 17.98 10.00 -15.21
CA LEU D 261 16.86 10.91 -14.98
C LEU D 261 16.54 10.78 -13.48
N SER D 262 17.04 11.73 -12.71
CA SER D 262 16.95 11.72 -11.26
C SER D 262 15.98 12.84 -10.87
N PHE D 263 14.78 12.44 -10.43
CA PHE D 263 13.72 13.39 -10.06
C PHE D 263 13.50 14.42 -11.17
N VAL D 264 13.46 13.93 -12.40
CA VAL D 264 13.09 14.74 -13.55
C VAL D 264 11.66 14.48 -13.96
N LEU D 265 11.32 13.19 -14.15
CA LEU D 265 10.08 12.82 -14.82
C LEU D 265 8.85 13.22 -14.00
N LEU D 266 8.87 13.00 -12.69
CA LEU D 266 7.78 13.48 -11.84
C LEU D 266 7.45 14.97 -12.04
N ASN D 267 8.37 15.77 -12.62
CA ASN D 267 8.10 17.18 -12.94
C ASN D 267 7.19 17.35 -14.13
N TRP D 268 6.81 16.26 -14.80
CA TRP D 268 6.22 16.38 -16.13
C TRP D 268 5.01 15.47 -16.29
N PRO D 269 4.06 15.87 -17.13
CA PRO D 269 2.95 14.97 -17.48
C PRO D 269 3.42 13.89 -18.43
N ASP D 270 2.57 12.87 -18.55
CA ASP D 270 2.92 11.63 -19.24
C ASP D 270 3.50 11.89 -20.62
N HIS D 271 2.91 12.81 -21.38
CA HIS D 271 3.37 13.00 -22.75
C HIS D 271 4.74 13.67 -22.78
N ASP D 272 5.00 14.60 -21.86
CA ASP D 272 6.34 15.19 -21.82
C ASP D 272 7.35 14.20 -21.27
N ALA D 273 6.94 13.39 -20.30
CA ALA D 273 7.85 12.38 -19.77
C ALA D 273 8.28 11.41 -20.86
N VAL D 274 7.34 10.98 -21.69
CA VAL D 274 7.63 10.02 -22.75
C VAL D 274 8.62 10.61 -23.74
N ARG D 275 8.43 11.87 -24.13
CA ARG D 275 9.36 12.49 -25.06
C ARG D 275 10.77 12.60 -24.43
N ILE D 276 10.85 12.95 -23.14
CA ILE D 276 12.16 12.91 -22.46
C ILE D 276 12.77 11.52 -22.55
N LEU D 277 12.00 10.49 -22.18
CA LEU D 277 12.48 9.12 -22.28
C LEU D 277 12.91 8.77 -23.71
N THR D 278 12.18 9.28 -24.70
CA THR D 278 12.53 8.95 -26.07
C THR D 278 13.86 9.60 -26.49
N ARG D 279 14.09 10.84 -26.04
CA ARG D 279 15.36 11.51 -26.33
C ARG D 279 16.51 10.75 -25.71
N CYS D 280 16.31 10.21 -24.50
CA CYS D 280 17.33 9.40 -23.86
C CYS D 280 17.58 8.09 -24.59
N ALA D 281 16.52 7.43 -25.10
CA ALA D 281 16.69 6.18 -25.84
C ALA D 281 17.42 6.38 -27.17
N GLU D 282 17.19 7.53 -27.83
CA GLU D 282 17.89 7.81 -29.09
C GLU D 282 19.37 8.07 -28.86
N ALA D 283 19.76 8.37 -27.63
CA ALA D 283 21.12 8.72 -27.29
C ALA D 283 21.81 7.61 -26.54
N LEU D 284 21.22 6.42 -26.46
CA LEU D 284 21.87 5.32 -25.78
C LEU D 284 22.89 4.66 -26.70
N GLU D 285 24.06 4.35 -26.16
CA GLU D 285 24.97 3.45 -26.84
C GLU D 285 24.33 2.07 -26.92
N PRO D 286 24.81 1.21 -27.82
CA PRO D 286 24.42 -0.21 -27.73
C PRO D 286 24.85 -0.76 -26.38
N GLY D 287 23.96 -1.49 -25.74
CA GLY D 287 24.19 -1.97 -24.40
C GLY D 287 23.76 -1.01 -23.31
N GLY D 288 23.44 0.25 -23.64
CA GLY D 288 23.19 1.25 -22.64
C GLY D 288 21.85 1.10 -21.91
N ARG D 289 21.77 1.70 -20.72
CA ARG D 289 20.56 1.71 -19.92
C ARG D 289 20.21 3.13 -19.51
N ILE D 290 18.92 3.39 -19.44
CA ILE D 290 18.39 4.59 -18.82
C ILE D 290 18.10 4.29 -17.36
N LEU D 291 18.59 5.14 -16.46
CA LEU D 291 18.38 5.00 -15.03
C LEU D 291 17.41 6.07 -14.54
N ILE D 292 16.29 5.66 -13.97
CA ILE D 292 15.32 6.60 -13.43
C ILE D 292 15.41 6.53 -11.93
N HIS D 293 15.80 7.63 -11.33
CA HIS D 293 15.91 7.73 -9.89
C HIS D 293 14.70 8.52 -9.41
N GLU D 294 13.82 7.86 -8.66
CA GLU D 294 12.54 8.44 -8.26
C GLU D 294 11.91 7.56 -7.18
N ARG D 295 10.66 7.86 -6.82
CA ARG D 295 9.86 6.97 -5.97
C ARG D 295 8.76 6.34 -6.81
N ALA D 296 8.49 5.06 -6.56
CA ALA D 296 7.55 4.27 -7.35
C ALA D 296 6.20 4.05 -6.65
N ASP D 297 5.84 4.91 -5.70
CA ASP D 297 4.48 4.93 -5.09
C ASP D 297 3.91 3.56 -4.67
N GLY D 302 3.37 3.60 4.46
CA GLY D 302 2.13 3.57 5.21
C GLY D 302 1.89 4.86 5.96
N ALA D 303 2.67 5.10 7.02
CA ALA D 303 2.65 6.41 7.62
C ALA D 303 3.44 7.44 6.80
N ASP D 304 4.22 7.00 5.81
CA ASP D 304 4.86 7.91 4.88
C ASP D 304 3.95 8.26 3.71
N ARG D 305 2.67 7.89 3.76
CA ARG D 305 1.75 8.36 2.74
C ARG D 305 1.57 9.87 2.83
N PHE D 306 1.70 10.44 4.03
CA PHE D 306 1.69 11.89 4.21
C PHE D 306 2.76 12.55 3.35
N PHE D 307 3.97 12.01 3.36
CA PHE D 307 5.05 12.67 2.62
C PHE D 307 5.04 12.30 1.14
N SER D 308 4.50 11.13 0.80
CA SER D 308 4.33 10.82 -0.61
C SER D 308 3.26 11.71 -1.24
N THR D 309 2.14 11.92 -0.55
CA THR D 309 1.12 12.79 -1.09
C THR D 309 1.57 14.25 -1.15
N LEU D 310 2.42 14.69 -0.22
CA LEU D 310 2.98 16.04 -0.31
C LEU D 310 3.76 16.22 -1.61
N LEU D 311 4.61 15.25 -1.96
CA LEU D 311 5.41 15.42 -3.18
C LEU D 311 4.54 15.29 -4.41
N ASP D 312 3.60 14.33 -4.40
CA ASP D 312 2.72 14.16 -5.55
C ASP D 312 1.87 15.38 -5.81
N LEU D 313 1.30 15.96 -4.76
CA LEU D 313 0.44 17.13 -4.93
C LEU D 313 1.24 18.40 -5.21
N ARG D 314 2.45 18.52 -4.66
CA ARG D 314 3.36 19.57 -5.10
C ARG D 314 3.54 19.52 -6.62
N MET D 315 3.79 18.31 -7.14
CA MET D 315 4.05 18.16 -8.57
C MET D 315 2.85 18.65 -9.38
N LEU D 316 1.63 18.32 -8.92
CA LEU D 316 0.40 18.79 -9.55
C LEU D 316 0.31 20.31 -9.59
N VAL D 317 0.39 20.96 -8.42
CA VAL D 317 0.13 22.40 -8.39
C VAL D 317 1.33 23.22 -8.90
N PHE D 318 2.57 22.71 -8.77
CA PHE D 318 3.74 23.43 -9.34
C PHE D 318 3.81 23.29 -10.85
N LEU D 319 3.66 22.06 -11.35
CA LEU D 319 4.15 21.65 -12.68
C LEU D 319 3.19 20.80 -13.48
N GLY D 320 2.15 20.21 -12.87
CA GLY D 320 1.35 19.24 -13.58
C GLY D 320 2.01 17.89 -13.74
N GLY D 321 3.08 17.62 -12.99
CA GLY D 321 3.68 16.29 -12.93
C GLY D 321 2.94 15.44 -11.93
N ALA D 322 3.57 14.33 -11.54
CA ALA D 322 2.95 13.37 -10.66
C ALA D 322 3.96 12.30 -10.29
N LEU D 323 3.72 11.66 -9.14
CA LEU D 323 4.37 10.38 -8.87
C LEU D 323 3.64 9.26 -9.59
N ARG D 324 4.39 8.27 -10.02
CA ARG D 324 3.83 7.23 -10.85
C ARG D 324 3.96 5.87 -10.15
N THR D 325 2.92 5.05 -10.27
CA THR D 325 3.00 3.70 -9.73
C THR D 325 3.86 2.84 -10.65
N ARG D 326 4.28 1.68 -10.13
CA ARG D 326 5.10 0.77 -10.93
C ARG D 326 4.43 0.37 -12.24
N GLU D 327 3.09 0.36 -12.29
CA GLU D 327 2.33 0.01 -13.50
C GLU D 327 2.33 1.14 -14.53
N LYS D 328 2.17 2.39 -14.08
CA LYS D 328 2.30 3.52 -15.00
C LYS D 328 3.67 3.58 -15.67
N TRP D 329 4.72 3.15 -14.95
CA TRP D 329 6.06 3.21 -15.51
C TRP D 329 6.22 2.23 -16.68
N ASP D 330 5.57 1.06 -16.59
CA ASP D 330 5.59 0.14 -17.72
C ASP D 330 4.90 0.73 -18.95
N GLY D 331 3.77 1.43 -18.73
CA GLY D 331 3.11 2.12 -19.83
C GLY D 331 3.98 3.20 -20.45
N LEU D 332 4.61 4.02 -19.60
CA LEU D 332 5.45 5.11 -20.11
C LEU D 332 6.70 4.55 -20.79
N ALA D 333 7.31 3.53 -20.20
CA ALA D 333 8.41 2.85 -20.85
C ALA D 333 8.00 2.36 -22.25
N ALA D 334 6.82 1.72 -22.37
CA ALA D 334 6.44 1.13 -23.64
C ALA D 334 6.19 2.21 -24.70
N SER D 335 5.60 3.33 -24.32
CA SER D 335 5.38 4.39 -25.29
C SER D 335 6.70 4.97 -25.80
N ALA D 336 7.79 4.74 -25.08
CA ALA D 336 9.10 5.25 -25.44
C ALA D 336 9.97 4.19 -26.08
N GLY D 337 9.44 2.99 -26.27
CA GLY D 337 10.24 1.93 -26.83
C GLY D 337 11.22 1.35 -25.85
N LEU D 338 10.86 1.30 -24.58
CA LEU D 338 11.76 0.82 -23.54
C LEU D 338 11.04 -0.26 -22.76
N VAL D 339 11.77 -0.92 -21.87
CA VAL D 339 11.17 -1.82 -20.89
C VAL D 339 11.96 -1.68 -19.58
N VAL D 340 11.27 -1.93 -18.46
CA VAL D 340 11.90 -1.88 -17.13
C VAL D 340 12.59 -3.21 -16.90
N GLU D 341 13.91 -3.24 -17.05
CA GLU D 341 14.68 -4.45 -16.81
C GLU D 341 14.85 -4.72 -15.32
N GLU D 342 15.05 -3.68 -14.51
CA GLU D 342 15.29 -3.88 -13.09
C GLU D 342 14.78 -2.69 -12.30
N VAL D 343 14.41 -2.95 -11.04
CA VAL D 343 14.07 -1.93 -10.07
C VAL D 343 15.00 -2.14 -8.86
N ARG D 344 15.96 -1.24 -8.68
CA ARG D 344 16.90 -1.34 -7.56
C ARG D 344 16.25 -0.79 -6.29
N LEU D 347 16.14 3.08 -1.52
CA LEU D 347 17.28 3.92 -1.21
C LEU D 347 16.94 4.84 -0.05
N PRO D 353 13.59 11.11 4.66
CA PRO D 353 12.20 10.98 5.13
C PRO D 353 11.23 10.52 4.04
N LEU D 354 11.75 10.02 2.93
CA LEU D 354 10.94 9.34 1.92
C LEU D 354 11.86 8.51 1.02
N ASP D 355 11.49 7.24 0.84
CA ASP D 355 12.30 6.26 0.13
C ASP D 355 12.37 6.55 -1.37
N SER D 356 13.48 6.16 -1.99
CA SER D 356 13.64 6.35 -3.46
C SER D 356 14.09 5.05 -4.12
N CYS D 357 13.89 4.95 -5.43
CA CYS D 357 14.25 3.71 -6.15
C CYS D 357 14.94 4.00 -7.48
N LEU D 358 15.60 3.00 -8.04
CA LEU D 358 16.30 3.17 -9.33
C LEU D 358 15.66 2.23 -10.35
N LEU D 359 14.86 2.78 -11.24
CA LEU D 359 14.34 1.99 -12.35
C LEU D 359 15.42 1.93 -13.43
N VAL D 360 15.70 0.72 -13.91
CA VAL D 360 16.69 0.50 -14.96
C VAL D 360 15.95 0.08 -16.22
N LEU D 361 15.93 0.96 -17.23
CA LEU D 361 15.21 0.75 -18.46
C LEU D 361 16.16 0.39 -19.60
N ALA D 362 15.79 -0.62 -20.39
CA ALA D 362 16.53 -1.01 -21.58
C ALA D 362 15.63 -0.85 -22.79
N PRO D 363 16.19 -0.79 -23.99
CA PRO D 363 15.33 -0.78 -25.19
C PRO D 363 14.56 -2.10 -25.37
N ALA D 364 13.27 -1.97 -25.70
CA ALA D 364 12.33 -3.09 -25.73
C ALA D 364 12.54 -4.05 -26.91
N ALA D 365 13.62 -3.86 -27.68
N SAH E . 12.00 -15.57 11.00
CA SAH E . 12.54 -16.41 9.94
CB SAH E . 11.95 -17.82 10.03
CG SAH E . 10.43 -17.92 10.01
SD SAH E . 9.92 -19.66 9.86
C SAH E . 12.25 -15.81 8.57
O SAH E . 12.80 -16.28 7.56
OXT SAH E . 11.47 -14.87 8.43
C5' SAH E . 9.19 -19.68 11.52
C4' SAH E . 10.19 -20.12 12.61
O4' SAH E . 9.61 -20.23 13.89
C3' SAH E . 10.87 -21.47 12.36
O3' SAH E . 12.21 -21.23 12.07
C2' SAH E . 10.74 -22.23 13.69
O2' SAH E . 11.91 -22.87 14.13
C1' SAH E . 10.33 -21.14 14.65
N9 SAH E . 9.54 -21.68 15.75
C8 SAH E . 8.45 -22.49 15.61
N7 SAH E . 8.00 -22.79 16.85
C5 SAH E . 8.79 -22.21 17.78
C6 SAH E . 8.77 -22.19 19.18
N6 SAH E . 7.85 -22.82 19.90
N1 SAH E . 9.73 -21.48 19.85
C2 SAH E . 10.71 -20.81 19.14
N3 SAH E . 10.72 -20.83 17.76
C4 SAH E . 9.78 -21.52 17.08
N SAH F . -13.34 -49.74 -23.31
CA SAH F . -12.52 -50.94 -23.44
CB SAH F . -11.54 -50.97 -22.26
CG SAH F . -12.10 -50.42 -20.95
SD SAH F . -10.80 -49.98 -19.84
C SAH F . -13.36 -52.21 -23.53
O SAH F . -14.51 -52.10 -23.97
OXT SAH F . -12.89 -53.31 -23.17
C5' SAH F . -9.96 -51.52 -19.64
C4' SAH F . -10.89 -52.54 -18.99
O4' SAH F . -10.30 -53.84 -18.93
C3' SAH F . -11.23 -52.17 -17.55
O3' SAH F . -12.61 -51.87 -17.44
C2' SAH F . -10.87 -53.38 -16.73
O2' SAH F . -11.86 -53.66 -15.75
C1' SAH F . -10.75 -54.50 -17.75
N9 SAH F . -9.83 -55.55 -17.27
C8 SAH F . -8.78 -55.36 -16.46
N7 SAH F . -8.14 -56.53 -16.21
C5 SAH F . -8.79 -57.49 -16.89
C6 SAH F . -8.64 -58.95 -17.07
N6 SAH F . -7.66 -59.63 -16.46
N1 SAH F . -9.54 -59.58 -17.86
C2 SAH F . -10.53 -58.92 -18.46
N3 SAH F . -10.73 -57.59 -18.34
C4 SAH F . -9.90 -56.84 -17.58
C1 VAK G . -7.15 -45.04 -16.33
C2 VAK G . -6.95 -46.40 -16.03
C3 VAK G . -7.08 -47.40 -16.99
C4 VAK G . -7.43 -47.11 -18.30
C5 VAK G . -8.04 -45.35 -20.04
C6 VAK G . -8.63 -43.56 -21.76
C7 VAK G . -9.22 -41.74 -23.44
C8 VAK G . -9.32 -40.23 -23.62
C9 VAK G . -9.85 -39.53 -22.37
C10 VAK G . -8.88 -39.71 -21.19
C11 VAK G . -8.30 -41.54 -19.67
C12 VAK G . -7.73 -43.23 -17.95
C13 VAK G . -10.14 -38.05 -22.61
C14 VAK G . -7.56 -39.02 -21.37
C15 VAK G . -7.97 -37.49 -19.40
C16 VAK G . -7.66 -45.69 -18.65
O16 VAK G . -7.26 -37.79 -20.62
C17 VAK G . -8.26 -43.93 -20.38
O17 VAK G . -6.72 -39.47 -22.14
C18 VAK G . -8.09 -42.86 -19.35
O18 VAK G . -7.59 -42.33 -17.09
C19 VAK G . -8.66 -41.15 -20.95
O19 VAK G . -7.58 -48.07 -19.26
C20 VAK G . -8.84 -42.13 -22.06
O20 VAK G . -8.18 -46.24 -20.90
C21 VAK G . -7.50 -44.65 -17.61
O21 VAK G . -8.78 -44.52 -22.72
C22 VAK G . -10.94 -37.43 -21.48
O22 VAK G . -10.47 -42.37 -23.77
O23 VAK G . -11.09 -40.16 -22.03
N SAH H . -22.09 40.61 17.13
CA SAH H . -22.20 39.39 16.36
CB SAH H . -21.36 39.47 15.07
CG SAH H . -19.91 39.86 15.31
SD SAH H . -18.98 39.93 13.75
C SAH H . -21.78 38.17 17.17
O SAH H . -21.80 37.04 16.67
OXT SAH H . -21.43 38.26 18.35
C5' SAH H . -18.66 41.70 13.98
C4' SAH H . -19.82 42.48 13.37
O4' SAH H . -19.66 43.90 13.35
C3' SAH H . -20.04 42.08 11.92
O3' SAH H . -21.33 41.56 11.82
C2' SAH H . -19.99 43.38 11.13
O2' SAH H . -20.97 43.42 10.13
C1' SAH H . -20.26 44.44 12.19
N9 SAH H . -19.66 45.73 11.84
C8 SAH H . -18.39 45.91 11.34
N7 SAH H . -18.19 47.22 11.13
C5 SAH H . -19.28 47.92 11.49
C6 SAH H . -19.59 49.29 11.48
N6 SAH H . -18.73 50.23 11.08
N1 SAH H . -20.84 49.68 11.91
C2 SAH H . -21.74 48.74 12.34
N3 SAH H . -21.43 47.41 12.36
C4 SAH H . -20.22 46.99 11.92
C1 VAK I . -13.37 35.42 11.71
C2 VAK I . -13.71 36.73 11.36
C3 VAK I . -14.37 37.60 12.21
C4 VAK I . -14.74 37.20 13.49
C5 VAK I . -14.76 35.36 15.26
C6 VAK I . -14.81 33.59 17.03
C7 VAK I . -14.90 31.81 18.83
C8 VAK I . -14.11 30.61 19.34
C9 VAK I . -12.95 30.16 18.46
C10 VAK I . -13.44 30.00 16.99
C11 VAK I . -13.42 31.76 15.22
C12 VAK I . -13.34 33.53 13.39
C13 VAK I . -11.67 31.00 18.71
C14 VAK I . -12.41 29.34 16.11
C15 VAK I . -9.96 29.17 16.61
C16 VAK I . -14.39 35.82 13.91
O16 VAK I . -11.04 29.86 15.99
C17 VAK I . -14.42 33.99 15.66
O17 VAK I . -12.70 28.34 15.46
C18 VAK I . -13.71 33.05 14.76
O18 VAK I . -12.73 32.76 12.60
C19 VAK I . -13.78 31.35 16.51
O19 VAK I . -15.39 38.02 14.36
C20 VAK I . -14.49 32.23 17.46
O20 VAK I . -15.34 36.11 16.06
C21 VAK I . -13.69 34.92 12.98
O21 VAK I . -15.47 34.46 17.84
C22 VAK I . -11.66 32.52 18.89
O22 VAK I . -16.31 31.51 18.83
O23 VAK I . -12.61 28.83 18.88
N SAH J . 18.72 15.78 -11.20
CA SAH J . 18.76 16.74 -10.10
CB SAH J . 17.74 17.87 -10.31
CG SAH J . 16.26 17.46 -10.33
SD SAH J . 15.15 18.91 -10.35
C SAH J . 18.52 16.01 -8.79
O SAH J . 18.61 16.60 -7.71
OXT SAH J . 18.23 14.81 -8.77
C5' SAH J . 14.85 18.74 -12.14
C4' SAH J . 15.81 19.50 -13.04
O4' SAH J . 15.45 19.46 -14.39
C3' SAH J . 15.89 20.98 -12.68
O3' SAH J . 17.21 21.25 -12.33
C2' SAH J . 15.55 21.73 -13.95
O2' SAH J . 16.36 22.87 -14.17
C1' SAH J . 15.82 20.68 -15.01
N9 SAH J . 15.10 20.97 -16.24
C8 SAH J . 13.80 21.38 -16.38
N7 SAH J . 13.54 21.53 -17.70
C5 SAH J . 14.63 21.21 -18.41
C6 SAH J . 14.90 21.20 -19.79
N6 SAH J . 13.99 21.51 -20.70
N1 SAH J . 16.17 20.84 -20.18
C2 SAH J . 17.14 20.50 -19.27
N3 SAH J . 16.87 20.52 -17.92
C4 SAH J . 15.64 20.89 -17.50
C1 VAK K . 10.02 20.63 -6.24
C2 VAK K . 10.26 20.81 -7.60
C3 VAK K . 10.92 19.86 -8.39
C4 VAK K . 11.36 18.67 -7.82
C5 VAK K . 11.58 17.17 -5.74
C6 VAK K . 11.78 15.72 -3.66
C7 VAK K . 11.98 14.26 -1.58
C8 VAK K . 11.85 14.34 -0.07
C9 VAK K . 10.51 14.94 0.32
C10 VAK K . 10.52 16.43 -0.02
C11 VAK K . 10.42 17.76 -2.13
C12 VAK K . 10.17 19.25 -4.14
C13 VAK K . 9.34 14.27 -0.41
C14 VAK K . 9.19 17.02 0.42
C15 VAK K . 7.39 17.52 -1.34
C16 VAK K . 11.13 18.43 -6.38
O16 VAK K . 7.91 16.77 -0.25
C17 VAK K . 11.33 16.96 -4.30
O17 VAK K . 9.15 17.72 1.42
C18 VAK K . 10.63 17.99 -3.49
O18 VAK K . 9.58 20.12 -3.47
C19 VAK K . 10.80 16.59 -1.47
O19 VAK K . 12.02 17.73 -8.57
C20 VAK K . 11.53 15.53 -2.23
O20 VAK K . 12.18 16.30 -6.41
C21 VAK K . 10.43 19.47 -5.59
O21 VAK K . 12.44 14.77 -4.38
C22 VAK K . 8.99 12.86 -0.02
O22 VAK K . 13.34 13.98 -1.95
O23 VAK K . 10.35 14.80 1.74
#